data_2L4K
#
_entry.id   2L4K
#
loop_
_entity.id
_entity.type
_entity.pdbx_description
1 polymer 'Growth factor receptor-bound protein 7'
2 polymer 'Receptor tyrosine-protein kinase erbB-2'
#
loop_
_entity_poly.entity_id
_entity_poly.type
_entity_poly.pdbx_seq_one_letter_code
_entity_poly.pdbx_strand_id
1 'polypeptide(L)'
;GSPASGTSLSAAIHRTQLWFHGRISREESQRLIGQQGLVDGLFLVRESQRNPQGFVLSLCHLQKVKHYLILPSEEEGRLY
FSMDDGQTRFTDLLQLVEFHQLNRGILPCLLRHCCTRVAL
;
A
2 'polypeptide(L)' PQPE(PTR)VNQPD B
#
# COMPACT_ATOMS: atom_id res chain seq x y z
N GLY A 1 6.42 12.32 33.82
CA GLY A 1 7.60 11.53 33.42
C GLY A 1 7.49 10.07 33.85
N SER A 2 8.03 9.15 33.05
CA SER A 2 7.98 7.69 33.26
C SER A 2 9.35 7.03 33.03
N PRO A 3 9.67 5.90 33.70
CA PRO A 3 10.92 5.17 33.51
C PRO A 3 11.00 4.46 32.15
N ALA A 4 12.23 4.20 31.69
CA ALA A 4 12.53 3.50 30.43
C ALA A 4 13.82 2.65 30.53
N SER A 5 13.95 1.65 29.65
CA SER A 5 15.14 0.78 29.54
C SER A 5 16.12 1.28 28.48
N GLY A 6 17.42 0.99 28.66
CA GLY A 6 18.51 1.40 27.75
C GLY A 6 18.66 0.56 26.47
N THR A 7 17.91 -0.55 26.34
CA THR A 7 17.97 -1.49 25.21
C THR A 7 17.57 -0.84 23.87
N SER A 8 18.28 -1.20 22.80
CA SER A 8 18.05 -0.73 21.42
C SER A 8 17.97 -1.89 20.41
N LEU A 9 17.43 -1.62 19.21
CA LEU A 9 17.20 -2.60 18.14
C LEU A 9 17.48 -2.00 16.75
N SER A 10 18.06 -2.80 15.85
CA SER A 10 18.50 -2.40 14.50
C SER A 10 17.49 -2.74 13.38
N ALA A 11 16.27 -3.15 13.73
CA ALA A 11 15.22 -3.59 12.79
C ALA A 11 14.66 -2.47 11.90
N ALA A 12 14.02 -2.86 10.79
CA ALA A 12 13.41 -1.96 9.80
C ALA A 12 12.19 -1.19 10.33
N ILE A 13 11.64 -0.28 9.53
CA ILE A 13 10.48 0.56 9.91
C ILE A 13 9.19 -0.27 9.98
N HIS A 14 8.96 -1.18 9.02
CA HIS A 14 7.76 -2.02 8.89
C HIS A 14 7.77 -3.23 9.84
N ARG A 15 7.89 -2.96 11.15
CA ARG A 15 8.04 -3.98 12.23
C ARG A 15 6.93 -4.05 13.27
N THR A 16 5.99 -3.15 13.10
CA THR A 16 4.74 -2.98 13.86
C THR A 16 3.60 -2.58 12.92
N GLN A 17 2.37 -2.47 13.44
CA GLN A 17 1.19 -2.00 12.71
C GLN A 17 1.17 -0.49 12.36
N LEU A 18 2.29 0.24 12.56
CA LEU A 18 2.35 1.71 12.41
C LEU A 18 1.95 2.30 11.04
N TRP A 19 2.03 1.49 9.98
CA TRP A 19 1.66 1.82 8.59
C TRP A 19 0.62 0.86 8.00
N PHE A 20 -0.16 0.19 8.87
CA PHE A 20 -1.14 -0.85 8.50
C PHE A 20 -2.52 -0.57 9.11
N HIS A 21 -3.55 -0.56 8.26
CA HIS A 21 -4.97 -0.36 8.58
C HIS A 21 -5.82 -1.29 7.70
N GLY A 22 -7.04 -1.71 8.03
CA GLY A 22 -7.82 -2.49 7.08
C GLY A 22 -9.30 -2.13 7.04
N ARG A 23 -9.66 -0.86 7.27
CA ARG A 23 -11.03 -0.34 7.14
C ARG A 23 -11.02 1.11 6.64
N ILE A 24 -10.22 1.32 5.59
CA ILE A 24 -10.13 2.60 4.86
C ILE A 24 -10.04 2.30 3.36
N SER A 25 -11.12 1.68 2.86
CA SER A 25 -11.29 1.18 1.49
C SER A 25 -10.88 2.21 0.42
N ARG A 26 -10.46 1.74 -0.76
CA ARG A 26 -9.93 2.55 -1.89
C ARG A 26 -10.62 3.88 -2.19
N GLU A 27 -11.95 3.95 -2.03
CA GLU A 27 -12.74 5.17 -2.25
C GLU A 27 -12.59 6.20 -1.11
N GLU A 28 -12.42 5.75 0.13
CA GLU A 28 -12.15 6.61 1.30
C GLU A 28 -10.68 7.00 1.41
N SER A 29 -9.76 6.04 1.27
CA SER A 29 -8.32 6.34 1.43
C SER A 29 -7.81 7.31 0.37
N GLN A 30 -8.36 7.31 -0.86
CA GLN A 30 -7.97 8.32 -1.86
C GLN A 30 -8.48 9.75 -1.55
N ARG A 31 -9.45 9.90 -0.65
CA ARG A 31 -9.94 11.21 -0.17
C ARG A 31 -9.02 11.82 0.90
N LEU A 32 -8.42 10.97 1.75
CA LEU A 32 -7.51 11.39 2.84
C LEU A 32 -6.04 11.46 2.38
N ILE A 33 -5.56 10.45 1.65
CA ILE A 33 -4.17 10.39 1.12
C ILE A 33 -4.02 11.25 -0.16
N GLY A 34 -5.12 11.76 -0.73
CA GLY A 34 -5.10 12.48 -2.02
C GLY A 34 -5.06 14.00 -1.92
N GLN A 35 -5.03 14.56 -0.69
CA GLN A 35 -4.83 15.99 -0.49
C GLN A 35 -3.32 16.33 -0.58
N GLN A 36 -2.47 15.29 -0.53
CA GLN A 36 -1.02 15.34 -0.70
C GLN A 36 -0.62 15.33 -2.20
N GLY A 37 0.59 15.83 -2.52
CA GLY A 37 1.14 15.90 -3.88
C GLY A 37 2.63 15.59 -4.00
N LEU A 38 3.15 14.68 -3.15
CA LEU A 38 4.58 14.34 -3.05
C LEU A 38 5.04 13.36 -4.16
N VAL A 39 6.33 12.97 -4.13
CA VAL A 39 6.91 11.95 -5.04
C VAL A 39 6.09 10.67 -5.03
N ASP A 40 6.10 9.97 -6.17
CA ASP A 40 5.34 8.75 -6.53
C ASP A 40 5.21 7.68 -5.45
N GLY A 41 6.12 7.76 -4.50
CA GLY A 41 6.34 6.81 -3.41
C GLY A 41 5.79 7.12 -2.02
N LEU A 42 4.82 8.00 -1.79
CA LEU A 42 4.43 8.32 -0.39
C LEU A 42 3.26 7.39 -0.07
N PHE A 43 3.63 6.15 0.22
CA PHE A 43 2.70 5.04 0.41
C PHE A 43 2.33 4.60 1.84
N LEU A 44 1.33 3.72 1.87
CA LEU A 44 0.75 2.99 3.02
C LEU A 44 0.42 1.54 2.58
N VAL A 45 0.36 0.57 3.50
CA VAL A 45 -0.05 -0.83 3.22
C VAL A 45 -1.29 -1.14 4.05
N ARG A 46 -2.42 -0.67 3.53
CA ARG A 46 -3.76 -0.82 4.13
C ARG A 46 -4.65 -1.65 3.26
N GLU A 47 -5.78 -2.04 3.81
CA GLU A 47 -6.81 -2.75 3.06
C GLU A 47 -8.19 -2.29 3.50
N SER A 48 -9.16 -3.15 3.29
CA SER A 48 -10.53 -3.04 3.70
C SER A 48 -10.98 -4.37 4.31
N GLN A 49 -11.97 -4.25 5.18
CA GLN A 49 -12.67 -5.37 5.77
C GLN A 49 -14.01 -5.53 4.97
N ARG A 50 -14.14 -4.72 3.88
CA ARG A 50 -15.22 -4.63 2.87
C ARG A 50 -14.87 -5.37 1.56
N ASN A 51 -13.83 -5.06 0.77
CA ASN A 51 -13.51 -5.91 -0.39
C ASN A 51 -13.11 -7.30 0.16
N PRO A 52 -13.73 -8.41 -0.26
CA PRO A 52 -13.58 -9.73 0.39
C PRO A 52 -12.19 -10.36 0.20
N GLN A 53 -11.36 -9.75 -0.63
CA GLN A 53 -10.03 -10.19 -1.06
C GLN A 53 -8.97 -9.09 -0.88
N GLY A 54 -9.08 -8.12 0.06
CA GLY A 54 -8.10 -7.02 0.09
C GLY A 54 -6.88 -7.03 1.02
N PHE A 55 -5.75 -6.82 0.32
CA PHE A 55 -4.35 -6.62 0.71
C PHE A 55 -3.67 -5.60 -0.26
N VAL A 56 -3.89 -4.28 -0.13
CA VAL A 56 -3.43 -3.23 -1.06
C VAL A 56 -2.16 -2.49 -0.62
N LEU A 57 -1.38 -2.11 -1.64
CA LEU A 57 -0.22 -1.24 -1.53
C LEU A 57 -0.83 0.08 -2.05
N SER A 58 -0.72 1.19 -1.35
CA SER A 58 -1.43 2.42 -1.74
C SER A 58 -0.44 3.55 -1.84
N LEU A 59 -0.23 4.04 -3.06
CA LEU A 59 0.77 5.05 -3.38
C LEU A 59 0.17 6.45 -3.45
N CYS A 60 1.01 7.44 -3.18
CA CYS A 60 0.60 8.84 -3.22
C CYS A 60 1.61 9.40 -4.17
N HIS A 61 1.13 9.84 -5.32
CA HIS A 61 2.01 10.25 -6.39
C HIS A 61 1.91 11.76 -6.67
N LEU A 62 2.46 12.16 -7.81
CA LEU A 62 2.59 13.58 -8.20
C LEU A 62 1.55 14.18 -9.09
N GLN A 63 0.51 13.40 -9.31
CA GLN A 63 -0.65 13.91 -9.97
C GLN A 63 -1.96 13.28 -9.47
N LYS A 64 -1.89 12.03 -8.96
CA LYS A 64 -3.02 11.35 -8.34
C LYS A 64 -2.58 10.36 -7.25
N VAL A 65 -3.52 9.63 -6.65
CA VAL A 65 -3.27 8.56 -5.67
C VAL A 65 -4.08 7.32 -6.05
N LYS A 66 -3.47 6.14 -6.01
CA LYS A 66 -4.09 4.87 -6.46
C LYS A 66 -3.74 3.68 -5.56
N HIS A 67 -4.57 2.64 -5.60
CA HIS A 67 -4.46 1.43 -4.78
C HIS A 67 -4.09 0.22 -5.63
N TYR A 68 -3.36 -0.72 -5.05
CA TYR A 68 -2.78 -1.88 -5.74
C TYR A 68 -3.18 -3.22 -5.11
N LEU A 69 -4.47 -3.56 -5.17
CA LEU A 69 -5.03 -4.84 -4.74
C LEU A 69 -6.14 -5.34 -5.66
N ILE A 70 -6.11 -6.59 -6.13
CA ILE A 70 -7.24 -7.18 -6.88
C ILE A 70 -7.45 -8.65 -6.49
N LEU A 71 -6.37 -9.44 -6.33
CA LEU A 71 -6.49 -10.88 -6.07
C LEU A 71 -5.80 -11.32 -4.75
N PRO A 72 -6.34 -12.35 -4.05
CA PRO A 72 -5.75 -12.92 -2.85
C PRO A 72 -4.64 -13.94 -3.21
N SER A 73 -4.10 -14.64 -2.22
CA SER A 73 -3.08 -15.69 -2.43
C SER A 73 -3.55 -16.81 -3.37
N GLU A 74 -2.73 -17.15 -4.37
CA GLU A 74 -3.05 -18.16 -5.40
C GLU A 74 -2.17 -19.42 -5.27
N GLU A 75 -2.37 -20.41 -6.14
CA GLU A 75 -1.56 -21.63 -6.22
C GLU A 75 -0.50 -21.56 -7.35
N GLU A 76 -0.61 -20.56 -8.25
CA GLU A 76 0.32 -20.22 -9.33
C GLU A 76 1.15 -18.96 -9.00
N GLY A 77 1.45 -18.78 -7.71
CA GLY A 77 2.13 -17.65 -7.09
C GLY A 77 1.73 -17.53 -5.61
N ARG A 78 1.73 -16.31 -5.06
CA ARG A 78 1.26 -16.00 -3.68
C ARG A 78 0.26 -14.85 -3.79
N LEU A 79 0.36 -13.76 -3.01
CA LEU A 79 -0.52 -12.58 -3.17
C LEU A 79 -0.35 -12.08 -4.61
N TYR A 80 -1.43 -11.97 -5.38
CA TYR A 80 -1.32 -11.62 -6.80
C TYR A 80 -1.26 -10.09 -7.08
N PHE A 81 -0.38 -9.71 -8.03
CA PHE A 81 -0.17 -8.36 -8.56
C PHE A 81 0.20 -8.37 -10.05
N SER A 82 -0.39 -7.45 -10.84
CA SER A 82 -0.31 -7.37 -12.31
C SER A 82 -0.19 -5.99 -13.00
N MET A 83 -0.13 -4.83 -12.30
CA MET A 83 0.13 -3.49 -12.91
C MET A 83 1.01 -3.54 -14.17
N ASP A 84 0.75 -2.67 -15.17
CA ASP A 84 1.46 -2.69 -16.47
C ASP A 84 3.00 -2.68 -16.39
N ASP A 85 3.59 -2.04 -15.38
CA ASP A 85 5.03 -2.04 -15.11
C ASP A 85 5.41 -2.79 -13.80
N GLY A 86 4.44 -3.43 -13.13
CA GLY A 86 4.61 -4.14 -11.85
C GLY A 86 3.78 -5.42 -11.76
N GLN A 87 4.32 -6.55 -12.21
CA GLN A 87 3.67 -7.86 -12.21
C GLN A 87 4.12 -8.65 -10.97
N THR A 88 3.99 -8.02 -9.81
CA THR A 88 4.50 -8.53 -8.53
C THR A 88 3.80 -9.61 -7.74
N ARG A 89 2.93 -10.37 -8.41
CA ARG A 89 2.19 -11.60 -7.97
C ARG A 89 2.89 -12.70 -7.09
N PHE A 90 3.63 -12.31 -6.07
CA PHE A 90 4.29 -13.09 -5.03
C PHE A 90 4.14 -12.33 -3.69
N THR A 91 4.57 -12.90 -2.55
CA THR A 91 4.42 -12.25 -1.23
C THR A 91 5.22 -10.94 -1.21
N ASP A 92 4.54 -9.80 -1.05
CA ASP A 92 5.15 -8.48 -1.13
C ASP A 92 6.13 -8.22 0.02
N LEU A 93 5.87 -8.79 1.21
CA LEU A 93 6.75 -8.68 2.38
C LEU A 93 8.14 -9.31 2.15
N LEU A 94 8.22 -10.40 1.38
CA LEU A 94 9.49 -11.04 1.01
C LEU A 94 10.25 -10.21 -0.04
N GLN A 95 9.54 -9.60 -0.99
CA GLN A 95 10.12 -8.69 -1.99
C GLN A 95 10.53 -7.33 -1.40
N LEU A 96 9.86 -6.85 -0.34
CA LEU A 96 10.16 -5.59 0.35
C LEU A 96 11.61 -5.54 0.87
N VAL A 97 12.17 -6.68 1.29
CA VAL A 97 13.58 -6.80 1.71
C VAL A 97 14.55 -6.35 0.61
N GLU A 98 14.26 -6.68 -0.66
CA GLU A 98 15.01 -6.23 -1.83
C GLU A 98 14.63 -4.80 -2.26
N PHE A 99 13.33 -4.50 -2.35
CA PHE A 99 12.85 -3.17 -2.76
C PHE A 99 13.20 -2.03 -1.77
N HIS A 100 13.53 -2.33 -0.51
CA HIS A 100 13.80 -1.38 0.58
C HIS A 100 14.60 -0.12 0.18
N GLN A 101 15.73 -0.30 -0.52
CA GLN A 101 16.61 0.79 -0.95
C GLN A 101 16.14 1.50 -2.23
N LEU A 102 15.78 0.73 -3.27
CA LEU A 102 15.25 1.23 -4.55
C LEU A 102 13.97 0.44 -4.91
N ASN A 103 12.82 0.97 -4.51
CA ASN A 103 11.49 0.37 -4.72
C ASN A 103 11.03 0.40 -6.21
N ARG A 104 9.87 -0.18 -6.52
CA ARG A 104 9.31 -0.23 -7.89
C ARG A 104 8.39 0.95 -8.27
N GLY A 105 8.09 1.85 -7.32
CA GLY A 105 7.14 2.97 -7.49
C GLY A 105 5.74 2.58 -8.02
N ILE A 106 4.99 3.60 -8.44
CA ILE A 106 3.68 3.47 -9.11
C ILE A 106 3.95 3.42 -10.64
N LEU A 107 2.94 3.42 -11.54
CA LEU A 107 3.22 3.52 -12.99
C LEU A 107 3.98 4.86 -13.26
N PRO A 108 5.28 4.86 -13.63
CA PRO A 108 6.23 5.72 -12.89
C PRO A 108 6.69 7.03 -13.54
N CYS A 109 7.13 7.92 -12.65
CA CYS A 109 7.77 9.22 -12.83
C CYS A 109 9.04 9.21 -11.92
N LEU A 110 8.88 8.71 -10.68
CA LEU A 110 9.88 8.45 -9.64
C LEU A 110 9.63 7.01 -9.11
N LEU A 111 10.63 6.36 -8.49
CA LEU A 111 10.48 4.94 -8.06
C LEU A 111 10.67 4.62 -6.56
N ARG A 112 11.36 5.43 -5.76
CA ARG A 112 11.61 5.11 -4.33
C ARG A 112 10.41 5.45 -3.44
N HIS A 113 10.12 4.62 -2.43
CA HIS A 113 9.01 4.82 -1.50
C HIS A 113 9.45 5.46 -0.17
N CYS A 114 8.50 6.16 0.45
CA CYS A 114 8.57 6.81 1.75
C CYS A 114 7.21 6.62 2.47
N CYS A 115 7.11 6.95 3.76
CA CYS A 115 5.88 6.68 4.54
C CYS A 115 4.96 7.90 4.66
N THR A 116 3.65 7.72 4.42
CA THR A 116 2.64 8.79 4.42
C THR A 116 1.63 8.71 5.58
N ARG A 117 0.93 9.83 5.85
CA ARG A 117 -0.09 9.97 6.89
C ARG A 117 -1.36 9.16 6.58
N VAL A 118 -2.02 8.63 7.61
CA VAL A 118 -3.30 7.90 7.49
C VAL A 118 -4.51 8.87 7.54
N ALA A 119 -4.43 9.90 8.38
CA ALA A 119 -5.47 10.92 8.55
C ALA A 119 -5.44 12.00 7.45
N LEU A 120 -6.53 12.79 7.37
CA LEU A 120 -6.67 13.96 6.47
C LEU A 120 -5.56 14.99 6.72
N PRO B 1 -16.48 7.31 -5.56
CA PRO B 1 -15.18 7.83 -6.05
C PRO B 1 -14.46 6.90 -7.04
N GLN B 2 -13.52 7.45 -7.81
CA GLN B 2 -12.72 6.74 -8.83
C GLN B 2 -11.33 7.37 -9.02
N PRO B 3 -10.31 6.63 -9.52
CA PRO B 3 -10.31 5.20 -9.84
C PRO B 3 -10.25 4.31 -8.58
N GLU B 4 -10.62 3.03 -8.71
CA GLU B 4 -10.55 2.05 -7.62
C GLU B 4 -9.14 1.44 -7.43
N PTR B 5 -8.87 0.30 -8.07
CA PTR B 5 -7.63 -0.47 -7.91
C PTR B 5 -6.60 -0.41 -9.08
O PTR B 5 -6.64 0.46 -9.95
CB PTR B 5 -8.02 -1.83 -7.26
CG PTR B 5 -8.60 -1.80 -5.83
CD1 PTR B 5 -7.75 -1.75 -4.69
CD2 PTR B 5 -10.00 -2.00 -5.59
CE1 PTR B 5 -8.27 -1.95 -3.39
CE2 PTR B 5 -10.49 -2.28 -4.30
CZ PTR B 5 -9.63 -2.25 -3.18
OH PTR B 5 -10.17 -2.64 -2.05
P PTR B 5 -9.94 -1.95 -0.65
O1P PTR B 5 -11.31 -1.63 -0.28
O2P PTR B 5 -9.32 -2.98 0.20
O3P PTR B 5 -9.14 -0.76 -0.83
H PTR B 5 -9.60 -0.10 -8.63
HA PTR B 5 -7.05 -0.02 -7.17
HB2 PTR B 5 -8.73 -2.34 -7.91
HB3 PTR B 5 -7.13 -2.44 -7.22
HD1 PTR B 5 -6.67 -1.64 -4.78
HD2 PTR B 5 -10.70 -1.98 -6.42
HE1 PTR B 5 -7.62 -1.98 -2.55
HE2 PTR B 5 -11.52 -2.55 -4.06
N VAL B 6 -5.61 -1.30 -9.04
CA VAL B 6 -4.53 -1.60 -10.02
C VAL B 6 -4.39 -3.09 -9.88
N ASN B 7 -4.19 -3.55 -11.08
CA ASN B 7 -4.15 -4.81 -11.78
C ASN B 7 -5.27 -4.36 -12.81
N GLN B 8 -6.19 -3.43 -12.39
CA GLN B 8 -7.17 -2.67 -13.12
C GLN B 8 -7.18 -1.14 -12.84
N PRO B 9 -8.32 -0.42 -12.67
CA PRO B 9 -9.17 -0.44 -11.46
C PRO B 9 -10.29 -1.48 -11.53
N ASP B 10 -10.24 -2.36 -10.52
CA ASP B 10 -11.07 -3.56 -10.36
C ASP B 10 -12.42 -3.62 -11.12
N GLY A 1 22.72 15.79 33.61
CA GLY A 1 21.88 16.98 33.81
C GLY A 1 20.47 16.61 34.26
N SER A 2 19.50 17.50 34.00
CA SER A 2 18.09 17.33 34.39
C SER A 2 17.38 16.19 33.60
N PRO A 3 16.37 15.52 34.21
CA PRO A 3 15.59 14.48 33.53
C PRO A 3 14.69 15.04 32.41
N ALA A 4 14.33 14.17 31.45
CA ALA A 4 13.50 14.51 30.28
C ALA A 4 12.59 13.33 29.86
N SER A 5 11.58 13.63 29.04
CA SER A 5 10.61 12.67 28.47
C SER A 5 10.28 12.98 27.00
N GLY A 6 9.71 12.00 26.28
CA GLY A 6 9.43 12.10 24.85
C GLY A 6 10.69 12.09 23.98
N THR A 7 10.66 12.79 22.84
CA THR A 7 11.79 12.95 21.91
C THR A 7 11.80 14.33 21.24
N SER A 8 12.99 14.81 20.86
CA SER A 8 13.22 16.06 20.11
C SER A 8 13.23 15.85 18.58
N LEU A 9 13.08 14.60 18.12
CA LEU A 9 13.06 14.22 16.70
C LEU A 9 11.86 14.86 15.96
N SER A 10 12.13 15.54 14.86
CA SER A 10 11.12 16.28 14.05
C SER A 10 10.48 15.47 12.92
N ALA A 11 10.99 14.27 12.65
CA ALA A 11 10.52 13.35 11.61
C ALA A 11 9.62 12.23 12.18
N ALA A 12 8.62 11.80 11.42
CA ALA A 12 7.63 10.78 11.79
C ALA A 12 8.15 9.34 11.56
N ILE A 13 9.32 9.01 12.12
CA ILE A 13 9.98 7.71 11.96
C ILE A 13 9.25 6.62 12.77
N HIS A 14 8.94 5.50 12.13
CA HIS A 14 8.23 4.34 12.72
C HIS A 14 9.18 3.21 13.14
N ARG A 15 8.71 2.35 14.06
CA ARG A 15 9.48 1.20 14.61
C ARG A 15 8.74 -0.13 14.74
N THR A 16 7.51 -0.11 14.29
CA THR A 16 6.51 -1.19 14.26
C THR A 16 5.67 -1.12 12.98
N GLN A 17 4.73 -2.05 12.81
CA GLN A 17 3.75 -2.10 11.70
C GLN A 17 2.65 -1.02 11.80
N LEU A 18 2.85 0.06 12.58
CA LEU A 18 1.86 1.10 12.89
C LEU A 18 1.24 1.91 11.72
N TRP A 19 1.61 1.62 10.47
CA TRP A 19 1.03 2.22 9.25
C TRP A 19 -0.04 1.31 8.62
N PHE A 20 -0.19 0.07 9.10
CA PHE A 20 -1.11 -0.93 8.58
C PHE A 20 -2.56 -0.65 9.00
N HIS A 21 -3.48 -0.62 8.03
CA HIS A 21 -4.92 -0.35 8.20
C HIS A 21 -5.75 -1.25 7.27
N GLY A 22 -6.97 -1.70 7.59
CA GLY A 22 -7.77 -2.44 6.62
C GLY A 22 -9.21 -2.06 6.71
N ARG A 23 -9.49 -0.78 6.91
CA ARG A 23 -10.84 -0.20 6.92
C ARG A 23 -10.82 1.20 6.30
N ILE A 24 -10.16 1.31 5.15
CA ILE A 24 -10.09 2.52 4.33
C ILE A 24 -9.94 2.13 2.85
N SER A 25 -11.06 1.78 2.20
CA SER A 25 -11.12 1.26 0.81
C SER A 25 -10.61 2.25 -0.24
N ARG A 26 -10.33 1.76 -1.45
CA ARG A 26 -9.74 2.52 -2.58
C ARG A 26 -10.41 3.84 -2.98
N GLU A 27 -11.71 3.96 -2.73
CA GLU A 27 -12.49 5.20 -2.99
C GLU A 27 -12.32 6.24 -1.87
N GLU A 28 -12.38 5.81 -0.62
CA GLU A 28 -12.27 6.67 0.58
C GLU A 28 -10.83 7.03 0.97
N SER A 29 -9.87 6.14 0.72
CA SER A 29 -8.43 6.39 0.97
C SER A 29 -7.86 7.47 0.06
N GLN A 30 -8.32 7.55 -1.19
CA GLN A 30 -7.88 8.60 -2.12
C GLN A 30 -8.41 10.01 -1.76
N ARG A 31 -9.40 10.13 -0.87
CA ARG A 31 -9.89 11.42 -0.36
C ARG A 31 -8.94 12.00 0.70
N LEU A 32 -8.24 11.13 1.45
CA LEU A 32 -7.26 11.51 2.48
C LEU A 32 -5.83 11.59 1.92
N ILE A 33 -5.28 10.48 1.42
CA ILE A 33 -3.88 10.36 0.93
C ILE A 33 -3.65 11.14 -0.38
N GLY A 34 -4.72 11.61 -1.04
CA GLY A 34 -4.66 12.29 -2.35
C GLY A 34 -4.65 13.82 -2.30
N GLN A 35 -4.83 14.42 -1.11
CA GLN A 35 -4.72 15.88 -0.89
C GLN A 35 -3.36 16.23 -0.21
N GLN A 36 -2.40 15.31 -0.36
CA GLN A 36 -1.07 15.26 0.23
C GLN A 36 0.01 15.60 -0.81
N GLY A 37 1.06 16.33 -0.41
CA GLY A 37 2.12 16.86 -1.31
C GLY A 37 3.45 16.10 -1.39
N LEU A 38 3.48 14.81 -1.02
CA LEU A 38 4.70 13.98 -1.05
C LEU A 38 5.02 13.45 -2.47
N VAL A 39 6.21 12.84 -2.64
CA VAL A 39 6.62 12.17 -3.88
C VAL A 39 5.88 10.85 -4.07
N ASP A 40 5.83 10.38 -5.32
CA ASP A 40 5.09 9.20 -5.81
C ASP A 40 5.39 7.88 -5.11
N GLY A 41 6.38 7.95 -4.26
CA GLY A 41 6.86 6.84 -3.46
C GLY A 41 6.46 6.84 -2.00
N LEU A 42 5.68 7.80 -1.49
CA LEU A 42 5.36 7.85 -0.06
C LEU A 42 4.04 7.12 0.06
N PHE A 43 4.18 5.81 0.17
CA PHE A 43 3.09 4.86 0.13
C PHE A 43 2.58 4.31 1.48
N LEU A 44 1.50 3.53 1.44
CA LEU A 44 0.85 2.84 2.57
C LEU A 44 0.40 1.42 2.18
N VAL A 45 0.64 0.43 3.04
CA VAL A 45 0.17 -0.96 2.84
C VAL A 45 -1.08 -1.15 3.73
N ARG A 46 -2.24 -1.05 3.10
CA ARG A 46 -3.58 -1.06 3.73
C ARG A 46 -4.54 -1.84 2.86
N GLU A 47 -5.71 -2.18 3.38
CA GLU A 47 -6.76 -2.79 2.59
C GLU A 47 -8.09 -2.23 3.08
N SER A 48 -9.12 -3.03 2.97
CA SER A 48 -10.43 -2.75 3.49
C SER A 48 -11.02 -4.02 4.07
N GLN A 49 -12.07 -3.79 4.84
CA GLN A 49 -12.93 -4.79 5.44
C GLN A 49 -14.18 -4.94 4.51
N ARG A 50 -14.11 -4.28 3.32
CA ARG A 50 -15.05 -4.21 2.19
C ARG A 50 -14.62 -5.19 1.10
N ASN A 51 -13.51 -5.00 0.35
CA ASN A 51 -13.07 -6.05 -0.58
C ASN A 51 -12.67 -7.33 0.22
N PRO A 52 -13.26 -8.51 -0.05
CA PRO A 52 -13.06 -9.72 0.76
C PRO A 52 -11.70 -10.39 0.53
N GLN A 53 -11.00 -10.01 -0.54
CA GLN A 53 -9.71 -10.53 -1.01
C GLN A 53 -8.66 -9.41 -1.02
N GLY A 54 -8.70 -8.44 -0.08
CA GLY A 54 -7.80 -7.27 -0.13
C GLY A 54 -6.51 -7.24 0.70
N PHE A 55 -5.45 -7.01 -0.05
CA PHE A 55 -4.03 -6.78 0.28
C PHE A 55 -3.39 -5.75 -0.69
N VAL A 56 -3.65 -4.44 -0.53
CA VAL A 56 -3.24 -3.34 -1.42
C VAL A 56 -1.97 -2.61 -0.96
N LEU A 57 -1.27 -2.06 -1.96
CA LEU A 57 -0.13 -1.17 -1.81
C LEU A 57 -0.69 0.15 -2.38
N SER A 58 -0.48 1.32 -1.76
CA SER A 58 -1.13 2.56 -2.21
C SER A 58 -0.11 3.67 -2.23
N LEU A 59 0.06 4.29 -3.39
CA LEU A 59 1.11 5.29 -3.63
C LEU A 59 0.62 6.73 -3.47
N CYS A 60 1.51 7.69 -3.26
CA CYS A 60 1.08 9.08 -2.97
C CYS A 60 1.65 9.95 -4.07
N HIS A 61 1.10 9.75 -5.27
CA HIS A 61 1.62 10.41 -6.45
C HIS A 61 1.16 11.86 -6.66
N LEU A 62 1.53 12.41 -7.81
CA LEU A 62 1.33 13.83 -8.20
C LEU A 62 0.17 14.19 -9.07
N GLN A 63 -0.70 13.20 -9.28
CA GLN A 63 -1.97 13.48 -9.92
C GLN A 63 -3.10 12.61 -9.38
N LYS A 64 -2.78 11.40 -8.92
CA LYS A 64 -3.75 10.50 -8.27
C LYS A 64 -3.08 9.61 -7.22
N VAL A 65 -3.89 8.88 -6.45
CA VAL A 65 -3.43 7.87 -5.48
C VAL A 65 -4.25 6.59 -5.69
N LYS A 66 -3.67 5.67 -6.46
CA LYS A 66 -4.27 4.38 -6.87
C LYS A 66 -3.75 3.24 -5.99
N HIS A 67 -4.47 2.13 -5.96
CA HIS A 67 -4.22 0.98 -5.05
C HIS A 67 -3.91 -0.32 -5.78
N TYR A 68 -2.94 -1.07 -5.31
CA TYR A 68 -2.39 -2.27 -5.96
C TYR A 68 -2.97 -3.58 -5.43
N LEU A 69 -4.30 -3.78 -5.54
CA LEU A 69 -4.94 -5.01 -5.10
C LEU A 69 -6.11 -5.48 -5.98
N ILE A 70 -6.14 -6.74 -6.44
CA ILE A 70 -7.34 -7.30 -7.13
C ILE A 70 -7.61 -8.76 -6.73
N LEU A 71 -6.58 -9.55 -6.37
CA LEU A 71 -6.68 -10.99 -6.10
C LEU A 71 -6.01 -11.44 -4.77
N PRO A 72 -6.39 -12.61 -4.22
CA PRO A 72 -5.80 -13.21 -3.01
C PRO A 72 -4.57 -14.09 -3.35
N SER A 73 -4.20 -15.01 -2.45
CA SER A 73 -3.12 -15.99 -2.66
C SER A 73 -3.43 -17.00 -3.78
N GLU A 74 -2.41 -17.41 -4.57
CA GLU A 74 -2.51 -18.45 -5.61
C GLU A 74 -1.39 -19.50 -5.49
N GLU A 75 -1.33 -20.46 -6.43
CA GLU A 75 -0.31 -21.53 -6.49
C GLU A 75 0.85 -21.23 -7.47
N GLU A 76 0.67 -20.25 -8.38
CA GLU A 76 1.69 -19.75 -9.31
C GLU A 76 2.28 -18.40 -8.82
N GLY A 77 2.35 -18.25 -7.50
CA GLY A 77 2.77 -17.05 -6.77
C GLY A 77 2.32 -17.13 -5.32
N ARG A 78 2.24 -15.98 -4.65
CA ARG A 78 1.70 -15.82 -3.28
C ARG A 78 0.50 -14.89 -3.42
N LEU A 79 0.42 -13.78 -2.68
CA LEU A 79 -0.64 -12.77 -2.86
C LEU A 79 -0.52 -12.25 -4.32
N TYR A 80 -1.48 -12.56 -5.19
CA TYR A 80 -1.36 -12.22 -6.62
C TYR A 80 -1.73 -10.77 -6.93
N PHE A 81 -0.71 -10.01 -7.34
CA PHE A 81 -0.84 -8.63 -7.80
C PHE A 81 0.15 -8.09 -8.80
N SER A 82 -0.17 -6.89 -9.28
CA SER A 82 0.63 -6.15 -10.24
C SER A 82 0.46 -4.63 -10.07
N MET A 83 0.42 -3.96 -11.20
CA MET A 83 0.40 -2.53 -11.48
C MET A 83 -0.28 -2.42 -12.87
N ASP A 84 -0.21 -1.29 -13.57
CA ASP A 84 -0.74 -1.24 -14.95
C ASP A 84 0.25 -1.91 -15.93
N ASP A 85 1.55 -1.98 -15.57
CA ASP A 85 2.62 -2.68 -16.30
C ASP A 85 3.60 -3.39 -15.34
N GLY A 86 3.09 -4.30 -14.48
CA GLY A 86 3.88 -4.97 -13.42
C GLY A 86 3.57 -6.46 -13.19
N GLN A 87 4.32 -7.10 -12.27
CA GLN A 87 4.24 -8.52 -11.89
C GLN A 87 4.46 -8.77 -10.38
N THR A 88 3.77 -8.02 -9.50
CA THR A 88 3.97 -8.04 -8.03
C THR A 88 3.40 -9.13 -7.11
N ARG A 89 2.82 -10.14 -7.75
CA ARG A 89 2.27 -11.45 -7.27
C ARG A 89 2.98 -12.29 -6.18
N PHE A 90 3.91 -11.74 -5.41
CA PHE A 90 4.56 -12.39 -4.26
C PHE A 90 4.05 -11.75 -2.94
N THR A 91 4.47 -12.24 -1.77
CA THR A 91 4.04 -11.64 -0.48
C THR A 91 4.54 -10.19 -0.34
N ASP A 92 3.82 -9.34 0.38
CA ASP A 92 4.12 -7.91 0.50
C ASP A 92 5.31 -7.59 1.42
N LEU A 93 5.47 -8.33 2.53
CA LEU A 93 6.50 -8.03 3.54
C LEU A 93 7.93 -8.26 3.00
N LEU A 94 8.15 -9.41 2.34
CA LEU A 94 9.47 -9.75 1.77
C LEU A 94 9.82 -8.81 0.60
N GLN A 95 8.84 -8.38 -0.20
CA GLN A 95 9.04 -7.41 -1.26
C GLN A 95 9.40 -6.01 -0.71
N LEU A 96 8.71 -5.55 0.34
CA LEU A 96 8.98 -4.26 0.98
C LEU A 96 10.40 -4.18 1.56
N VAL A 97 10.95 -5.31 2.05
CA VAL A 97 12.34 -5.41 2.53
C VAL A 97 13.35 -5.54 1.38
N GLU A 98 13.17 -6.47 0.45
CA GLU A 98 14.15 -6.75 -0.62
C GLU A 98 14.20 -5.65 -1.69
N PHE A 99 13.08 -5.07 -2.11
CA PHE A 99 13.06 -3.94 -3.03
C PHE A 99 13.27 -2.55 -2.38
N HIS A 100 13.56 -2.46 -1.07
CA HIS A 100 13.66 -1.16 -0.34
C HIS A 100 14.67 -0.15 -0.92
N GLN A 101 15.79 -0.65 -1.45
CA GLN A 101 16.90 0.13 -1.99
C GLN A 101 16.67 0.64 -3.43
N LEU A 102 15.99 -0.16 -4.26
CA LEU A 102 15.56 0.16 -5.64
C LEU A 102 14.17 -0.45 -5.89
N ASN A 103 13.13 0.34 -5.62
CA ASN A 103 11.73 -0.09 -5.70
C ASN A 103 11.14 -0.03 -7.14
N ARG A 104 9.82 -0.23 -7.26
CA ARG A 104 9.09 -0.26 -8.55
C ARG A 104 8.34 1.03 -8.90
N GLY A 105 8.06 1.87 -7.90
CA GLY A 105 7.26 3.10 -7.98
C GLY A 105 5.89 2.99 -8.68
N ILE A 106 5.33 4.16 -9.00
CA ILE A 106 4.08 4.26 -9.81
C ILE A 106 4.41 4.20 -11.32
N LEU A 107 3.42 3.90 -12.20
CA LEU A 107 3.62 3.82 -13.67
C LEU A 107 4.72 4.73 -14.29
N PRO A 108 4.72 6.09 -14.17
CA PRO A 108 5.58 6.94 -15.01
C PRO A 108 6.56 7.91 -14.29
N CYS A 109 6.37 8.19 -12.99
CA CYS A 109 7.12 9.18 -12.21
C CYS A 109 8.19 8.52 -11.27
N LEU A 110 8.38 9.01 -10.03
CA LEU A 110 9.41 8.50 -9.08
C LEU A 110 9.28 6.98 -8.87
N LEU A 111 10.42 6.28 -8.92
CA LEU A 111 10.51 4.82 -8.85
C LEU A 111 10.79 4.22 -7.45
N ARG A 112 11.29 5.03 -6.49
CA ARG A 112 11.57 4.56 -5.12
C ARG A 112 10.33 4.65 -4.22
N HIS A 113 10.32 3.97 -3.06
CA HIS A 113 9.24 4.06 -2.07
C HIS A 113 9.74 4.17 -0.62
N CYS A 114 8.93 4.87 0.17
CA CYS A 114 9.05 5.09 1.61
C CYS A 114 7.66 5.05 2.27
N CYS A 115 7.55 5.09 3.61
CA CYS A 115 6.28 4.94 4.31
C CYS A 115 5.67 6.30 4.71
N THR A 116 4.36 6.48 4.43
CA THR A 116 3.64 7.75 4.63
C THR A 116 2.64 7.74 5.80
N ARG A 117 2.08 8.93 6.08
CA ARG A 117 1.02 9.19 7.07
C ARG A 117 -0.22 9.74 6.33
N VAL A 118 -1.41 9.40 6.83
CA VAL A 118 -2.70 9.89 6.30
C VAL A 118 -2.99 11.34 6.73
N ALA A 119 -4.15 11.89 6.36
CA ALA A 119 -4.59 13.26 6.70
C ALA A 119 -5.06 13.43 8.18
N LEU A 120 -4.41 12.70 9.11
CA LEU A 120 -4.65 12.70 10.56
C LEU A 120 -3.32 12.53 11.33
N PRO B 1 -14.99 9.22 -14.39
CA PRO B 1 -15.01 8.65 -13.03
C PRO B 1 -13.61 8.46 -12.42
N GLN B 2 -13.54 8.22 -11.10
CA GLN B 2 -12.28 7.98 -10.38
C GLN B 2 -11.71 6.56 -10.63
N PRO B 3 -10.37 6.38 -10.60
CA PRO B 3 -9.74 5.06 -10.68
C PRO B 3 -9.90 4.28 -9.36
N GLU B 4 -10.06 2.95 -9.47
CA GLU B 4 -10.13 2.04 -8.33
C GLU B 4 -8.73 1.44 -8.01
N PTR B 5 -8.44 0.25 -8.54
CA PTR B 5 -7.23 -0.49 -8.25
C PTR B 5 -6.02 -0.27 -9.23
O PTR B 5 -5.87 0.79 -9.85
CB PTR B 5 -7.60 -1.87 -7.65
CG PTR B 5 -8.28 -1.87 -6.24
CD1 PTR B 5 -7.50 -1.90 -5.05
CD2 PTR B 5 -9.68 -1.98 -6.10
CE1 PTR B 5 -8.11 -2.05 -3.78
CE2 PTR B 5 -10.27 -2.21 -4.84
CZ PTR B 5 -9.51 -2.22 -3.67
OH PTR B 5 -10.24 -2.40 -2.58
P PTR B 5 -9.87 -2.09 -1.07
O1P PTR B 5 -9.27 -0.76 -1.08
O2P PTR B 5 -11.23 -2.06 -0.52
O3P PTR B 5 -9.01 -3.16 -0.59
H PTR B 5 -9.15 -0.22 -9.08
HA PTR B 5 -6.80 -0.06 -7.42
HB2 PTR B 5 -8.24 -2.41 -8.35
HB3 PTR B 5 -6.69 -2.46 -7.55
HD1 PTR B 5 -6.41 -1.86 -5.09
HD2 PTR B 5 -10.33 -1.90 -6.97
HE1 PTR B 5 -7.49 -2.11 -2.88
HE2 PTR B 5 -11.33 -2.38 -4.70
N VAL B 6 -5.11 -1.25 -9.29
CA VAL B 6 -3.93 -1.43 -10.17
C VAL B 6 -3.50 -2.90 -10.03
N ASN B 7 -3.59 -3.46 -11.21
CA ASN B 7 -3.51 -4.73 -11.93
C ASN B 7 -4.36 -4.17 -13.13
N GLN B 8 -5.49 -3.52 -12.73
CA GLN B 8 -6.47 -2.72 -13.40
C GLN B 8 -6.83 -1.61 -12.43
N PRO B 9 -7.36 -0.44 -12.84
CA PRO B 9 -8.26 0.32 -11.96
C PRO B 9 -9.63 -0.37 -11.86
N ASP B 10 -9.53 -1.62 -11.38
CA ASP B 10 -10.44 -2.75 -11.19
C ASP B 10 -11.24 -3.24 -12.42
N GLY A 1 24.99 9.56 28.13
CA GLY A 1 24.85 9.69 26.66
C GLY A 1 23.48 9.22 26.17
N SER A 2 23.00 9.81 25.07
CA SER A 2 21.69 9.52 24.44
C SER A 2 21.72 9.67 22.90
N PRO A 3 20.84 8.99 22.15
CA PRO A 3 20.76 9.10 20.70
C PRO A 3 20.18 10.46 20.24
N ALA A 4 20.45 10.83 18.98
CA ALA A 4 19.96 12.07 18.37
C ALA A 4 18.44 12.03 18.12
N SER A 5 17.81 13.22 18.09
CA SER A 5 16.35 13.39 17.88
C SER A 5 15.91 13.40 16.40
N GLY A 6 16.85 13.40 15.45
CA GLY A 6 16.58 13.41 14.01
C GLY A 6 15.98 12.11 13.45
N THR A 7 15.43 12.19 12.24
CA THR A 7 14.73 11.07 11.56
C THR A 7 15.65 9.98 11.02
N SER A 8 16.98 10.18 11.05
CA SER A 8 17.99 9.20 10.62
C SER A 8 18.22 8.04 11.59
N LEU A 9 17.62 8.10 12.79
CA LEU A 9 17.66 7.04 13.81
C LEU A 9 16.80 5.83 13.41
N SER A 10 17.27 4.61 13.73
CA SER A 10 16.61 3.34 13.34
C SER A 10 15.21 3.11 13.93
N ALA A 11 14.83 3.92 14.92
CA ALA A 11 13.52 3.96 15.55
C ALA A 11 12.39 4.47 14.62
N ALA A 12 12.73 5.04 13.46
CA ALA A 12 11.75 5.50 12.45
C ALA A 12 11.07 4.36 11.67
N ILE A 13 11.59 3.14 11.76
CA ILE A 13 11.02 1.91 11.19
C ILE A 13 9.90 1.37 12.10
N HIS A 14 8.83 0.82 11.51
CA HIS A 14 7.66 0.32 12.26
C HIS A 14 7.96 -0.89 13.17
N ARG A 15 7.23 -0.98 14.29
CA ARG A 15 7.29 -2.12 15.25
C ARG A 15 5.95 -2.59 15.81
N THR A 16 4.91 -2.00 15.26
CA THR A 16 3.47 -2.21 15.52
C THR A 16 2.70 -2.09 14.19
N GLN A 17 1.37 -2.17 14.25
CA GLN A 17 0.46 -1.96 13.11
C GLN A 17 0.37 -0.49 12.63
N LEU A 18 1.30 0.39 13.03
CA LEU A 18 1.25 1.84 12.74
C LEU A 18 1.28 2.26 11.25
N TRP A 19 1.55 1.34 10.33
CA TRP A 19 1.51 1.52 8.86
C TRP A 19 0.40 0.66 8.20
N PHE A 20 -0.59 0.18 8.97
CA PHE A 20 -1.65 -0.74 8.51
C PHE A 20 -3.08 -0.33 8.95
N HIS A 21 -4.03 -0.43 8.02
CA HIS A 21 -5.47 -0.22 8.19
C HIS A 21 -6.26 -1.23 7.33
N GLY A 22 -7.51 -1.61 7.62
CA GLY A 22 -8.24 -2.47 6.70
C GLY A 22 -9.71 -2.10 6.58
N ARG A 23 -10.05 -0.81 6.68
CA ARG A 23 -11.42 -0.29 6.46
C ARG A 23 -11.49 1.02 5.67
N ILE A 24 -10.36 1.45 5.15
CA ILE A 24 -10.23 2.68 4.36
C ILE A 24 -10.11 2.35 2.87
N SER A 25 -11.21 1.84 2.32
CA SER A 25 -11.39 1.39 0.94
C SER A 25 -10.85 2.41 -0.08
N ARG A 26 -10.43 1.94 -1.25
CA ARG A 26 -9.77 2.70 -2.33
C ARG A 26 -10.40 4.03 -2.72
N GLU A 27 -11.72 4.16 -2.63
CA GLU A 27 -12.44 5.42 -2.88
C GLU A 27 -12.40 6.42 -1.70
N GLU A 28 -12.33 5.92 -0.45
CA GLU A 28 -12.18 6.73 0.76
C GLU A 28 -10.73 7.14 1.03
N SER A 29 -9.77 6.22 0.89
CA SER A 29 -8.36 6.51 1.19
C SER A 29 -7.75 7.55 0.26
N GLN A 30 -8.18 7.62 -1.01
CA GLN A 30 -7.72 8.67 -1.93
C GLN A 30 -8.22 10.07 -1.57
N ARG A 31 -9.30 10.20 -0.79
CA ARG A 31 -9.79 11.49 -0.27
C ARG A 31 -8.92 12.04 0.85
N LEU A 32 -8.26 11.15 1.61
CA LEU A 32 -7.39 11.48 2.75
C LEU A 32 -5.91 11.60 2.34
N ILE A 33 -5.37 10.58 1.66
CA ILE A 33 -3.94 10.48 1.25
C ILE A 33 -3.65 11.32 -0.02
N GLY A 34 -4.68 11.80 -0.73
CA GLY A 34 -4.52 12.57 -1.98
C GLY A 34 -4.57 14.08 -1.79
N GLN A 35 -4.56 14.54 -0.53
CA GLN A 35 -4.48 15.97 -0.16
C GLN A 35 -3.05 16.52 -0.28
N GLN A 36 -2.06 15.64 -0.49
CA GLN A 36 -0.64 15.97 -0.70
C GLN A 36 0.04 15.10 -1.76
N GLY A 37 0.84 15.72 -2.63
CA GLY A 37 1.49 15.10 -3.79
C GLY A 37 3.00 14.91 -3.66
N LEU A 38 3.41 14.02 -2.74
CA LEU A 38 4.82 13.62 -2.57
C LEU A 38 5.24 12.57 -3.64
N VAL A 39 6.48 12.04 -3.56
CA VAL A 39 6.89 10.94 -4.46
C VAL A 39 6.04 9.72 -4.13
N ASP A 40 5.69 8.98 -5.18
CA ASP A 40 4.78 7.82 -5.16
C ASP A 40 5.04 6.79 -4.06
N GLY A 41 6.25 6.81 -3.55
CA GLY A 41 6.72 5.83 -2.62
C GLY A 41 6.60 6.24 -1.14
N LEU A 42 5.70 7.19 -0.85
CA LEU A 42 5.30 7.59 0.50
C LEU A 42 3.99 6.83 0.71
N PHE A 43 4.11 5.50 0.67
CA PHE A 43 2.99 4.57 0.64
C PHE A 43 2.51 3.93 1.95
N LEU A 44 1.30 3.39 1.88
CA LEU A 44 0.60 2.67 2.95
C LEU A 44 0.24 1.26 2.48
N VAL A 45 0.18 0.30 3.39
CA VAL A 45 -0.26 -1.09 3.16
C VAL A 45 -1.54 -1.28 3.95
N ARG A 46 -2.66 -1.19 3.25
CA ARG A 46 -4.01 -1.23 3.81
C ARG A 46 -4.91 -2.04 2.91
N GLU A 47 -6.07 -2.37 3.40
CA GLU A 47 -7.09 -3.04 2.62
C GLU A 47 -8.44 -2.50 3.06
N SER A 48 -9.49 -3.26 2.80
CA SER A 48 -10.82 -2.97 3.23
C SER A 48 -11.40 -4.22 3.88
N GLN A 49 -12.45 -3.98 4.67
CA GLN A 49 -13.25 -4.99 5.32
C GLN A 49 -14.50 -5.25 4.43
N ARG A 50 -14.49 -4.68 3.20
CA ARG A 50 -15.45 -4.81 2.09
C ARG A 50 -14.89 -5.85 1.11
N ASN A 51 -13.73 -5.62 0.45
CA ASN A 51 -13.13 -6.66 -0.39
C ASN A 51 -12.78 -7.89 0.47
N PRO A 52 -13.31 -9.10 0.17
CA PRO A 52 -13.08 -10.30 1.00
C PRO A 52 -11.67 -10.89 0.82
N GLN A 53 -10.97 -10.49 -0.24
CA GLN A 53 -9.66 -10.97 -0.69
C GLN A 53 -8.66 -9.80 -0.84
N GLY A 54 -8.75 -8.74 -0.02
CA GLY A 54 -7.91 -7.55 -0.20
C GLY A 54 -6.64 -7.43 0.64
N PHE A 55 -5.56 -7.18 -0.10
CA PHE A 55 -4.16 -6.88 0.27
C PHE A 55 -3.55 -5.84 -0.73
N VAL A 56 -3.84 -4.54 -0.60
CA VAL A 56 -3.45 -3.45 -1.52
C VAL A 56 -2.22 -2.68 -1.04
N LEU A 57 -1.37 -2.30 -2.02
CA LEU A 57 -0.23 -1.42 -1.84
C LEU A 57 -0.79 -0.08 -2.33
N SER A 58 -0.65 1.03 -1.60
CA SER A 58 -1.29 2.30 -1.96
C SER A 58 -0.23 3.39 -1.98
N LEU A 59 -0.05 4.03 -3.13
CA LEU A 59 1.02 5.00 -3.38
C LEU A 59 0.57 6.44 -3.17
N CYS A 60 1.50 7.32 -2.79
CA CYS A 60 1.17 8.71 -2.44
C CYS A 60 1.90 9.56 -3.46
N HIS A 61 1.48 9.41 -4.72
CA HIS A 61 2.15 10.01 -5.84
C HIS A 61 1.82 11.49 -6.09
N LEU A 62 2.49 12.01 -7.12
CA LEU A 62 2.52 13.41 -7.57
C LEU A 62 1.64 13.80 -8.72
N GLN A 63 0.57 13.04 -8.81
CA GLN A 63 -0.51 13.35 -9.71
C GLN A 63 -1.84 12.85 -9.19
N LYS A 64 -1.82 11.61 -8.67
CA LYS A 64 -2.94 10.97 -8.01
C LYS A 64 -2.44 9.99 -6.95
N VAL A 65 -3.36 9.32 -6.26
CA VAL A 65 -3.06 8.25 -5.30
C VAL A 65 -3.91 7.04 -5.68
N LYS A 66 -3.28 5.89 -5.94
CA LYS A 66 -3.93 4.66 -6.45
C LYS A 66 -3.57 3.42 -5.63
N HIS A 67 -4.30 2.32 -5.85
CA HIS A 67 -4.19 1.07 -5.07
C HIS A 67 -3.95 -0.20 -5.90
N TYR A 68 -3.12 -1.08 -5.41
CA TYR A 68 -2.64 -2.30 -6.07
C TYR A 68 -3.22 -3.60 -5.49
N LEU A 69 -4.54 -3.85 -5.61
CA LEU A 69 -5.14 -5.13 -5.17
C LEU A 69 -6.31 -5.61 -6.04
N ILE A 70 -6.38 -6.90 -6.44
CA ILE A 70 -7.57 -7.48 -7.11
C ILE A 70 -7.88 -8.92 -6.65
N LEU A 71 -6.85 -9.75 -6.39
CA LEU A 71 -7.02 -11.18 -6.08
C LEU A 71 -6.08 -11.71 -4.96
N PRO A 72 -6.43 -12.86 -4.34
CA PRO A 72 -5.67 -13.48 -3.26
C PRO A 72 -4.43 -14.22 -3.80
N SER A 73 -3.67 -14.86 -2.92
CA SER A 73 -2.42 -15.55 -3.27
C SER A 73 -2.59 -16.70 -4.28
N GLU A 74 -1.59 -16.87 -5.16
CA GLU A 74 -1.59 -17.83 -6.27
C GLU A 74 -0.30 -18.67 -6.27
N GLU A 75 -0.10 -19.53 -7.27
CA GLU A 75 1.15 -20.31 -7.45
C GLU A 75 2.12 -19.71 -8.49
N GLU A 76 1.72 -18.62 -9.17
CA GLU A 76 2.55 -17.85 -10.11
C GLU A 76 3.15 -16.57 -9.45
N GLY A 77 3.02 -16.48 -8.12
CA GLY A 77 3.42 -15.38 -7.25
C GLY A 77 3.06 -15.71 -5.80
N ARG A 78 3.01 -14.71 -4.91
CA ARG A 78 2.55 -14.82 -3.50
C ARG A 78 1.29 -13.98 -3.39
N LEU A 79 1.19 -12.96 -2.51
CA LEU A 79 0.03 -12.05 -2.48
C LEU A 79 -0.02 -11.43 -3.89
N TYR A 80 -1.05 -11.70 -4.69
CA TYR A 80 -1.09 -11.27 -6.09
C TYR A 80 -1.52 -9.83 -6.41
N PHE A 81 -0.61 -9.08 -7.04
CA PHE A 81 -0.84 -7.73 -7.56
C PHE A 81 -0.05 -7.26 -8.75
N SER A 82 -0.55 -6.20 -9.37
CA SER A 82 0.08 -5.54 -10.49
C SER A 82 -0.27 -4.04 -10.55
N MET A 83 -0.35 -3.58 -11.78
CA MET A 83 -0.53 -2.25 -12.36
C MET A 83 -1.14 -2.46 -13.76
N ASP A 84 -1.23 -1.39 -14.55
CA ASP A 84 -1.67 -1.53 -15.96
C ASP A 84 -0.57 -2.28 -16.76
N ASP A 85 0.72 -2.11 -16.39
CA ASP A 85 1.87 -2.82 -16.97
C ASP A 85 2.90 -3.21 -15.88
N GLY A 86 2.49 -4.04 -14.90
CA GLY A 86 3.30 -4.42 -13.73
C GLY A 86 3.19 -5.89 -13.28
N GLN A 87 4.01 -6.26 -12.28
CA GLN A 87 4.14 -7.62 -11.71
C GLN A 87 4.35 -7.62 -10.17
N THR A 88 3.56 -6.85 -9.42
CA THR A 88 3.74 -6.67 -7.95
C THR A 88 3.35 -7.75 -6.95
N ARG A 89 2.83 -8.82 -7.50
CA ARG A 89 2.43 -10.16 -6.97
C ARG A 89 3.37 -10.94 -6.01
N PHE A 90 4.10 -10.30 -5.10
CA PHE A 90 5.03 -10.92 -4.13
C PHE A 90 4.69 -10.51 -2.69
N THR A 91 5.16 -11.28 -1.69
CA THR A 91 4.84 -11.08 -0.26
C THR A 91 5.21 -9.67 0.20
N ASP A 92 4.32 -9.02 0.97
CA ASP A 92 4.50 -7.63 1.39
C ASP A 92 5.68 -7.43 2.33
N LEU A 93 5.90 -8.36 3.27
CA LEU A 93 7.01 -8.28 4.21
C LEU A 93 8.36 -8.29 3.48
N LEU A 94 8.52 -9.16 2.47
CA LEU A 94 9.73 -9.22 1.64
C LEU A 94 9.88 -7.97 0.77
N GLN A 95 8.79 -7.47 0.18
CA GLN A 95 8.81 -6.28 -0.64
C GLN A 95 9.10 -5.00 0.14
N LEU A 96 8.67 -4.90 1.40
CA LEU A 96 8.93 -3.75 2.25
C LEU A 96 10.34 -3.79 2.87
N VAL A 97 10.78 -4.95 3.38
CA VAL A 97 12.13 -5.05 3.97
C VAL A 97 13.19 -4.95 2.88
N GLU A 98 13.23 -5.90 1.93
CA GLU A 98 14.21 -5.95 0.85
C GLU A 98 13.89 -5.09 -0.37
N PHE A 99 12.75 -5.26 -1.03
CA PHE A 99 12.47 -4.56 -2.29
C PHE A 99 11.96 -3.11 -2.25
N HIS A 100 12.17 -2.33 -1.17
CA HIS A 100 11.69 -0.92 -1.12
C HIS A 100 12.59 0.06 -1.88
N GLN A 101 13.92 -0.08 -1.74
CA GLN A 101 14.91 0.86 -2.31
C GLN A 101 15.12 0.73 -3.83
N LEU A 102 14.73 -0.39 -4.43
CA LEU A 102 14.74 -0.66 -5.88
C LEU A 102 13.47 -1.43 -6.28
N ASN A 103 12.30 -0.84 -5.98
CA ASN A 103 10.98 -1.37 -6.39
C ASN A 103 10.68 -0.97 -7.86
N ARG A 104 9.39 -0.94 -8.24
CA ARG A 104 8.88 -0.47 -9.55
C ARG A 104 7.86 0.68 -9.41
N GLY A 105 7.65 1.16 -8.17
CA GLY A 105 6.81 2.31 -7.79
C GLY A 105 5.49 2.45 -8.55
N ILE A 106 5.13 3.70 -8.85
CA ILE A 106 3.98 4.07 -9.69
C ILE A 106 4.21 3.73 -11.18
N LEU A 107 3.12 3.49 -11.94
CA LEU A 107 3.12 3.24 -13.40
C LEU A 107 4.20 4.01 -14.22
N PRO A 108 4.31 5.37 -14.20
CA PRO A 108 5.17 6.09 -15.16
C PRO A 108 6.39 6.86 -14.58
N CYS A 109 6.31 7.44 -13.38
CA CYS A 109 7.32 8.30 -12.77
C CYS A 109 8.35 7.55 -11.88
N LEU A 110 8.52 7.96 -10.60
CA LEU A 110 9.48 7.41 -9.65
C LEU A 110 9.23 5.91 -9.37
N LEU A 111 10.28 5.18 -8.94
CA LEU A 111 10.22 3.71 -8.75
C LEU A 111 10.48 3.14 -7.34
N ARG A 112 10.91 3.93 -6.34
CA ARG A 112 11.28 3.43 -5.00
C ARG A 112 10.37 3.95 -3.88
N HIS A 113 10.17 3.12 -2.84
CA HIS A 113 9.43 3.49 -1.63
C HIS A 113 10.37 3.83 -0.48
N CYS A 114 9.91 4.72 0.40
CA CYS A 114 10.69 5.28 1.50
C CYS A 114 9.99 5.21 2.86
N CYS A 115 8.84 5.88 3.01
CA CYS A 115 8.06 5.97 4.25
C CYS A 115 6.54 5.90 3.97
N THR A 116 5.73 6.41 4.90
CA THR A 116 4.26 6.38 4.93
C THR A 116 3.69 7.75 5.30
N ARG A 117 2.65 8.22 4.61
CA ARG A 117 1.93 9.48 4.94
C ARG A 117 0.42 9.27 4.93
N VAL A 118 -0.27 9.85 5.92
CA VAL A 118 -1.74 9.75 6.14
C VAL A 118 -2.30 11.07 6.69
N ALA A 119 -3.62 11.25 6.59
CA ALA A 119 -4.33 12.41 7.16
C ALA A 119 -4.42 12.35 8.69
N LEU A 120 -4.58 13.51 9.34
CA LEU A 120 -4.72 13.70 10.79
C LEU A 120 -5.78 14.77 11.13
N PRO B 1 -17.41 8.68 -12.11
CA PRO B 1 -17.08 7.95 -10.86
C PRO B 1 -15.58 8.00 -10.47
N GLN B 2 -15.26 7.64 -9.22
CA GLN B 2 -13.88 7.60 -8.73
C GLN B 2 -13.07 6.40 -9.28
N PRO B 3 -11.76 6.55 -9.51
CA PRO B 3 -10.88 5.43 -9.89
C PRO B 3 -10.63 4.48 -8.70
N GLU B 4 -10.60 3.17 -8.97
CA GLU B 4 -10.47 2.11 -7.95
C GLU B 4 -9.65 0.92 -8.49
N PTR B 5 -8.55 0.53 -7.81
CA PTR B 5 -7.68 -0.57 -8.27
C PTR B 5 -6.80 -0.26 -9.54
O PTR B 5 -6.91 0.82 -10.15
CB PTR B 5 -8.30 -1.91 -7.85
CG PTR B 5 -8.59 -2.01 -6.31
CD1 PTR B 5 -7.55 -1.91 -5.34
CD2 PTR B 5 -9.91 -2.25 -5.83
CE1 PTR B 5 -7.85 -2.05 -3.98
CE2 PTR B 5 -10.18 -2.49 -4.45
CZ PTR B 5 -9.12 -2.39 -3.51
OH PTR B 5 -9.20 -2.82 -2.27
P PTR B 5 -10.06 -2.11 -1.15
O1P PTR B 5 -9.77 -0.69 -1.34
O2P PTR B 5 -11.46 -2.48 -1.42
O3P PTR B 5 -9.46 -2.61 0.07
H PTR B 5 -8.29 1.01 -6.97
HA PTR B 5 -6.84 -0.70 -7.67
HB2 PTR B 5 -9.23 -2.07 -8.39
HB3 PTR B 5 -7.64 -2.72 -8.11
HD1 PTR B 5 -6.49 -1.78 -5.53
HD2 PTR B 5 -10.74 -2.28 -6.53
HE1 PTR B 5 -7.05 -1.98 -3.27
HE2 PTR B 5 -11.15 -2.79 -4.07
N VAL B 6 -5.80 -1.11 -9.81
CA VAL B 6 -4.76 -0.96 -10.89
C VAL B 6 -4.28 -2.25 -11.51
N ASN B 7 -4.48 -3.47 -10.96
CA ASN B 7 -4.15 -4.66 -11.82
C ASN B 7 -5.01 -4.38 -13.11
N GLN B 8 -6.14 -3.70 -12.84
CA GLN B 8 -7.16 -3.05 -13.59
C GLN B 8 -7.65 -1.93 -12.67
N PRO B 9 -8.26 -0.85 -13.18
CA PRO B 9 -9.23 -0.11 -12.38
C PRO B 9 -10.53 -0.94 -12.23
N ASP B 10 -10.33 -2.11 -11.61
CA ASP B 10 -11.16 -3.28 -11.33
C ASP B 10 -12.17 -3.68 -12.44
N GLY A 1 -27.36 -10.83 20.96
CA GLY A 1 -28.27 -9.70 21.29
C GLY A 1 -27.48 -8.43 21.60
N SER A 2 -28.06 -7.53 22.41
CA SER A 2 -27.42 -6.28 22.84
C SER A 2 -26.30 -6.52 23.88
N PRO A 3 -25.21 -5.71 23.88
CA PRO A 3 -24.98 -4.50 23.08
C PRO A 3 -24.43 -4.77 21.66
N ALA A 4 -24.00 -6.00 21.35
CA ALA A 4 -23.43 -6.39 20.06
C ALA A 4 -24.38 -6.17 18.85
N SER A 5 -25.67 -5.98 19.11
CA SER A 5 -26.72 -5.63 18.13
C SER A 5 -26.47 -4.27 17.45
N GLY A 6 -25.70 -3.37 18.09
CA GLY A 6 -25.30 -2.07 17.52
C GLY A 6 -24.97 -0.94 18.51
N THR A 7 -25.01 -1.20 19.82
CA THR A 7 -24.82 -0.18 20.88
C THR A 7 -23.50 -0.31 21.65
N SER A 8 -22.62 -1.25 21.30
CA SER A 8 -21.27 -1.40 21.88
C SER A 8 -20.40 -0.15 21.70
N LEU A 9 -19.52 0.11 22.67
CA LEU A 9 -18.61 1.27 22.69
C LEU A 9 -17.46 1.13 21.68
N SER A 10 -16.92 2.26 21.22
CA SER A 10 -15.85 2.33 20.22
C SER A 10 -14.49 1.83 20.76
N ALA A 11 -13.65 1.33 19.85
CA ALA A 11 -12.28 0.86 20.12
C ALA A 11 -11.31 1.23 18.98
N ALA A 12 -10.00 1.23 19.27
CA ALA A 12 -8.95 1.57 18.30
C ALA A 12 -8.77 0.49 17.20
N ILE A 13 -8.40 0.94 15.99
CA ILE A 13 -8.13 0.07 14.82
C ILE A 13 -6.75 -0.61 14.89
N HIS A 14 -5.82 -0.04 15.66
CA HIS A 14 -4.42 -0.44 15.79
C HIS A 14 -4.00 -0.71 17.25
N ARG A 15 -2.91 -1.46 17.44
CA ARG A 15 -2.29 -1.74 18.77
C ARG A 15 -0.79 -1.55 18.89
N THR A 16 -0.21 -1.18 17.77
CA THR A 16 1.22 -0.86 17.51
C THR A 16 1.33 0.31 16.52
N GLN A 17 2.56 0.73 16.21
CA GLN A 17 2.87 1.76 15.20
C GLN A 17 2.79 1.25 13.73
N LEU A 18 2.21 0.07 13.50
CA LEU A 18 2.17 -0.62 12.20
C LEU A 18 1.62 0.20 11.00
N TRP A 19 2.13 -0.12 9.81
CA TRP A 19 1.80 0.54 8.53
C TRP A 19 0.76 -0.21 7.67
N PHE A 20 -0.09 -1.02 8.32
CA PHE A 20 -1.20 -1.73 7.66
C PHE A 20 -2.50 -1.65 8.48
N HIS A 21 -3.57 -1.24 7.80
CA HIS A 21 -4.92 -0.96 8.30
C HIS A 21 -5.90 -1.49 7.25
N GLY A 22 -7.03 -2.15 7.57
CA GLY A 22 -7.85 -2.74 6.52
C GLY A 22 -9.33 -2.50 6.70
N ARG A 23 -9.71 -1.26 7.00
CA ARG A 23 -11.09 -0.79 7.08
C ARG A 23 -11.16 0.68 6.63
N ILE A 24 -10.52 0.91 5.49
CA ILE A 24 -10.35 2.23 4.86
C ILE A 24 -10.26 2.03 3.33
N SER A 25 -11.37 1.63 2.72
CA SER A 25 -11.50 1.26 1.30
C SER A 25 -10.91 2.31 0.35
N ARG A 26 -10.53 1.91 -0.87
CA ARG A 26 -9.84 2.75 -1.87
C ARG A 26 -10.40 4.17 -2.07
N GLU A 27 -11.73 4.32 -2.00
CA GLU A 27 -12.41 5.62 -2.11
C GLU A 27 -12.35 6.46 -0.82
N GLU A 28 -12.19 5.83 0.34
CA GLU A 28 -12.00 6.45 1.65
C GLU A 28 -10.53 6.86 1.88
N SER A 29 -9.58 5.95 1.61
CA SER A 29 -8.14 6.17 1.84
C SER A 29 -7.54 7.22 0.89
N GLN A 30 -8.09 7.43 -0.30
CA GLN A 30 -7.62 8.51 -1.19
C GLN A 30 -7.85 9.92 -0.62
N ARG A 31 -8.74 10.09 0.37
CA ARG A 31 -8.95 11.38 1.06
C ARG A 31 -7.86 11.64 2.12
N LEU A 32 -7.28 10.57 2.70
CA LEU A 32 -6.22 10.63 3.71
C LEU A 32 -4.81 10.64 3.09
N ILE A 33 -4.54 9.73 2.15
CA ILE A 33 -3.22 9.60 1.48
C ILE A 33 -3.06 10.66 0.36
N GLY A 34 -4.13 11.37 -0.01
CA GLY A 34 -4.15 12.35 -1.11
C GLY A 34 -3.95 13.81 -0.68
N GLN A 35 -3.78 14.07 0.62
CA GLN A 35 -3.47 15.39 1.14
C GLN A 35 -1.94 15.68 1.00
N GLN A 36 -1.16 14.63 0.71
CA GLN A 36 0.28 14.66 0.47
C GLN A 36 0.61 15.04 -1.00
N GLY A 37 1.81 15.60 -1.21
CA GLY A 37 2.30 16.05 -2.54
C GLY A 37 3.78 15.76 -2.80
N LEU A 38 4.35 14.73 -2.16
CA LEU A 38 5.76 14.33 -2.28
C LEU A 38 6.00 13.47 -3.54
N VAL A 39 7.17 12.81 -3.63
CA VAL A 39 7.51 11.84 -4.71
C VAL A 39 6.44 10.77 -4.80
N ASP A 40 6.26 10.21 -6.00
CA ASP A 40 5.22 9.24 -6.32
C ASP A 40 5.09 8.04 -5.38
N GLY A 41 6.17 7.82 -4.64
CA GLY A 41 6.39 6.69 -3.74
C GLY A 41 6.10 6.92 -2.26
N LEU A 42 5.19 7.83 -1.89
CA LEU A 42 4.78 8.00 -0.49
C LEU A 42 3.52 7.16 -0.28
N PHE A 43 3.76 5.84 -0.22
CA PHE A 43 2.72 4.82 -0.17
C PHE A 43 2.38 4.24 1.22
N LEU A 44 1.25 3.53 1.33
CA LEU A 44 0.80 2.81 2.54
C LEU A 44 0.14 1.46 2.18
N VAL A 45 0.29 0.40 2.98
CA VAL A 45 -0.26 -0.95 2.68
C VAL A 45 -1.59 -1.16 3.43
N ARG A 46 -2.61 -0.41 3.03
CA ARG A 46 -3.97 -0.48 3.60
C ARG A 46 -4.89 -1.30 2.75
N GLU A 47 -5.95 -1.80 3.34
CA GLU A 47 -6.93 -2.63 2.65
C GLU A 47 -8.32 -2.28 3.16
N SER A 48 -9.26 -3.17 2.94
CA SER A 48 -10.62 -3.05 3.43
C SER A 48 -11.10 -4.40 3.92
N GLN A 49 -12.11 -4.31 4.77
CA GLN A 49 -12.86 -5.45 5.29
C GLN A 49 -14.16 -5.59 4.43
N ARG A 50 -14.24 -4.80 3.33
CA ARG A 50 -15.27 -4.79 2.27
C ARG A 50 -14.79 -5.59 1.05
N ASN A 51 -13.77 -5.18 0.25
CA ASN A 51 -13.27 -6.06 -0.82
C ASN A 51 -12.73 -7.37 -0.20
N PRO A 52 -13.28 -8.56 -0.53
CA PRO A 52 -13.13 -9.77 0.30
C PRO A 52 -11.76 -10.47 0.18
N GLN A 53 -10.96 -10.07 -0.81
CA GLN A 53 -9.65 -10.61 -1.18
C GLN A 53 -8.60 -9.48 -1.08
N GLY A 54 -8.72 -8.55 -0.11
CA GLY A 54 -7.85 -7.36 -0.05
C GLY A 54 -6.61 -7.23 0.82
N PHE A 55 -5.53 -6.93 0.08
CA PHE A 55 -4.14 -6.60 0.43
C PHE A 55 -3.59 -5.56 -0.59
N VAL A 56 -3.94 -4.28 -0.45
CA VAL A 56 -3.63 -3.16 -1.37
C VAL A 56 -2.41 -2.34 -0.90
N LEU A 57 -1.77 -1.73 -1.88
CA LEU A 57 -0.70 -0.76 -1.74
C LEU A 57 -1.32 0.54 -2.26
N SER A 58 -1.24 1.64 -1.53
CA SER A 58 -1.91 2.91 -1.88
C SER A 58 -0.79 3.86 -2.22
N LEU A 59 -0.75 4.35 -3.46
CA LEU A 59 0.36 5.15 -3.97
C LEU A 59 0.07 6.65 -3.88
N CYS A 60 1.11 7.46 -3.66
CA CYS A 60 0.94 8.93 -3.56
C CYS A 60 1.67 9.51 -4.75
N HIS A 61 1.11 9.18 -5.91
CA HIS A 61 1.68 9.49 -7.20
C HIS A 61 1.63 11.00 -7.53
N LEU A 62 1.90 11.36 -8.78
CA LEU A 62 2.02 12.76 -9.23
C LEU A 62 0.86 13.46 -9.86
N GLN A 63 -0.27 12.76 -9.90
CA GLN A 63 -1.48 13.45 -10.29
C GLN A 63 -2.76 12.88 -9.64
N LYS A 64 -2.69 11.67 -9.09
CA LYS A 64 -3.78 11.05 -8.32
C LYS A 64 -3.21 10.09 -7.26
N VAL A 65 -4.07 9.56 -6.39
CA VAL A 65 -3.69 8.53 -5.41
C VAL A 65 -4.58 7.31 -5.63
N LYS A 66 -3.97 6.24 -6.14
CA LYS A 66 -4.64 4.99 -6.55
C LYS A 66 -4.12 3.78 -5.78
N HIS A 67 -4.90 2.70 -5.80
CA HIS A 67 -4.67 1.49 -5.03
C HIS A 67 -4.16 0.32 -5.88
N TYR A 68 -3.61 -0.72 -5.26
CA TYR A 68 -2.94 -1.83 -5.97
C TYR A 68 -3.53 -3.25 -5.80
N LEU A 69 -4.75 -3.44 -5.29
CA LEU A 69 -5.30 -4.78 -4.99
C LEU A 69 -6.50 -5.26 -5.81
N ILE A 70 -6.47 -6.50 -6.29
CA ILE A 70 -7.62 -7.17 -6.94
C ILE A 70 -7.69 -8.66 -6.55
N LEU A 71 -6.55 -9.36 -6.52
CA LEU A 71 -6.51 -10.82 -6.28
C LEU A 71 -5.70 -11.23 -5.02
N PRO A 72 -6.04 -12.36 -4.37
CA PRO A 72 -5.35 -12.88 -3.18
C PRO A 72 -4.23 -13.88 -3.55
N SER A 73 -3.61 -14.50 -2.55
CA SER A 73 -2.60 -15.56 -2.74
C SER A 73 -3.17 -16.77 -3.51
N GLU A 74 -2.33 -17.40 -4.35
CA GLU A 74 -2.72 -18.50 -5.25
C GLU A 74 -1.90 -19.79 -4.96
N GLU A 75 -2.00 -20.79 -5.85
CA GLU A 75 -1.22 -22.04 -5.78
C GLU A 75 0.01 -22.02 -6.72
N GLU A 76 0.07 -21.08 -7.67
CA GLU A 76 1.19 -20.85 -8.60
C GLU A 76 1.95 -19.53 -8.34
N GLY A 77 1.64 -18.85 -7.22
CA GLY A 77 2.25 -17.59 -6.80
C GLY A 77 1.66 -17.05 -5.48
N ARG A 78 2.31 -16.04 -4.89
CA ARG A 78 1.92 -15.41 -3.61
C ARG A 78 0.82 -14.35 -3.83
N LEU A 79 0.82 -13.24 -3.06
CA LEU A 79 -0.12 -12.12 -3.28
C LEU A 79 -0.05 -11.67 -4.75
N TYR A 80 -1.15 -11.80 -5.50
CA TYR A 80 -1.16 -11.53 -6.94
C TYR A 80 -1.26 -10.04 -7.32
N PHE A 81 -0.42 -9.62 -8.29
CA PHE A 81 -0.35 -8.26 -8.84
C PHE A 81 -0.09 -8.22 -10.35
N SER A 82 -0.86 -7.39 -11.07
CA SER A 82 -0.91 -7.27 -12.53
C SER A 82 -1.03 -5.85 -13.18
N MET A 83 -0.69 -4.75 -12.48
CA MET A 83 -0.60 -3.37 -13.01
C MET A 83 -0.30 -3.24 -14.54
N ASP A 84 -0.80 -2.19 -15.20
CA ASP A 84 -0.68 -2.02 -16.67
C ASP A 84 0.74 -2.12 -17.28
N ASP A 85 1.80 -1.90 -16.50
CA ASP A 85 3.22 -2.07 -16.90
C ASP A 85 4.00 -2.99 -15.94
N GLY A 86 3.30 -3.81 -15.14
CA GLY A 86 3.87 -4.70 -14.11
C GLY A 86 3.19 -6.08 -13.99
N GLN A 87 3.91 -7.00 -13.34
CA GLN A 87 3.47 -8.37 -13.01
C GLN A 87 3.99 -8.72 -11.62
N THR A 88 3.74 -7.85 -10.63
CA THR A 88 4.32 -7.98 -9.28
C THR A 88 3.80 -8.98 -8.26
N ARG A 89 2.96 -9.88 -8.73
CA ARG A 89 2.36 -11.09 -8.07
C ARG A 89 3.21 -11.97 -7.10
N PHE A 90 3.91 -11.38 -6.14
CA PHE A 90 4.70 -12.00 -5.07
C PHE A 90 4.45 -11.26 -3.74
N THR A 91 4.82 -11.86 -2.60
CA THR A 91 4.70 -11.24 -1.27
C THR A 91 5.46 -9.90 -1.24
N ASP A 92 4.92 -8.88 -0.56
CA ASP A 92 5.51 -7.53 -0.56
C ASP A 92 5.73 -6.88 0.82
N LEU A 93 4.86 -7.12 1.83
CA LEU A 93 4.95 -6.43 3.12
C LEU A 93 6.25 -6.68 3.91
N LEU A 94 6.87 -7.86 3.78
CA LEU A 94 8.16 -8.16 4.43
C LEU A 94 9.35 -7.57 3.64
N GLN A 95 9.24 -7.52 2.31
CA GLN A 95 10.21 -7.03 1.36
C GLN A 95 10.29 -5.49 1.34
N LEU A 96 9.14 -4.81 1.53
CA LEU A 96 8.99 -3.36 1.62
C LEU A 96 9.89 -2.73 2.69
N VAL A 97 10.04 -3.39 3.85
CA VAL A 97 10.90 -2.93 4.95
C VAL A 97 12.30 -2.56 4.44
N GLU A 98 12.93 -3.46 3.67
CA GLU A 98 14.19 -3.24 2.99
C GLU A 98 14.04 -2.51 1.65
N PHE A 99 13.81 -3.26 0.56
CA PHE A 99 13.76 -2.87 -0.85
C PHE A 99 12.94 -1.65 -1.32
N HIS A 100 12.24 -0.89 -0.46
CA HIS A 100 11.48 0.31 -0.87
C HIS A 100 12.34 1.36 -1.60
N GLN A 101 13.60 1.54 -1.18
CA GLN A 101 14.51 2.57 -1.70
C GLN A 101 15.04 2.33 -3.13
N LEU A 102 14.93 1.10 -3.67
CA LEU A 102 15.29 0.75 -5.06
C LEU A 102 14.29 -0.24 -5.71
N ASN A 103 13.00 -0.02 -5.43
CA ASN A 103 11.88 -0.90 -5.84
C ASN A 103 11.51 -0.76 -7.34
N ARG A 104 10.31 -1.21 -7.72
CA ARG A 104 9.71 -1.09 -9.06
C ARG A 104 8.86 0.19 -9.24
N GLY A 105 8.75 1.03 -8.21
CA GLY A 105 7.97 2.28 -8.19
C GLY A 105 6.50 2.15 -8.59
N ILE A 106 5.98 3.25 -9.12
CA ILE A 106 4.61 3.35 -9.69
C ILE A 106 4.63 3.25 -11.24
N LEU A 107 3.45 3.21 -11.89
CA LEU A 107 3.31 3.11 -13.36
C LEU A 107 4.29 3.96 -14.21
N PRO A 108 4.37 5.31 -14.13
CA PRO A 108 5.10 6.11 -15.12
C PRO A 108 6.41 6.77 -14.66
N CYS A 109 6.44 7.43 -13.50
CA CYS A 109 7.54 8.22 -12.98
C CYS A 109 8.51 7.47 -12.01
N LEU A 110 8.78 8.04 -10.82
CA LEU A 110 9.76 7.56 -9.82
C LEU A 110 9.69 6.05 -9.51
N LEU A 111 10.88 5.43 -9.46
CA LEU A 111 11.06 3.99 -9.25
C LEU A 111 11.16 3.56 -7.77
N ARG A 112 11.25 4.50 -6.82
CA ARG A 112 11.41 4.21 -5.38
C ARG A 112 10.24 4.69 -4.52
N HIS A 113 9.98 3.95 -3.45
CA HIS A 113 8.96 4.22 -2.43
C HIS A 113 9.61 4.55 -1.09
N CYS A 114 8.82 5.12 -0.18
CA CYS A 114 9.24 5.63 1.12
C CYS A 114 8.26 5.22 2.26
N CYS A 115 8.44 5.80 3.45
CA CYS A 115 7.53 5.61 4.61
C CYS A 115 6.57 6.81 4.72
N THR A 116 5.28 6.53 4.96
CA THR A 116 4.19 7.53 4.97
C THR A 116 3.37 7.50 6.27
N ARG A 117 2.48 8.49 6.45
CA ARG A 117 1.53 8.55 7.59
C ARG A 117 0.56 7.36 7.55
N VAL A 118 0.19 6.85 8.72
CA VAL A 118 -0.82 5.79 8.89
C VAL A 118 -2.23 6.29 8.57
N ALA A 119 -3.19 5.37 8.31
CA ALA A 119 -4.58 5.68 7.96
C ALA A 119 -5.48 6.03 9.18
N LEU A 120 -4.91 6.68 10.20
CA LEU A 120 -5.56 7.01 11.48
C LEU A 120 -6.26 8.39 11.47
N PRO B 1 -16.07 7.21 -6.17
CA PRO B 1 -15.18 7.93 -7.09
C PRO B 1 -14.73 7.12 -8.32
N GLN B 2 -14.09 7.77 -9.30
CA GLN B 2 -13.57 7.12 -10.51
C GLN B 2 -12.26 6.32 -10.30
N PRO B 3 -11.22 6.84 -9.62
CA PRO B 3 -9.99 6.09 -9.39
C PRO B 3 -10.15 5.04 -8.26
N GLU B 4 -9.85 3.78 -8.58
CA GLU B 4 -9.94 2.63 -7.68
C GLU B 4 -8.56 1.92 -7.53
N PTR B 5 -8.49 0.69 -8.03
CA PTR B 5 -7.39 -0.27 -8.03
C PTR B 5 -6.34 -0.07 -9.19
O PTR B 5 -6.28 1.00 -9.81
CB PTR B 5 -8.05 -1.60 -7.61
CG PTR B 5 -8.71 -1.62 -6.21
CD1 PTR B 5 -7.92 -1.73 -5.02
CD2 PTR B 5 -10.13 -1.62 -6.04
CE1 PTR B 5 -8.51 -1.96 -3.75
CE2 PTR B 5 -10.71 -1.94 -4.79
CZ PTR B 5 -9.92 -2.11 -3.64
OH PTR B 5 -10.61 -2.42 -2.56
P PTR B 5 -10.27 -1.98 -1.09
O1P PTR B 5 -11.62 -1.88 -0.50
O2P PTR B 5 -9.41 -3.01 -0.51
O3P PTR B 5 -9.64 -0.66 -1.21
H PTR B 5 -9.34 0.32 -8.40
HA PTR B 5 -6.78 -0.13 -7.20
HB2 PTR B 5 -8.78 -1.89 -8.36
HB3 PTR B 5 -7.28 -2.38 -7.60
HD1 PTR B 5 -6.85 -1.71 -5.07
HD2 PTR B 5 -10.79 -1.39 -6.88
HE1 PTR B 5 -7.90 -2.11 -2.88
HE2 PTR B 5 -11.78 -2.07 -4.63
N VAL B 6 -5.49 -1.08 -9.47
CA VAL B 6 -4.40 -1.01 -10.51
C VAL B 6 -4.17 -2.24 -11.34
N ASN B 7 -4.46 -3.43 -10.80
CA ASN B 7 -4.44 -4.62 -11.67
C ASN B 7 -5.46 -4.23 -12.82
N GLN B 8 -6.41 -3.37 -12.39
CA GLN B 8 -7.42 -2.56 -13.02
C GLN B 8 -7.74 -1.46 -12.00
N PRO B 9 -8.29 -0.30 -12.37
CA PRO B 9 -9.18 0.43 -11.46
C PRO B 9 -10.52 -0.33 -11.32
N ASP B 10 -10.37 -1.56 -10.82
CA ASP B 10 -11.28 -2.70 -10.62
C ASP B 10 -12.42 -2.84 -11.66
N GLY A 1 -15.36 -21.30 38.62
CA GLY A 1 -15.96 -20.25 37.78
C GLY A 1 -15.67 -20.44 36.31
N SER A 2 -16.57 -19.96 35.43
CA SER A 2 -16.48 -20.08 33.96
C SER A 2 -17.09 -18.86 33.24
N PRO A 3 -16.68 -18.56 31.98
CA PRO A 3 -15.60 -19.20 31.21
C PRO A 3 -14.20 -18.77 31.69
N ALA A 4 -13.19 -19.60 31.40
CA ALA A 4 -11.78 -19.32 31.74
C ALA A 4 -11.18 -18.15 30.91
N SER A 5 -11.73 -17.89 29.72
CA SER A 5 -11.32 -16.81 28.80
C SER A 5 -12.07 -15.49 29.02
N GLY A 6 -12.77 -15.33 30.15
CA GLY A 6 -13.58 -14.14 30.47
C GLY A 6 -12.80 -12.86 30.77
N THR A 7 -11.49 -12.95 31.06
CA THR A 7 -10.59 -11.82 31.31
C THR A 7 -9.96 -11.27 30.01
N SER A 8 -9.57 -9.99 30.01
CA SER A 8 -9.00 -9.28 28.86
C SER A 8 -7.97 -8.21 29.25
N LEU A 9 -7.14 -7.80 28.29
CA LEU A 9 -6.12 -6.74 28.43
C LEU A 9 -5.96 -5.95 27.11
N SER A 10 -5.64 -4.66 27.20
CA SER A 10 -5.49 -3.75 26.05
C SER A 10 -4.28 -2.80 26.21
N ALA A 11 -3.76 -2.30 25.08
CA ALA A 11 -2.64 -1.36 25.00
C ALA A 11 -2.82 -0.35 23.85
N ALA A 12 -2.15 0.81 23.94
CA ALA A 12 -2.18 1.86 22.92
C ALA A 12 -1.53 1.42 21.59
N ILE A 13 -1.98 2.00 20.46
CA ILE A 13 -1.51 1.63 19.11
C ILE A 13 -0.11 2.18 18.78
N HIS A 14 0.33 3.24 19.46
CA HIS A 14 1.62 3.94 19.26
C HIS A 14 2.81 3.19 19.89
N ARG A 15 2.91 1.88 19.64
CA ARG A 15 3.90 0.96 20.24
C ARG A 15 4.79 0.16 19.28
N THR A 16 4.39 0.25 18.04
CA THR A 16 4.95 -0.39 16.83
C THR A 16 4.89 0.57 15.63
N GLN A 17 5.44 0.15 14.49
CA GLN A 17 5.39 0.86 13.20
C GLN A 17 3.99 0.79 12.55
N LEU A 18 2.97 1.32 13.24
CA LEU A 18 1.52 1.34 12.95
C LEU A 18 0.99 1.83 11.57
N TRP A 19 1.67 1.54 10.46
CA TRP A 19 1.27 1.86 9.08
C TRP A 19 0.61 0.62 8.43
N PHE A 20 -0.39 0.06 9.13
CA PHE A 20 -1.22 -1.06 8.66
C PHE A 20 -2.65 -0.99 9.25
N HIS A 21 -3.65 -0.75 8.39
CA HIS A 21 -5.07 -0.57 8.72
C HIS A 21 -5.95 -1.26 7.66
N GLY A 22 -7.21 -1.67 7.92
CA GLY A 22 -8.04 -2.24 6.87
C GLY A 22 -9.48 -1.79 6.99
N ARG A 23 -9.69 -0.47 7.04
CA ARG A 23 -11.03 0.15 7.05
C ARG A 23 -10.99 1.53 6.37
N ILE A 24 -10.26 1.59 5.25
CA ILE A 24 -9.99 2.82 4.50
C ILE A 24 -10.06 2.53 2.98
N SER A 25 -11.23 2.13 2.47
CA SER A 25 -11.44 1.71 1.08
C SER A 25 -10.99 2.75 0.06
N ARG A 26 -10.57 2.28 -1.12
CA ARG A 26 -9.97 3.02 -2.24
C ARG A 26 -10.68 4.30 -2.68
N GLU A 27 -12.00 4.36 -2.54
CA GLU A 27 -12.82 5.54 -2.86
C GLU A 27 -12.78 6.62 -1.76
N GLU A 28 -12.71 6.22 -0.48
CA GLU A 28 -12.54 7.13 0.66
C GLU A 28 -11.08 7.54 0.88
N SER A 29 -10.14 6.60 0.72
CA SER A 29 -8.70 6.83 0.95
C SER A 29 -8.15 7.96 0.09
N GLN A 30 -8.62 8.09 -1.15
CA GLN A 30 -8.21 9.17 -2.06
C GLN A 30 -8.64 10.58 -1.61
N ARG A 31 -9.62 10.70 -0.69
CA ARG A 31 -10.03 11.98 -0.09
C ARG A 31 -9.08 12.43 1.03
N LEU A 32 -8.41 11.48 1.68
CA LEU A 32 -7.47 11.72 2.79
C LEU A 32 -6.00 11.78 2.31
N ILE A 33 -5.57 10.78 1.51
CA ILE A 33 -4.19 10.68 1.00
C ILE A 33 -3.95 11.60 -0.22
N GLY A 34 -5.02 12.17 -0.80
CA GLY A 34 -4.95 12.98 -2.04
C GLY A 34 -4.92 14.48 -1.81
N GLN A 35 -4.93 14.93 -0.55
CA GLN A 35 -4.77 16.36 -0.19
C GLN A 35 -3.28 16.75 -0.25
N GLN A 36 -2.39 15.73 -0.30
CA GLN A 36 -0.94 15.84 -0.47
C GLN A 36 -0.53 15.99 -1.95
N GLY A 37 0.72 16.42 -2.21
CA GLY A 37 1.32 16.56 -3.54
C GLY A 37 2.69 15.87 -3.68
N LEU A 38 2.92 14.79 -2.93
CA LEU A 38 4.19 14.06 -2.83
C LEU A 38 4.43 13.05 -4.00
N VAL A 39 5.49 12.25 -3.89
CA VAL A 39 5.82 11.15 -4.82
C VAL A 39 5.00 9.90 -4.53
N ASP A 40 4.81 9.04 -5.54
CA ASP A 40 4.04 7.76 -5.46
C ASP A 40 4.40 6.85 -4.30
N GLY A 41 5.54 7.15 -3.71
CA GLY A 41 6.19 6.41 -2.66
C GLY A 41 5.88 6.92 -1.26
N LEU A 42 4.97 7.86 -1.09
CA LEU A 42 4.51 8.29 0.23
C LEU A 42 3.23 7.49 0.50
N PHE A 43 3.40 6.18 0.42
CA PHE A 43 2.34 5.18 0.47
C PHE A 43 2.10 4.52 1.84
N LEU A 44 1.03 3.73 1.89
CA LEU A 44 0.57 2.93 3.03
C LEU A 44 0.09 1.55 2.54
N VAL A 45 0.39 0.46 3.26
CA VAL A 45 -0.13 -0.89 2.93
C VAL A 45 -1.30 -1.13 3.88
N ARG A 46 -2.51 -1.09 3.32
CA ARG A 46 -3.81 -1.16 4.00
C ARG A 46 -4.79 -1.98 3.19
N GLU A 47 -5.99 -2.21 3.70
CA GLU A 47 -7.08 -2.83 2.93
C GLU A 47 -8.39 -2.22 3.39
N SER A 48 -9.45 -3.02 3.39
CA SER A 48 -10.75 -2.68 3.90
C SER A 48 -11.37 -3.89 4.59
N GLN A 49 -12.45 -3.58 5.28
CA GLN A 49 -13.35 -4.53 5.93
C GLN A 49 -14.58 -4.73 4.95
N ARG A 50 -14.40 -4.20 3.72
CA ARG A 50 -15.21 -4.21 2.47
C ARG A 50 -14.65 -5.30 1.53
N ASN A 51 -13.57 -5.04 0.73
CA ASN A 51 -12.96 -6.12 -0.07
C ASN A 51 -12.56 -7.32 0.83
N PRO A 52 -13.12 -8.54 0.62
CA PRO A 52 -12.85 -9.70 1.47
C PRO A 52 -11.50 -10.38 1.18
N GLN A 53 -10.88 -9.99 0.06
CA GLN A 53 -9.61 -10.51 -0.48
C GLN A 53 -8.55 -9.38 -0.51
N GLY A 54 -8.55 -8.42 0.44
CA GLY A 54 -7.65 -7.26 0.34
C GLY A 54 -6.31 -7.22 1.07
N PHE A 55 -5.31 -6.90 0.25
CA PHE A 55 -3.88 -6.64 0.47
C PHE A 55 -3.37 -5.49 -0.46
N VAL A 56 -3.83 -4.25 -0.27
CA VAL A 56 -3.53 -3.08 -1.16
C VAL A 56 -2.39 -2.19 -0.65
N LEU A 57 -1.66 -1.66 -1.62
CA LEU A 57 -0.63 -0.65 -1.47
C LEU A 57 -1.32 0.63 -1.97
N SER A 58 -1.43 1.68 -1.14
CA SER A 58 -2.15 2.92 -1.44
C SER A 58 -1.10 3.99 -1.63
N LEU A 59 -1.01 4.59 -2.81
CA LEU A 59 0.08 5.50 -3.18
C LEU A 59 -0.23 6.98 -2.99
N CYS A 60 0.82 7.82 -2.93
CA CYS A 60 0.58 9.28 -2.75
C CYS A 60 1.24 9.99 -3.92
N HIS A 61 0.87 9.54 -5.12
CA HIS A 61 1.47 9.98 -6.37
C HIS A 61 1.22 11.46 -6.72
N LEU A 62 1.81 11.85 -7.86
CA LEU A 62 1.86 13.24 -8.36
C LEU A 62 0.88 13.71 -9.38
N GLN A 63 -0.14 12.90 -9.57
CA GLN A 63 -1.27 13.31 -10.36
C GLN A 63 -2.58 12.70 -9.87
N LYS A 64 -2.48 11.53 -9.22
CA LYS A 64 -3.61 10.86 -8.57
C LYS A 64 -3.13 10.04 -7.37
N VAL A 65 -4.06 9.47 -6.60
CA VAL A 65 -3.77 8.56 -5.49
C VAL A 65 -4.59 7.26 -5.63
N LYS A 66 -3.96 6.27 -6.27
CA LYS A 66 -4.57 4.97 -6.63
C LYS A 66 -4.08 3.83 -5.72
N HIS A 67 -4.72 2.67 -5.84
CA HIS A 67 -4.53 1.49 -4.99
C HIS A 67 -4.02 0.29 -5.80
N TYR A 68 -3.47 -0.73 -5.13
CA TYR A 68 -2.80 -1.87 -5.78
C TYR A 68 -3.38 -3.30 -5.59
N LEU A 69 -4.61 -3.50 -5.11
CA LEU A 69 -5.16 -4.84 -4.81
C LEU A 69 -6.32 -5.31 -5.68
N ILE A 70 -6.35 -6.59 -6.06
CA ILE A 70 -7.49 -7.23 -6.74
C ILE A 70 -7.69 -8.66 -6.21
N LEU A 71 -6.60 -9.43 -6.06
CA LEU A 71 -6.65 -10.85 -5.70
C LEU A 71 -5.88 -11.20 -4.39
N PRO A 72 -6.20 -12.34 -3.75
CA PRO A 72 -5.47 -12.89 -2.60
C PRO A 72 -4.35 -13.85 -3.09
N SER A 73 -4.02 -14.89 -2.32
CA SER A 73 -3.07 -15.94 -2.69
C SER A 73 -3.57 -16.80 -3.87
N GLU A 74 -2.65 -17.38 -4.66
CA GLU A 74 -2.94 -18.26 -5.81
C GLU A 74 -1.97 -19.46 -5.88
N GLU A 75 -2.09 -20.31 -6.91
CA GLU A 75 -1.30 -21.55 -7.05
C GLU A 75 -0.08 -21.44 -7.98
N GLU A 76 -0.02 -20.42 -8.85
CA GLU A 76 1.13 -20.12 -9.73
C GLU A 76 1.89 -18.86 -9.30
N GLY A 77 1.68 -18.44 -8.05
CA GLY A 77 2.26 -17.28 -7.38
C GLY A 77 1.86 -17.26 -5.90
N ARG A 78 1.98 -16.11 -5.24
CA ARG A 78 1.53 -15.90 -3.84
C ARG A 78 0.42 -14.84 -3.89
N LEU A 79 0.48 -13.75 -3.11
CA LEU A 79 -0.49 -12.65 -3.22
C LEU A 79 -0.40 -12.14 -4.67
N TYR A 80 -1.46 -12.32 -5.47
CA TYR A 80 -1.42 -12.01 -6.90
C TYR A 80 -1.52 -10.49 -7.25
N PHE A 81 -0.62 -10.05 -8.13
CA PHE A 81 -0.48 -8.67 -8.63
C PHE A 81 -0.09 -8.62 -10.12
N SER A 82 -0.64 -7.68 -10.89
CA SER A 82 -0.49 -7.57 -12.35
C SER A 82 -0.55 -6.17 -13.02
N MET A 83 -0.30 -5.09 -12.27
CA MET A 83 -0.16 -3.69 -12.81
C MET A 83 0.33 -3.57 -14.28
N ASP A 84 -0.05 -2.49 -14.98
CA ASP A 84 0.22 -2.31 -16.42
C ASP A 84 1.66 -2.55 -16.97
N ASP A 85 2.73 -2.37 -16.16
CA ASP A 85 4.12 -2.69 -16.55
C ASP A 85 4.77 -3.80 -15.70
N GLY A 86 3.96 -4.61 -14.98
CA GLY A 86 4.42 -5.63 -14.02
C GLY A 86 3.65 -6.95 -13.99
N GLN A 87 4.22 -7.88 -13.22
CA GLN A 87 3.71 -9.22 -12.86
C GLN A 87 4.06 -9.46 -11.38
N THR A 88 3.63 -8.54 -10.52
CA THR A 88 3.99 -8.48 -9.10
C THR A 88 3.47 -9.48 -8.07
N ARG A 89 2.69 -10.43 -8.57
CA ARG A 89 2.09 -11.65 -7.95
C ARG A 89 2.84 -12.53 -6.92
N PHE A 90 3.75 -11.99 -6.13
CA PHE A 90 4.47 -12.65 -5.04
C PHE A 90 4.30 -11.85 -3.73
N THR A 91 4.57 -12.47 -2.57
CA THR A 91 4.35 -11.86 -1.24
C THR A 91 5.21 -10.61 -1.06
N ASP A 92 4.68 -9.55 -0.45
CA ASP A 92 5.37 -8.26 -0.31
C ASP A 92 6.70 -8.37 0.44
N LEU A 93 6.77 -9.29 1.41
CA LEU A 93 7.99 -9.53 2.19
C LEU A 93 9.17 -10.05 1.35
N LEU A 94 8.90 -10.74 0.22
CA LEU A 94 9.92 -11.22 -0.71
C LEU A 94 10.52 -10.07 -1.55
N GLN A 95 9.68 -9.08 -1.92
CA GLN A 95 10.09 -7.87 -2.61
C GLN A 95 10.80 -6.89 -1.66
N LEU A 96 10.34 -6.77 -0.41
CA LEU A 96 10.83 -5.83 0.61
C LEU A 96 12.36 -5.90 0.79
N VAL A 97 12.94 -7.11 0.81
CA VAL A 97 14.40 -7.31 0.99
C VAL A 97 15.20 -6.64 -0.13
N GLU A 98 14.76 -6.75 -1.38
CA GLU A 98 15.36 -6.11 -2.56
C GLU A 98 14.95 -4.62 -2.70
N PHE A 99 13.73 -4.26 -2.30
CA PHE A 99 13.19 -2.90 -2.36
C PHE A 99 13.64 -1.97 -1.23
N HIS A 100 14.25 -2.45 -0.14
CA HIS A 100 14.59 -1.59 1.01
C HIS A 100 15.52 -0.40 0.66
N GLN A 101 16.53 -0.64 -0.17
CA GLN A 101 17.44 0.40 -0.70
C GLN A 101 16.87 1.14 -1.92
N LEU A 102 16.20 0.43 -2.83
CA LEU A 102 15.67 0.94 -4.10
C LEU A 102 14.34 0.25 -4.48
N ASN A 103 13.23 0.73 -3.93
CA ASN A 103 11.88 0.27 -4.28
C ASN A 103 11.53 0.75 -5.69
N ARG A 104 10.99 -0.12 -6.56
CA ARG A 104 10.67 0.22 -7.97
C ARG A 104 9.43 1.14 -8.13
N GLY A 105 8.76 1.46 -7.02
CA GLY A 105 7.52 2.25 -6.95
C GLY A 105 6.40 1.77 -7.90
N ILE A 106 5.46 2.68 -8.21
CA ILE A 106 4.39 2.43 -9.22
C ILE A 106 4.88 2.62 -10.66
N LEU A 107 3.98 2.51 -11.66
CA LEU A 107 4.21 2.79 -13.08
C LEU A 107 5.07 4.09 -13.25
N PRO A 108 6.09 4.12 -14.13
CA PRO A 108 7.43 4.63 -13.74
C PRO A 108 7.65 6.15 -13.70
N CYS A 109 6.79 6.91 -13.01
CA CYS A 109 6.90 8.34 -12.77
C CYS A 109 8.09 8.66 -11.83
N LEU A 110 8.08 8.05 -10.65
CA LEU A 110 9.10 8.05 -9.59
C LEU A 110 9.21 6.60 -9.02
N LEU A 111 10.08 6.36 -8.02
CA LEU A 111 10.30 4.99 -7.51
C LEU A 111 10.45 4.82 -5.97
N ARG A 112 11.32 5.56 -5.28
CA ARG A 112 11.58 5.35 -3.84
C ARG A 112 10.39 5.72 -2.94
N HIS A 113 10.18 4.97 -1.85
CA HIS A 113 9.17 5.22 -0.82
C HIS A 113 9.74 5.73 0.51
N CYS A 114 8.81 6.23 1.31
CA CYS A 114 9.01 6.86 2.62
C CYS A 114 7.87 6.42 3.59
N CYS A 115 7.59 7.22 4.63
CA CYS A 115 6.48 7.02 5.58
C CYS A 115 5.45 8.15 5.40
N THR A 116 4.15 7.81 5.36
CA THR A 116 3.04 8.77 5.07
C THR A 116 2.13 9.08 6.27
N ARG A 117 1.26 10.09 6.11
CA ARG A 117 0.26 10.48 7.13
C ARG A 117 -1.03 9.66 6.96
N VAL A 118 -1.47 9.00 8.03
CA VAL A 118 -2.69 8.16 8.03
C VAL A 118 -3.93 8.94 8.50
N ALA A 119 -3.77 9.83 9.49
CA ALA A 119 -4.84 10.65 10.06
C ALA A 119 -5.25 11.84 9.17
N LEU A 120 -6.44 12.40 9.45
CA LEU A 120 -7.02 13.60 8.81
C LEU A 120 -7.03 14.81 9.76
N PRO B 1 -13.84 9.40 -15.00
CA PRO B 1 -14.20 8.77 -13.71
C PRO B 1 -13.05 8.75 -12.67
N GLN B 2 -13.37 8.45 -11.41
CA GLN B 2 -12.38 8.32 -10.33
C GLN B 2 -11.51 7.04 -10.48
N PRO B 3 -10.22 7.07 -10.05
CA PRO B 3 -9.37 5.88 -10.00
C PRO B 3 -9.77 4.94 -8.85
N GLU B 4 -9.38 3.67 -8.96
CA GLU B 4 -9.60 2.62 -7.94
C GLU B 4 -8.29 1.83 -7.73
N PTR B 5 -8.30 0.56 -8.12
CA PTR B 5 -7.23 -0.41 -8.01
C PTR B 5 -6.18 -0.37 -9.19
O PTR B 5 -6.13 0.62 -9.93
CB PTR B 5 -7.93 -1.69 -7.52
CG PTR B 5 -8.47 -1.64 -6.06
CD1 PTR B 5 -7.55 -1.68 -4.98
CD2 PTR B 5 -9.85 -1.68 -5.75
CE1 PTR B 5 -8.01 -1.87 -3.67
CE2 PTR B 5 -10.30 -1.96 -4.41
CZ PTR B 5 -9.36 -2.06 -3.37
OH PTR B 5 -9.67 -2.54 -2.19
P PTR B 5 -10.45 -1.69 -1.12
O1P PTR B 5 -11.87 -1.74 -1.50
O2P PTR B 5 -10.12 -2.30 0.15
O3P PTR B 5 -9.89 -0.35 -1.22
H PTR B 5 -9.16 0.21 -8.49
HA PTR B 5 -6.62 -0.24 -7.20
HB2 PTR B 5 -8.76 -1.93 -8.18
HB3 PTR B 5 -7.23 -2.51 -7.56
HD1 PTR B 5 -6.49 -1.64 -5.13
HD2 PTR B 5 -10.60 -1.52 -6.52
HE1 PTR B 5 -7.31 -1.94 -2.86
HE2 PTR B 5 -11.33 -2.15 -4.15
N VAL B 6 -5.33 -1.40 -9.35
CA VAL B 6 -4.24 -1.47 -10.39
C VAL B 6 -4.00 -2.77 -11.07
N ASN B 7 -4.30 -3.91 -10.45
CA ASN B 7 -4.22 -5.15 -11.26
C ASN B 7 -5.28 -4.88 -12.39
N GLN B 8 -6.27 -4.03 -11.99
CA GLN B 8 -7.31 -3.31 -12.67
C GLN B 8 -7.61 -2.12 -11.77
N PRO B 9 -8.15 -0.98 -12.27
CA PRO B 9 -8.99 -0.11 -11.43
C PRO B 9 -10.37 -0.81 -11.21
N ASP B 10 -10.25 -1.99 -10.62
CA ASP B 10 -11.17 -3.07 -10.30
C ASP B 10 -12.31 -3.32 -11.32
N GLY A 1 32.78 10.75 22.29
CA GLY A 1 31.47 10.21 21.86
C GLY A 1 31.59 8.84 21.20
N SER A 2 30.51 8.37 20.59
CA SER A 2 30.43 7.05 19.92
C SER A 2 31.29 6.98 18.64
N PRO A 3 31.83 5.79 18.27
CA PRO A 3 32.67 5.62 17.08
C PRO A 3 31.88 5.66 15.76
N ALA A 4 30.56 5.42 15.81
CA ALA A 4 29.62 5.50 14.68
C ALA A 4 28.24 6.04 15.13
N SER A 5 27.46 6.55 14.18
CA SER A 5 26.15 7.16 14.45
C SER A 5 25.02 6.14 14.73
N GLY A 6 25.22 4.88 14.39
CA GLY A 6 24.26 3.79 14.59
C GLY A 6 24.66 2.47 13.89
N THR A 7 23.76 1.49 13.92
CA THR A 7 23.91 0.16 13.29
C THR A 7 22.67 -0.23 12.48
N SER A 8 22.83 -1.12 11.50
CA SER A 8 21.75 -1.62 10.63
C SER A 8 20.85 -2.65 11.34
N LEU A 9 19.56 -2.65 11.01
CA LEU A 9 18.54 -3.56 11.55
C LEU A 9 17.42 -3.82 10.53
N SER A 10 16.81 -5.01 10.56
CA SER A 10 15.66 -5.38 9.71
C SER A 10 14.35 -4.67 10.15
N ALA A 11 13.34 -4.68 9.29
CA ALA A 11 12.02 -4.09 9.57
C ALA A 11 11.24 -4.86 10.66
N ALA A 12 10.30 -4.16 11.32
CA ALA A 12 9.42 -4.69 12.36
C ALA A 12 7.96 -4.26 12.15
N ILE A 13 7.02 -4.98 12.77
CA ILE A 13 5.57 -4.71 12.68
C ILE A 13 5.16 -3.41 13.39
N HIS A 14 4.04 -2.83 12.96
CA HIS A 14 3.40 -1.65 13.56
C HIS A 14 2.88 -1.93 14.98
N ARG A 15 2.98 -0.94 15.89
CA ARG A 15 2.51 -1.04 17.30
C ARG A 15 1.20 -0.33 17.64
N THR A 16 0.69 0.33 16.63
CA THR A 16 -0.61 1.03 16.54
C THR A 16 -1.18 0.82 15.13
N GLN A 17 -2.29 1.48 14.77
CA GLN A 17 -2.83 1.43 13.40
C GLN A 17 -2.12 2.38 12.41
N LEU A 18 -1.00 3.02 12.77
CA LEU A 18 -0.32 4.05 11.95
C LEU A 18 0.07 3.66 10.51
N TRP A 19 0.23 2.36 10.27
CA TRP A 19 0.58 1.77 8.96
C TRP A 19 -0.38 0.66 8.50
N PHE A 20 -1.49 0.40 9.21
CA PHE A 20 -2.49 -0.60 8.80
C PHE A 20 -3.92 -0.31 9.27
N HIS A 21 -4.85 -0.28 8.31
CA HIS A 21 -6.31 -0.10 8.46
C HIS A 21 -7.02 -1.01 7.44
N GLY A 22 -8.21 -1.60 7.67
CA GLY A 22 -8.90 -2.35 6.63
C GLY A 22 -10.37 -1.99 6.48
N ARG A 23 -10.77 -0.77 6.88
CA ARG A 23 -12.13 -0.24 6.70
C ARG A 23 -12.15 1.23 6.25
N ILE A 24 -11.00 1.71 5.79
CA ILE A 24 -10.83 3.05 5.21
C ILE A 24 -10.82 2.88 3.69
N SER A 25 -12.00 2.55 3.17
CA SER A 25 -12.28 2.20 1.78
C SER A 25 -11.63 3.17 0.78
N ARG A 26 -11.31 2.69 -0.42
CA ARG A 26 -10.55 3.44 -1.46
C ARG A 26 -10.92 4.90 -1.70
N GLU A 27 -12.21 5.24 -1.71
CA GLU A 27 -12.72 6.61 -1.87
C GLU A 27 -12.51 7.50 -0.62
N GLU A 28 -12.48 6.90 0.57
CA GLU A 28 -12.19 7.56 1.84
C GLU A 28 -10.68 7.74 2.04
N SER A 29 -9.89 6.68 1.81
CA SER A 29 -8.43 6.73 1.97
C SER A 29 -7.76 7.63 0.94
N GLN A 30 -8.26 7.72 -0.30
CA GLN A 30 -7.67 8.64 -1.28
C GLN A 30 -7.87 10.13 -0.97
N ARG A 31 -8.74 10.47 -0.01
CA ARG A 31 -8.94 11.84 0.50
C ARG A 31 -7.84 12.21 1.52
N LEU A 32 -7.42 11.24 2.35
CA LEU A 32 -6.43 11.40 3.43
C LEU A 32 -4.99 11.16 2.94
N ILE A 33 -4.76 10.11 2.16
CA ILE A 33 -3.43 9.75 1.60
C ILE A 33 -3.07 10.66 0.40
N GLY A 34 -4.06 11.42 -0.13
CA GLY A 34 -3.89 12.26 -1.33
C GLY A 34 -3.58 13.73 -1.04
N GLN A 35 -3.46 14.10 0.24
CA GLN A 35 -3.05 15.46 0.65
C GLN A 35 -1.52 15.61 0.58
N GLN A 36 -0.79 14.51 0.42
CA GLN A 36 0.67 14.44 0.35
C GLN A 36 1.21 14.80 -1.06
N GLY A 37 2.44 15.33 -1.12
CA GLY A 37 3.10 15.82 -2.35
C GLY A 37 4.55 15.33 -2.56
N LEU A 38 4.94 14.23 -1.90
CA LEU A 38 6.27 13.62 -1.98
C LEU A 38 6.42 12.73 -3.25
N VAL A 39 7.55 11.99 -3.37
CA VAL A 39 7.78 11.01 -4.45
C VAL A 39 6.65 9.99 -4.54
N ASP A 40 6.44 9.47 -5.76
CA ASP A 40 5.34 8.56 -6.11
C ASP A 40 5.13 7.35 -5.20
N GLY A 41 6.19 7.05 -4.46
CA GLY A 41 6.37 5.90 -3.60
C GLY A 41 6.10 6.11 -2.10
N LEU A 42 5.31 7.10 -1.66
CA LEU A 42 5.00 7.26 -0.23
C LEU A 42 3.68 6.54 0.02
N PHE A 43 3.76 5.21 0.11
CA PHE A 43 2.58 4.35 0.20
C PHE A 43 2.17 3.90 1.61
N LEU A 44 0.94 3.39 1.72
CA LEU A 44 0.32 2.78 2.91
C LEU A 44 -0.22 1.38 2.53
N VAL A 45 -0.24 0.44 3.47
CA VAL A 45 -0.84 -0.90 3.29
C VAL A 45 -2.12 -0.97 4.10
N ARG A 46 -3.26 -0.94 3.40
CA ARG A 46 -4.62 -0.90 3.96
C ARG A 46 -5.51 -1.77 3.13
N GLU A 47 -6.69 -2.08 3.64
CA GLU A 47 -7.68 -2.80 2.85
C GLU A 47 -9.07 -2.27 3.14
N SER A 48 -10.05 -3.04 2.75
CA SER A 48 -11.45 -2.75 2.90
C SER A 48 -12.09 -4.01 3.47
N GLN A 49 -13.12 -3.77 4.26
CA GLN A 49 -13.95 -4.83 4.82
C GLN A 49 -15.20 -5.00 3.88
N ARG A 50 -15.07 -4.41 2.67
CA ARG A 50 -15.94 -4.42 1.48
C ARG A 50 -15.47 -5.46 0.45
N ASN A 51 -14.36 -5.25 -0.29
CA ASN A 51 -13.84 -6.29 -1.19
C ASN A 51 -13.51 -7.64 -0.48
N PRO A 52 -13.80 -8.81 -1.09
CA PRO A 52 -13.60 -10.14 -0.48
C PRO A 52 -12.18 -10.72 -0.64
N GLN A 53 -11.38 -10.19 -1.57
CA GLN A 53 -10.01 -10.63 -1.91
C GLN A 53 -9.01 -9.47 -1.67
N GLY A 54 -9.32 -8.55 -0.75
CA GLY A 54 -8.54 -7.34 -0.55
C GLY A 54 -7.49 -7.23 0.55
N PHE A 55 -6.34 -6.87 0.04
CA PHE A 55 -5.06 -6.50 0.65
C PHE A 55 -4.52 -5.40 -0.28
N VAL A 56 -4.74 -4.09 -0.01
CA VAL A 56 -4.36 -3.01 -0.95
C VAL A 56 -3.04 -2.32 -0.61
N LEU A 57 -2.26 -2.07 -1.66
CA LEU A 57 -1.05 -1.26 -1.62
C LEU A 57 -1.61 0.08 -2.14
N SER A 58 -1.50 1.17 -1.37
CA SER A 58 -2.11 2.47 -1.71
C SER A 58 -0.96 3.45 -1.81
N LEU A 59 -0.79 4.10 -2.96
CA LEU A 59 0.38 4.93 -3.24
C LEU A 59 0.20 6.42 -2.96
N CYS A 60 1.27 7.18 -3.16
CA CYS A 60 1.26 8.64 -3.07
C CYS A 60 1.90 9.13 -4.36
N HIS A 61 1.22 8.87 -5.48
CA HIS A 61 1.75 9.15 -6.80
C HIS A 61 1.77 10.67 -7.09
N LEU A 62 2.08 11.04 -8.32
CA LEU A 62 2.28 12.45 -8.73
C LEU A 62 1.16 13.19 -9.37
N GLN A 63 0.00 12.55 -9.38
CA GLN A 63 -1.19 13.25 -9.78
C GLN A 63 -2.44 12.79 -9.03
N LYS A 64 -2.44 11.54 -8.56
CA LYS A 64 -3.52 10.98 -7.73
C LYS A 64 -2.99 9.91 -6.77
N VAL A 65 -3.87 9.28 -5.99
CA VAL A 65 -3.53 8.15 -5.13
C VAL A 65 -4.46 6.96 -5.43
N LYS A 66 -3.83 5.90 -5.95
CA LYS A 66 -4.45 4.66 -6.47
C LYS A 66 -4.13 3.46 -5.57
N HIS A 67 -4.89 2.38 -5.71
CA HIS A 67 -4.83 1.18 -4.85
C HIS A 67 -4.62 -0.17 -5.60
N TYR A 68 -4.14 -1.22 -4.93
CA TYR A 68 -3.79 -2.55 -5.55
C TYR A 68 -4.40 -3.75 -4.78
N LEU A 69 -5.65 -4.21 -5.03
CA LEU A 69 -6.27 -5.29 -4.18
C LEU A 69 -7.17 -6.39 -4.79
N ILE A 70 -6.99 -6.81 -6.04
CA ILE A 70 -7.98 -7.71 -6.65
C ILE A 70 -7.66 -9.21 -6.61
N LEU A 71 -6.43 -9.62 -6.30
CA LEU A 71 -6.04 -11.04 -6.36
C LEU A 71 -5.39 -11.57 -5.07
N PRO A 72 -5.63 -12.85 -4.71
CA PRO A 72 -5.04 -13.53 -3.54
C PRO A 72 -3.63 -14.08 -3.85
N SER A 73 -3.06 -14.89 -2.94
CA SER A 73 -1.77 -15.56 -3.17
C SER A 73 -1.87 -16.72 -4.18
N GLU A 74 -0.81 -16.97 -4.96
CA GLU A 74 -0.76 -18.07 -5.95
C GLU A 74 0.52 -18.93 -5.83
N GLU A 75 0.68 -19.90 -6.71
CA GLU A 75 1.89 -20.76 -6.83
C GLU A 75 2.82 -20.27 -7.96
N GLU A 76 2.40 -19.27 -8.72
CA GLU A 76 3.19 -18.58 -9.78
C GLU A 76 3.78 -17.25 -9.26
N GLY A 77 3.80 -17.07 -7.94
CA GLY A 77 4.21 -15.87 -7.22
C GLY A 77 3.90 -16.03 -5.73
N ARG A 78 3.75 -14.92 -4.99
CA ARG A 78 3.31 -14.90 -3.58
C ARG A 78 1.98 -14.18 -3.56
N LEU A 79 1.79 -13.13 -2.75
CA LEU A 79 0.57 -12.30 -2.78
C LEU A 79 0.51 -11.73 -4.21
N TYR A 80 -0.50 -12.09 -5.01
CA TYR A 80 -0.54 -11.70 -6.42
C TYR A 80 -0.92 -10.23 -6.66
N PHE A 81 -0.12 -9.54 -7.49
CA PHE A 81 -0.35 -8.18 -7.93
C PHE A 81 0.05 -7.89 -9.36
N SER A 82 -0.60 -6.87 -9.89
CA SER A 82 -0.37 -6.24 -11.19
C SER A 82 -0.66 -4.73 -11.10
N MET A 83 -0.79 -4.15 -12.27
CA MET A 83 -0.92 -2.79 -12.77
C MET A 83 -1.61 -2.82 -14.14
N ASP A 84 -1.70 -1.66 -14.80
CA ASP A 84 -2.21 -1.61 -16.18
C ASP A 84 -1.16 -2.25 -17.13
N ASP A 85 0.14 -2.17 -16.80
CA ASP A 85 1.25 -2.82 -17.55
C ASP A 85 2.33 -3.42 -16.61
N GLY A 86 1.92 -4.12 -15.54
CA GLY A 86 2.84 -4.66 -14.51
C GLY A 86 2.49 -6.04 -13.94
N GLN A 87 3.42 -6.58 -13.14
CA GLN A 87 3.41 -7.94 -12.53
C GLN A 87 3.96 -7.95 -11.09
N THR A 88 3.37 -7.16 -10.17
CA THR A 88 3.89 -6.97 -8.79
C THR A 88 3.68 -8.03 -7.70
N ARG A 89 3.12 -9.15 -8.12
CA ARG A 89 2.84 -10.46 -7.46
C ARG A 89 3.86 -11.12 -6.48
N PHE A 90 4.51 -10.36 -5.61
CA PHE A 90 5.42 -10.82 -4.55
C PHE A 90 5.00 -10.26 -3.18
N THR A 91 5.45 -10.88 -2.07
CA THR A 91 5.09 -10.47 -0.70
C THR A 91 5.64 -9.08 -0.39
N ASP A 92 4.86 -8.22 0.26
CA ASP A 92 5.25 -6.82 0.51
C ASP A 92 6.35 -6.69 1.57
N LEU A 93 6.20 -7.37 2.72
CA LEU A 93 7.14 -7.23 3.84
C LEU A 93 8.56 -7.72 3.52
N LEU A 94 8.70 -8.75 2.69
CA LEU A 94 10.00 -9.28 2.25
C LEU A 94 10.72 -8.32 1.28
N GLN A 95 9.96 -7.58 0.46
CA GLN A 95 10.47 -6.55 -0.44
C GLN A 95 10.73 -5.22 0.27
N LEU A 96 10.00 -4.92 1.35
CA LEU A 96 10.11 -3.66 2.11
C LEU A 96 11.47 -3.51 2.80
N VAL A 97 12.15 -4.59 3.18
CA VAL A 97 13.49 -4.52 3.82
C VAL A 97 14.55 -4.07 2.79
N GLU A 98 14.97 -4.97 1.90
CA GLU A 98 16.05 -4.73 0.92
C GLU A 98 15.62 -3.97 -0.34
N PHE A 99 14.49 -4.33 -0.94
CA PHE A 99 14.03 -3.78 -2.22
C PHE A 99 13.28 -2.43 -2.21
N HIS A 100 13.03 -1.76 -1.08
CA HIS A 100 12.21 -0.51 -1.10
C HIS A 100 12.86 0.66 -1.85
N GLN A 101 14.17 0.86 -1.65
CA GLN A 101 14.97 1.95 -2.24
C GLN A 101 15.41 1.70 -3.70
N LEU A 102 15.26 0.47 -4.20
CA LEU A 102 15.58 0.06 -5.57
C LEU A 102 14.54 -0.98 -6.06
N ASN A 103 13.30 -0.50 -6.19
CA ASN A 103 12.11 -1.30 -6.54
C ASN A 103 11.72 -1.13 -8.02
N ARG A 104 10.49 -1.53 -8.37
CA ARG A 104 9.87 -1.34 -9.69
C ARG A 104 8.96 -0.09 -9.71
N GLY A 105 8.85 0.59 -8.56
CA GLY A 105 7.99 1.76 -8.32
C GLY A 105 6.53 1.57 -8.71
N ILE A 106 5.94 2.66 -9.17
CA ILE A 106 4.54 2.76 -9.64
C ILE A 106 4.45 2.67 -11.18
N LEU A 107 3.23 2.73 -11.76
CA LEU A 107 2.98 2.62 -13.21
C LEU A 107 4.00 3.38 -14.13
N PRO A 108 4.26 4.71 -13.99
CA PRO A 108 5.05 5.45 -14.99
C PRO A 108 6.33 6.19 -14.52
N CYS A 109 6.33 6.87 -13.36
CA CYS A 109 7.40 7.71 -12.84
C CYS A 109 8.44 7.01 -11.95
N LEU A 110 8.70 7.54 -10.74
CA LEU A 110 9.75 7.07 -9.80
C LEU A 110 9.70 5.57 -9.47
N LEU A 111 10.88 4.96 -9.35
CA LEU A 111 11.08 3.51 -9.14
C LEU A 111 11.21 3.04 -7.68
N ARG A 112 11.29 3.96 -6.71
CA ARG A 112 11.47 3.63 -5.27
C ARG A 112 10.21 3.94 -4.44
N HIS A 113 10.05 3.22 -3.33
CA HIS A 113 8.97 3.42 -2.34
C HIS A 113 9.54 3.61 -0.93
N CYS A 114 8.68 4.19 -0.10
CA CYS A 114 8.83 4.54 1.30
C CYS A 114 7.49 4.26 2.02
N CYS A 115 7.28 4.82 3.21
CA CYS A 115 6.01 4.68 3.97
C CYS A 115 5.41 6.04 4.36
N THR A 116 4.10 6.23 4.14
CA THR A 116 3.35 7.44 4.56
C THR A 116 2.58 7.21 5.87
N ARG A 117 1.94 8.26 6.38
CA ARG A 117 1.22 8.28 7.67
C ARG A 117 -0.26 8.70 7.54
N VAL A 118 -1.03 8.44 8.60
CA VAL A 118 -2.46 8.78 8.72
C VAL A 118 -2.75 9.68 9.94
N ALA A 119 -3.85 10.42 9.90
CA ALA A 119 -4.31 11.27 11.00
C ALA A 119 -4.86 10.43 12.18
N LEU A 120 -4.74 10.97 13.41
CA LEU A 120 -5.18 10.36 14.68
C LEU A 120 -5.74 11.41 15.65
N PRO B 1 -12.21 14.01 -9.52
CA PRO B 1 -12.28 12.60 -9.06
C PRO B 1 -10.94 11.85 -9.14
N GLN B 2 -10.87 10.65 -8.55
CA GLN B 2 -9.70 9.76 -8.55
C GLN B 2 -10.11 8.29 -8.87
N PRO B 3 -9.22 7.47 -9.47
CA PRO B 3 -9.51 6.08 -9.83
C PRO B 3 -9.52 5.13 -8.61
N GLU B 4 -10.07 3.93 -8.79
CA GLU B 4 -10.16 2.88 -7.78
C GLU B 4 -8.84 2.07 -7.66
N PTR B 5 -8.86 0.84 -8.18
CA PTR B 5 -7.81 -0.16 -8.14
C PTR B 5 -6.74 -0.04 -9.28
O PTR B 5 -6.69 0.96 -10.01
CB PTR B 5 -8.45 -1.47 -7.61
CG PTR B 5 -9.00 -1.31 -6.17
CD1 PTR B 5 -8.13 -1.23 -5.06
CD2 PTR B 5 -10.39 -1.24 -5.92
CE1 PTR B 5 -8.65 -0.90 -3.80
CE2 PTR B 5 -10.90 -1.21 -4.60
CZ PTR B 5 -10.02 -0.96 -3.52
OH PTR B 5 -10.34 -0.81 -2.25
P PTR B 5 -11.79 -0.90 -1.63
O1P PTR B 5 -11.56 -0.17 -0.40
O2P PTR B 5 -12.64 -0.19 -2.56
O3P PTR B 5 -12.11 -2.30 -1.48
H PTR B 5 -9.74 0.54 -8.56
HA PTR B 5 -7.19 0.02 -7.33
HB2 PTR B 5 -9.26 -1.77 -8.27
HB3 PTR B 5 -7.70 -2.26 -7.60
HD1 PTR B 5 -7.05 -1.42 -5.07
HD2 PTR B 5 -11.12 -1.24 -6.73
HE1 PTR B 5 -7.97 -0.77 -2.97
HE2 PTR B 5 -11.94 -1.41 -4.40
N VAL B 6 -5.85 -1.03 -9.43
CA VAL B 6 -4.68 -1.04 -10.36
C VAL B 6 -4.39 -2.34 -11.04
N ASN B 7 -4.63 -3.50 -10.40
CA ASN B 7 -4.57 -4.75 -11.19
C ASN B 7 -5.57 -4.46 -12.37
N GLN B 8 -6.57 -3.61 -12.02
CA GLN B 8 -7.57 -2.89 -12.73
C GLN B 8 -8.04 -1.79 -11.77
N PRO B 9 -8.63 -0.68 -12.24
CA PRO B 9 -9.59 0.11 -11.45
C PRO B 9 -10.92 -0.67 -11.24
N ASP B 10 -10.73 -1.89 -10.75
CA ASP B 10 -11.59 -3.04 -10.50
C ASP B 10 -12.68 -3.30 -11.57
N GLY A 1 21.50 -1.36 26.12
CA GLY A 1 21.58 -2.83 26.22
C GLY A 1 20.23 -3.47 26.56
N SER A 2 20.07 -4.74 26.20
CA SER A 2 18.85 -5.53 26.48
C SER A 2 18.77 -6.02 27.95
N PRO A 3 17.57 -6.38 28.45
CA PRO A 3 17.39 -6.91 29.81
C PRO A 3 18.18 -8.19 30.11
N ALA A 4 18.55 -8.39 31.38
CA ALA A 4 19.26 -9.60 31.83
C ALA A 4 18.33 -10.83 32.01
N SER A 5 17.02 -10.60 32.18
CA SER A 5 15.97 -11.63 32.31
C SER A 5 14.63 -11.11 31.78
N GLY A 6 13.69 -12.02 31.47
CA GLY A 6 12.33 -11.69 31.00
C GLY A 6 12.25 -11.18 29.56
N THR A 7 13.27 -11.41 28.73
CA THR A 7 13.38 -10.89 27.35
C THR A 7 12.30 -11.43 26.40
N SER A 8 11.67 -12.57 26.73
CA SER A 8 10.54 -13.14 25.98
C SER A 8 9.22 -12.38 26.13
N LEU A 9 9.17 -11.38 27.02
CA LEU A 9 7.98 -10.57 27.34
C LEU A 9 7.94 -9.21 26.62
N SER A 10 8.98 -8.88 25.84
CA SER A 10 9.12 -7.60 25.13
C SER A 10 8.07 -7.42 24.01
N ALA A 11 7.57 -6.19 23.86
CA ALA A 11 6.57 -5.82 22.85
C ALA A 11 7.19 -5.54 21.46
N ALA A 12 6.34 -5.50 20.43
CA ALA A 12 6.73 -5.13 19.06
C ALA A 12 7.11 -3.65 18.92
N ILE A 13 7.89 -3.31 17.87
CA ILE A 13 8.32 -1.94 17.58
C ILE A 13 7.14 -1.12 17.02
N HIS A 14 7.02 0.15 17.42
CA HIS A 14 5.91 1.07 17.09
C HIS A 14 5.92 1.62 15.64
N ARG A 15 6.22 0.75 14.67
CA ARG A 15 6.25 0.99 13.21
C ARG A 15 5.57 -0.10 12.38
N THR A 16 4.82 -0.94 13.08
CA THR A 16 4.15 -2.16 12.61
C THR A 16 2.65 -1.97 12.38
N GLN A 17 1.86 -1.89 13.46
CA GLN A 17 0.42 -1.60 13.38
C GLN A 17 0.16 -0.08 13.21
N LEU A 18 1.20 0.75 13.39
CA LEU A 18 1.08 2.21 13.35
C LEU A 18 0.94 2.81 11.93
N TRP A 19 1.23 1.99 10.92
CA TRP A 19 1.07 2.30 9.47
C TRP A 19 0.18 1.23 8.80
N PHE A 20 -0.93 0.89 9.47
CA PHE A 20 -1.90 -0.12 9.03
C PHE A 20 -3.35 0.27 9.36
N HIS A 21 -4.25 0.10 8.39
CA HIS A 21 -5.71 0.29 8.51
C HIS A 21 -6.44 -0.79 7.69
N GLY A 22 -7.70 -1.14 7.94
CA GLY A 22 -8.40 -2.08 7.07
C GLY A 22 -9.87 -1.72 6.82
N ARG A 23 -10.26 -0.45 6.98
CA ARG A 23 -11.60 0.06 6.66
C ARG A 23 -11.55 1.51 6.15
N ILE A 24 -10.71 1.73 5.14
CA ILE A 24 -10.58 3.02 4.43
C ILE A 24 -10.40 2.75 2.92
N SER A 25 -11.43 2.09 2.37
CA SER A 25 -11.53 1.56 1.00
C SER A 25 -11.05 2.53 -0.09
N ARG A 26 -10.61 2.00 -1.24
CA ARG A 26 -9.99 2.71 -2.37
C ARG A 26 -10.69 3.98 -2.88
N GLU A 27 -12.02 4.04 -2.84
CA GLU A 27 -12.78 5.27 -3.20
C GLU A 27 -12.82 6.30 -2.06
N GLU A 28 -12.74 5.86 -0.80
CA GLU A 28 -12.75 6.71 0.40
C GLU A 28 -11.39 7.33 0.73
N SER A 29 -10.31 6.53 0.72
CA SER A 29 -8.97 6.98 1.13
C SER A 29 -8.40 8.06 0.22
N GLN A 30 -8.71 8.04 -1.08
CA GLN A 30 -8.26 9.09 -2.02
C GLN A 30 -8.92 10.46 -1.79
N ARG A 31 -10.05 10.53 -1.07
CA ARG A 31 -10.72 11.79 -0.68
C ARG A 31 -9.97 12.51 0.45
N LEU A 32 -9.31 11.75 1.33
CA LEU A 32 -8.60 12.26 2.51
C LEU A 32 -7.09 12.40 2.24
N ILE A 33 -6.43 11.28 1.91
CA ILE A 33 -4.97 11.14 1.71
C ILE A 33 -4.50 11.59 0.32
N GLY A 34 -5.42 12.00 -0.57
CA GLY A 34 -5.09 12.35 -1.97
C GLY A 34 -4.88 13.84 -2.23
N GLN A 35 -4.83 14.65 -1.17
CA GLN A 35 -4.50 16.08 -1.21
C GLN A 35 -2.98 16.34 -1.31
N GLN A 36 -2.15 15.28 -1.24
CA GLN A 36 -0.69 15.38 -1.20
C GLN A 36 -0.08 15.81 -2.55
N GLY A 37 1.02 16.56 -2.51
CA GLY A 37 1.83 16.99 -3.66
C GLY A 37 3.19 16.28 -3.79
N LEU A 38 3.36 15.16 -3.07
CA LEU A 38 4.61 14.39 -2.95
C LEU A 38 4.87 13.43 -4.15
N VAL A 39 6.01 12.74 -4.12
CA VAL A 39 6.49 11.78 -5.14
C VAL A 39 5.73 10.45 -5.19
N ASP A 40 6.00 9.68 -6.25
CA ASP A 40 5.54 8.31 -6.54
C ASP A 40 5.91 7.25 -5.48
N GLY A 41 6.18 7.69 -4.25
CA GLY A 41 6.64 6.86 -3.15
C GLY A 41 6.12 7.10 -1.73
N LEU A 42 5.11 7.92 -1.51
CA LEU A 42 4.61 8.19 -0.14
C LEU A 42 3.39 7.29 0.12
N PHE A 43 3.67 5.98 0.26
CA PHE A 43 2.64 4.94 0.37
C PHE A 43 2.30 4.48 1.80
N LEU A 44 1.21 3.72 1.87
CA LEU A 44 0.64 3.06 3.06
C LEU A 44 0.16 1.64 2.69
N VAL A 45 0.12 0.71 3.64
CA VAL A 45 -0.39 -0.67 3.44
C VAL A 45 -1.63 -0.86 4.32
N ARG A 46 -2.80 -0.78 3.68
CA ARG A 46 -4.13 -0.82 4.29
C ARG A 46 -5.08 -1.59 3.39
N GLU A 47 -6.23 -1.99 3.90
CA GLU A 47 -7.26 -2.64 3.07
C GLU A 47 -8.69 -2.23 3.47
N SER A 48 -9.60 -3.12 3.15
CA SER A 48 -11.02 -3.21 3.41
C SER A 48 -11.28 -4.49 4.21
N GLN A 49 -12.30 -4.40 5.06
CA GLN A 49 -12.85 -5.51 5.84
C GLN A 49 -14.11 -6.03 5.08
N ARG A 50 -14.31 -5.48 3.86
CA ARG A 50 -15.43 -5.65 2.92
C ARG A 50 -15.10 -6.69 1.84
N ASN A 51 -14.15 -6.48 0.89
CA ASN A 51 -13.80 -7.57 -0.02
C ASN A 51 -12.84 -8.55 0.72
N PRO A 52 -13.20 -9.83 0.97
CA PRO A 52 -12.43 -10.71 1.88
C PRO A 52 -11.01 -11.06 1.38
N GLN A 53 -10.76 -10.83 0.10
CA GLN A 53 -9.50 -11.02 -0.61
C GLN A 53 -8.59 -9.78 -0.52
N GLY A 54 -8.83 -8.79 0.37
CA GLY A 54 -8.07 -7.54 0.35
C GLY A 54 -6.85 -7.30 1.26
N PHE A 55 -5.77 -6.99 0.54
CA PHE A 55 -4.41 -6.57 0.92
C PHE A 55 -3.85 -5.53 -0.09
N VAL A 56 -4.15 -4.22 0.02
CA VAL A 56 -3.77 -3.16 -0.95
C VAL A 56 -2.52 -2.38 -0.55
N LEU A 57 -1.75 -2.02 -1.57
CA LEU A 57 -0.60 -1.14 -1.48
C LEU A 57 -1.20 0.19 -1.95
N SER A 58 -1.15 1.25 -1.14
CA SER A 58 -1.81 2.52 -1.46
C SER A 58 -0.72 3.54 -1.61
N LEU A 59 -0.45 3.91 -2.86
CA LEU A 59 0.68 4.74 -3.23
C LEU A 59 0.31 6.20 -3.39
N CYS A 60 1.32 7.05 -3.27
CA CYS A 60 1.21 8.49 -3.51
C CYS A 60 1.95 8.50 -4.80
N HIS A 61 1.31 9.05 -5.80
CA HIS A 61 1.80 8.99 -7.15
C HIS A 61 2.21 10.38 -7.67
N LEU A 62 2.03 10.63 -8.95
CA LEU A 62 2.46 11.87 -9.63
C LEU A 62 1.40 12.91 -9.76
N GLN A 63 0.19 12.56 -9.38
CA GLN A 63 -0.82 13.58 -9.27
C GLN A 63 -1.91 13.30 -8.22
N LYS A 64 -2.06 12.04 -7.80
CA LYS A 64 -3.02 11.65 -6.75
C LYS A 64 -2.53 10.42 -5.96
N VAL A 65 -3.44 9.71 -5.29
CA VAL A 65 -3.17 8.44 -4.58
C VAL A 65 -3.95 7.31 -5.25
N LYS A 66 -3.35 6.12 -5.35
CA LYS A 66 -3.93 4.97 -6.08
C LYS A 66 -3.73 3.66 -5.29
N HIS A 67 -4.65 2.71 -5.46
CA HIS A 67 -4.68 1.44 -4.68
C HIS A 67 -4.40 0.21 -5.53
N TYR A 68 -3.72 -0.75 -4.93
CA TYR A 68 -3.19 -1.96 -5.57
C TYR A 68 -3.57 -3.30 -4.91
N LEU A 69 -4.85 -3.71 -4.96
CA LEU A 69 -5.34 -5.02 -4.47
C LEU A 69 -6.42 -5.60 -5.38
N ILE A 70 -6.31 -6.81 -5.96
CA ILE A 70 -7.45 -7.41 -6.72
C ILE A 70 -7.62 -8.92 -6.47
N LEU A 71 -6.54 -9.71 -6.40
CA LEU A 71 -6.70 -11.19 -6.27
C LEU A 71 -5.86 -11.81 -5.13
N PRO A 72 -6.34 -12.91 -4.50
CA PRO A 72 -5.63 -13.62 -3.44
C PRO A 72 -4.58 -14.60 -4.01
N SER A 73 -3.86 -15.30 -3.14
CA SER A 73 -2.80 -16.23 -3.53
C SER A 73 -3.27 -17.38 -4.45
N GLU A 74 -2.42 -17.69 -5.44
CA GLU A 74 -2.68 -18.68 -6.52
C GLU A 74 -1.63 -19.81 -6.51
N GLU A 75 -1.57 -20.63 -7.57
CA GLU A 75 -0.65 -21.78 -7.67
C GLU A 75 0.62 -21.50 -8.49
N GLU A 76 0.70 -20.34 -9.14
CA GLU A 76 1.88 -19.83 -9.88
C GLU A 76 2.38 -18.46 -9.36
N GLY A 77 2.00 -18.11 -8.13
CA GLY A 77 2.33 -16.85 -7.44
C GLY A 77 1.82 -16.85 -6.01
N ARG A 78 1.88 -15.71 -5.32
CA ARG A 78 1.33 -15.51 -3.95
C ARG A 78 0.32 -14.36 -4.02
N LEU A 79 0.29 -13.43 -3.04
CA LEU A 79 -0.65 -12.28 -3.04
C LEU A 79 -0.58 -11.63 -4.44
N TYR A 80 -1.70 -11.49 -5.15
CA TYR A 80 -1.67 -11.03 -6.54
C TYR A 80 -1.56 -9.51 -6.77
N PHE A 81 -0.70 -9.16 -7.75
CA PHE A 81 -0.47 -7.80 -8.26
C PHE A 81 -0.17 -7.80 -9.76
N SER A 82 -0.83 -6.96 -10.58
CA SER A 82 -0.69 -6.99 -12.06
C SER A 82 -0.66 -5.70 -12.91
N MET A 83 -0.74 -4.46 -12.37
CA MET A 83 -0.58 -3.20 -13.13
C MET A 83 0.31 -3.20 -14.39
N ASP A 84 0.04 -2.25 -15.28
CA ASP A 84 0.70 -2.12 -16.61
C ASP A 84 2.24 -2.15 -16.63
N ASP A 85 2.91 -1.66 -15.58
CA ASP A 85 4.38 -1.72 -15.41
C ASP A 85 4.84 -2.58 -14.21
N GLY A 86 3.92 -3.21 -13.48
CA GLY A 86 4.19 -4.00 -12.26
C GLY A 86 3.35 -5.27 -12.11
N GLN A 87 3.98 -6.43 -12.34
CA GLN A 87 3.41 -7.77 -12.16
C GLN A 87 3.88 -8.34 -10.81
N THR A 88 3.65 -7.59 -9.73
CA THR A 88 4.16 -7.91 -8.38
C THR A 88 3.50 -8.97 -7.51
N ARG A 89 2.62 -9.78 -8.13
CA ARG A 89 1.90 -11.00 -7.68
C ARG A 89 2.61 -12.07 -6.79
N PHE A 90 3.48 -11.67 -5.89
CA PHE A 90 4.20 -12.48 -4.90
C PHE A 90 4.02 -11.85 -3.51
N THR A 91 4.52 -12.51 -2.44
CA THR A 91 4.32 -12.01 -1.07
C THR A 91 5.11 -10.72 -0.82
N ASP A 92 4.66 -9.90 0.14
CA ASP A 92 5.27 -8.60 0.44
C ASP A 92 6.63 -8.73 1.15
N LEU A 93 6.75 -9.66 2.11
CA LEU A 93 7.95 -9.81 2.94
C LEU A 93 9.21 -10.17 2.14
N LEU A 94 9.10 -11.05 1.14
CA LEU A 94 10.24 -11.46 0.31
C LEU A 94 10.65 -10.39 -0.71
N GLN A 95 9.68 -9.62 -1.24
CA GLN A 95 9.92 -8.51 -2.14
C GLN A 95 10.50 -7.28 -1.41
N LEU A 96 10.10 -7.03 -0.15
CA LEU A 96 10.61 -5.93 0.67
C LEU A 96 12.14 -5.94 0.81
N VAL A 97 12.77 -7.12 0.94
CA VAL A 97 14.23 -7.28 1.04
C VAL A 97 14.95 -6.76 -0.22
N GLU A 98 14.36 -6.97 -1.40
CA GLU A 98 14.85 -6.46 -2.69
C GLU A 98 14.46 -4.99 -2.93
N PHE A 99 13.27 -4.56 -2.48
CA PHE A 99 12.77 -3.20 -2.64
C PHE A 99 13.32 -2.17 -1.64
N HIS A 100 13.94 -2.59 -0.53
CA HIS A 100 14.42 -1.72 0.55
C HIS A 100 15.29 -0.54 0.07
N GLN A 101 16.29 -0.84 -0.78
CA GLN A 101 17.20 0.15 -1.37
C GLN A 101 16.61 0.85 -2.61
N LEU A 102 15.98 0.07 -3.51
CA LEU A 102 15.44 0.51 -4.81
C LEU A 102 14.13 -0.24 -5.12
N ASN A 103 13.02 0.30 -4.65
CA ASN A 103 11.67 -0.20 -4.95
C ASN A 103 11.32 0.07 -6.44
N ARG A 104 10.19 -0.46 -6.92
CA ARG A 104 9.63 -0.24 -8.27
C ARG A 104 8.48 0.79 -8.27
N GLY A 105 8.21 1.39 -7.10
CA GLY A 105 7.15 2.38 -6.82
C GLY A 105 5.80 2.09 -7.49
N ILE A 106 5.15 3.18 -7.94
CA ILE A 106 3.90 3.18 -8.73
C ILE A 106 4.23 3.61 -10.19
N LEU A 107 3.32 3.30 -11.13
CA LEU A 107 3.43 3.49 -12.60
C LEU A 107 4.29 4.68 -13.15
N PRO A 108 4.20 5.93 -12.65
CA PRO A 108 4.89 7.09 -13.24
C PRO A 108 6.42 7.20 -12.97
N CYS A 109 6.94 8.43 -13.07
CA CYS A 109 8.33 8.86 -13.00
C CYS A 109 9.22 8.29 -11.86
N LEU A 110 8.86 8.48 -10.58
CA LEU A 110 9.71 8.06 -9.44
C LEU A 110 9.43 6.60 -9.04
N LEU A 111 10.41 5.96 -8.38
CA LEU A 111 10.32 4.52 -8.02
C LEU A 111 10.66 4.14 -6.57
N ARG A 112 11.29 5.00 -5.75
CA ARG A 112 11.65 4.67 -4.36
C ARG A 112 10.78 5.43 -3.35
N HIS A 113 10.41 4.75 -2.26
CA HIS A 113 9.49 5.23 -1.23
C HIS A 113 10.15 5.91 -0.03
N CYS A 114 9.27 6.52 0.77
CA CYS A 114 9.54 7.31 1.95
C CYS A 114 8.53 6.92 3.07
N CYS A 115 8.25 7.82 4.01
CA CYS A 115 7.29 7.62 5.11
C CYS A 115 6.17 8.69 5.08
N THR A 116 4.91 8.26 4.99
CA THR A 116 3.72 9.15 4.91
C THR A 116 2.96 9.24 6.24
N ARG A 117 2.02 10.19 6.34
CA ARG A 117 1.13 10.37 7.52
C ARG A 117 -0.14 9.51 7.41
N VAL A 118 -0.73 9.20 8.57
CA VAL A 118 -1.90 8.30 8.71
C VAL A 118 -3.12 9.03 9.32
N ALA A 119 -2.90 9.90 10.30
CA ALA A 119 -3.96 10.73 10.90
C ALA A 119 -4.43 11.87 9.96
N LEU A 120 -5.68 12.31 10.13
CA LEU A 120 -6.33 13.38 9.35
C LEU A 120 -7.11 14.34 10.28
N PRO B 1 -15.64 7.01 -7.97
CA PRO B 1 -14.59 7.23 -8.99
C PRO B 1 -14.63 6.23 -10.17
N GLN B 2 -13.99 6.59 -11.29
CA GLN B 2 -13.91 5.74 -12.48
C GLN B 2 -12.92 4.56 -12.33
N PRO B 3 -11.63 4.77 -11.98
CA PRO B 3 -10.72 3.69 -11.59
C PRO B 3 -11.05 3.15 -10.19
N GLU B 4 -10.59 1.94 -9.88
CA GLU B 4 -10.82 1.31 -8.57
C GLU B 4 -9.56 0.62 -8.00
N PTR B 5 -9.13 -0.53 -8.55
CA PTR B 5 -7.89 -1.21 -8.17
C PTR B 5 -6.91 -1.45 -9.37
O PTR B 5 -7.28 -1.78 -10.49
CB PTR B 5 -8.19 -2.41 -7.21
CG PTR B 5 -8.69 -2.27 -5.75
CD1 PTR B 5 -7.86 -1.78 -4.70
CD2 PTR B 5 -9.90 -2.92 -5.37
CE1 PTR B 5 -8.30 -1.83 -3.36
CE2 PTR B 5 -10.26 -3.10 -4.00
CZ PTR B 5 -9.50 -2.48 -2.99
OH PTR B 5 -9.87 -2.71 -1.75
P PTR B 5 -9.96 -1.61 -0.63
O1P PTR B 5 -9.31 -2.21 0.53
O2P PTR B 5 -9.28 -0.42 -1.11
O3P PTR B 5 -11.39 -1.37 -0.47
H PTR B 5 -9.67 -0.95 -9.31
HA PTR B 5 -7.31 -0.51 -7.62
HB2 PTR B 5 -8.90 -3.03 -7.73
HB3 PTR B 5 -7.25 -2.97 -7.13
HD1 PTR B 5 -6.84 -1.43 -4.86
HD2 PTR B 5 -10.53 -3.36 -6.13
HE1 PTR B 5 -7.67 -1.45 -2.59
HE2 PTR B 5 -11.10 -3.70 -3.64
N VAL B 6 -5.61 -1.39 -9.10
CA VAL B 6 -4.39 -1.40 -9.99
C VAL B 6 -3.87 -2.68 -10.49
N ASN B 7 -4.48 -3.80 -10.14
CA ASN B 7 -4.08 -4.95 -10.96
C ASN B 7 -4.69 -4.49 -12.34
N GLN B 8 -5.67 -3.51 -12.36
CA GLN B 8 -6.21 -2.91 -13.55
C GLN B 8 -6.40 -1.39 -13.79
N PRO B 9 -5.97 -0.47 -12.89
CA PRO B 9 -6.88 0.58 -12.34
C PRO B 9 -8.37 0.40 -12.78
N ASP B 10 -8.90 -0.77 -12.43
CA ASP B 10 -10.19 -1.42 -12.71
C ASP B 10 -10.73 -1.28 -14.16
N GLY A 1 -21.37 13.29 38.35
CA GLY A 1 -22.08 13.32 37.04
C GLY A 1 -23.24 12.33 37.00
N SER A 2 -24.25 12.62 36.18
CA SER A 2 -25.47 11.80 36.04
C SER A 2 -25.20 10.44 35.35
N PRO A 3 -25.92 9.35 35.70
CA PRO A 3 -25.64 7.99 35.19
C PRO A 3 -25.91 7.81 33.68
N ALA A 4 -26.67 8.72 33.06
CA ALA A 4 -26.93 8.74 31.62
C ALA A 4 -25.78 9.33 30.77
N SER A 5 -24.67 9.76 31.39
CA SER A 5 -23.51 10.36 30.71
C SER A 5 -22.80 9.39 29.75
N GLY A 6 -22.37 9.89 28.59
CA GLY A 6 -21.59 9.13 27.60
C GLY A 6 -20.12 8.92 27.98
N THR A 7 -19.47 7.97 27.31
CA THR A 7 -18.03 7.64 27.49
C THR A 7 -17.13 8.47 26.57
N SER A 8 -16.00 8.97 27.10
CA SER A 8 -15.07 9.86 26.38
C SER A 8 -13.74 9.20 25.95
N LEU A 9 -13.52 7.93 26.32
CA LEU A 9 -12.31 7.16 25.98
C LEU A 9 -12.40 6.56 24.57
N SER A 10 -11.31 6.65 23.79
CA SER A 10 -11.19 6.04 22.46
C SER A 10 -10.50 4.68 22.50
N ALA A 11 -11.04 3.71 21.74
CA ALA A 11 -10.48 2.37 21.56
C ALA A 11 -9.67 2.22 20.24
N ALA A 12 -9.63 3.26 19.40
CA ALA A 12 -9.00 3.23 18.07
C ALA A 12 -7.49 3.59 18.07
N ILE A 13 -6.91 3.90 19.23
CA ILE A 13 -5.49 4.27 19.39
C ILE A 13 -4.53 3.10 19.12
N HIS A 14 -3.30 3.40 18.70
CA HIS A 14 -2.24 2.42 18.45
C HIS A 14 -1.62 1.86 19.76
N ARG A 15 -1.10 0.63 19.69
CA ARG A 15 -0.41 -0.04 20.82
C ARG A 15 0.93 -0.72 20.51
N THR A 16 1.31 -0.59 19.26
CA THR A 16 2.57 -1.02 18.64
C THR A 16 3.03 0.02 17.61
N GLN A 17 4.12 -0.25 16.89
CA GLN A 17 4.63 0.58 15.79
C GLN A 17 3.86 0.39 14.45
N LEU A 18 2.66 -0.22 14.46
CA LEU A 18 1.91 -0.54 13.24
C LEU A 18 1.61 0.68 12.33
N TRP A 19 1.57 0.43 11.01
CA TRP A 19 1.32 1.45 9.97
C TRP A 19 0.26 1.00 8.95
N PHE A 20 -0.78 0.30 9.44
CA PHE A 20 -1.84 -0.30 8.60
C PHE A 20 -3.26 -0.19 9.21
N HIS A 21 -4.25 -0.13 8.33
CA HIS A 21 -5.71 0.00 8.58
C HIS A 21 -6.47 -0.86 7.57
N GLY A 22 -7.63 -1.48 7.85
CA GLY A 22 -8.33 -2.24 6.82
C GLY A 22 -9.82 -2.04 6.86
N ARG A 23 -10.25 -0.80 7.08
CA ARG A 23 -11.66 -0.38 7.03
C ARG A 23 -11.80 1.03 6.41
N ILE A 24 -10.89 1.32 5.49
CA ILE A 24 -10.83 2.59 4.74
C ILE A 24 -10.70 2.26 3.25
N SER A 25 -11.83 1.94 2.63
CA SER A 25 -11.95 1.54 1.20
C SER A 25 -11.30 2.56 0.27
N ARG A 26 -10.86 2.13 -0.93
CA ARG A 26 -10.11 2.96 -1.90
C ARG A 26 -10.71 4.35 -2.15
N GLU A 27 -12.04 4.43 -2.22
CA GLU A 27 -12.80 5.66 -2.48
C GLU A 27 -12.74 6.66 -1.31
N GLU A 28 -12.70 6.17 -0.06
CA GLU A 28 -12.52 6.98 1.15
C GLU A 28 -11.04 7.32 1.39
N SER A 29 -10.14 6.33 1.23
CA SER A 29 -8.69 6.47 1.45
C SER A 29 -8.06 7.48 0.50
N GLN A 30 -8.51 7.56 -0.75
CA GLN A 30 -7.95 8.54 -1.71
C GLN A 30 -8.26 10.02 -1.36
N ARG A 31 -9.23 10.28 -0.47
CA ARG A 31 -9.53 11.64 0.04
C ARG A 31 -8.53 12.06 1.13
N LEU A 32 -8.10 11.11 1.97
CA LEU A 32 -7.13 11.32 3.06
C LEU A 32 -5.67 11.28 2.58
N ILE A 33 -5.32 10.29 1.74
CA ILE A 33 -3.96 10.13 1.18
C ILE A 33 -3.74 11.08 -0.02
N GLY A 34 -4.77 11.78 -0.49
CA GLY A 34 -4.72 12.62 -1.70
C GLY A 34 -4.50 14.11 -1.47
N GLN A 35 -4.38 14.57 -0.22
CA GLN A 35 -4.03 15.98 0.08
C GLN A 35 -2.50 16.18 0.08
N GLN A 36 -1.73 15.10 -0.10
CA GLN A 36 -0.29 15.09 -0.24
C GLN A 36 0.16 15.49 -1.68
N GLY A 37 1.36 16.06 -1.82
CA GLY A 37 1.92 16.52 -3.11
C GLY A 37 3.41 16.19 -3.33
N LEU A 38 3.93 15.17 -2.64
CA LEU A 38 5.32 14.71 -2.70
C LEU A 38 5.58 13.81 -3.94
N VAL A 39 6.77 13.18 -4.00
CA VAL A 39 7.15 12.17 -5.01
C VAL A 39 6.14 11.03 -5.08
N ASP A 40 6.10 10.33 -6.23
CA ASP A 40 5.16 9.23 -6.51
C ASP A 40 5.04 8.18 -5.40
N GLY A 41 6.11 8.11 -4.61
CA GLY A 41 6.34 7.13 -3.56
C GLY A 41 6.06 7.50 -2.11
N LEU A 42 4.95 8.17 -1.83
CA LEU A 42 4.47 8.46 -0.46
C LEU A 42 3.25 7.57 -0.23
N PHE A 43 3.47 6.27 -0.01
CA PHE A 43 2.41 5.27 0.07
C PHE A 43 1.93 4.86 1.48
N LEU A 44 0.86 4.08 1.56
CA LEU A 44 0.31 3.48 2.79
C LEU A 44 -0.20 2.05 2.50
N VAL A 45 -0.03 1.09 3.42
CA VAL A 45 -0.58 -0.27 3.28
C VAL A 45 -1.87 -0.35 4.09
N ARG A 46 -2.99 -0.09 3.40
CA ARG A 46 -4.36 -0.20 3.92
C ARG A 46 -5.15 -1.14 3.06
N GLU A 47 -6.26 -1.62 3.60
CA GLU A 47 -7.19 -2.43 2.86
C GLU A 47 -8.59 -2.04 3.30
N SER A 48 -9.55 -2.91 3.10
CA SER A 48 -10.89 -2.71 3.56
C SER A 48 -11.46 -4.02 4.08
N GLN A 49 -12.52 -3.83 4.83
CA GLN A 49 -13.38 -4.85 5.37
C GLN A 49 -14.59 -5.00 4.38
N ARG A 50 -14.45 -4.38 3.18
CA ARG A 50 -15.30 -4.38 1.96
C ARG A 50 -14.73 -5.39 0.98
N ASN A 51 -13.59 -5.14 0.28
CA ASN A 51 -12.98 -6.18 -0.56
C ASN A 51 -12.64 -7.42 0.31
N PRO A 52 -13.19 -8.63 0.03
CA PRO A 52 -13.10 -9.78 0.95
C PRO A 52 -11.70 -10.45 0.99
N GLN A 53 -10.86 -10.10 0.01
CA GLN A 53 -9.52 -10.67 -0.23
C GLN A 53 -8.48 -9.55 -0.28
N GLY A 54 -8.63 -8.42 0.45
CA GLY A 54 -7.73 -7.28 0.30
C GLY A 54 -6.55 -7.04 1.24
N PHE A 55 -5.43 -6.78 0.56
CA PHE A 55 -4.08 -6.37 1.01
C PHE A 55 -3.48 -5.37 -0.02
N VAL A 56 -3.91 -4.11 -0.04
CA VAL A 56 -3.55 -3.05 -1.01
C VAL A 56 -2.44 -2.13 -0.51
N LEU A 57 -1.75 -1.56 -1.50
CA LEU A 57 -0.74 -0.53 -1.33
C LEU A 57 -1.39 0.72 -1.95
N SER A 58 -1.37 1.86 -1.28
CA SER A 58 -2.07 3.08 -1.73
C SER A 58 -0.96 4.06 -2.03
N LEU A 59 -0.79 4.41 -3.30
CA LEU A 59 0.34 5.22 -3.76
C LEU A 59 0.00 6.70 -3.89
N CYS A 60 1.01 7.56 -3.76
CA CYS A 60 0.84 9.02 -3.81
C CYS A 60 1.58 9.49 -5.05
N HIS A 61 1.06 9.00 -6.18
CA HIS A 61 1.64 9.15 -7.50
C HIS A 61 1.62 10.62 -7.98
N LEU A 62 1.95 10.82 -9.25
CA LEU A 62 2.12 12.16 -9.87
C LEU A 62 0.99 12.76 -10.65
N GLN A 63 -0.15 12.09 -10.59
CA GLN A 63 -1.35 12.70 -11.13
C GLN A 63 -2.58 12.40 -10.29
N LYS A 64 -2.59 11.26 -9.60
CA LYS A 64 -3.65 10.89 -8.65
C LYS A 64 -3.10 9.98 -7.54
N VAL A 65 -3.97 9.57 -6.61
CA VAL A 65 -3.64 8.59 -5.56
C VAL A 65 -4.54 7.38 -5.79
N LYS A 66 -3.91 6.24 -6.10
CA LYS A 66 -4.56 4.98 -6.49
C LYS A 66 -4.07 3.78 -5.67
N HIS A 67 -4.87 2.71 -5.67
CA HIS A 67 -4.69 1.51 -4.85
C HIS A 67 -4.08 0.33 -5.62
N TYR A 68 -3.59 -0.70 -4.92
CA TYR A 68 -2.85 -1.82 -5.52
C TYR A 68 -3.28 -3.24 -5.06
N LEU A 69 -4.57 -3.58 -5.03
CA LEU A 69 -5.08 -4.91 -4.63
C LEU A 69 -6.28 -5.39 -5.45
N ILE A 70 -6.31 -6.65 -5.88
CA ILE A 70 -7.51 -7.23 -6.53
C ILE A 70 -7.71 -8.69 -6.07
N LEU A 71 -6.65 -9.50 -6.01
CA LEU A 71 -6.77 -10.93 -5.70
C LEU A 71 -5.66 -11.49 -4.77
N PRO A 72 -5.94 -12.60 -4.04
CA PRO A 72 -5.03 -13.20 -3.07
C PRO A 72 -4.00 -14.13 -3.74
N SER A 73 -3.16 -14.80 -2.95
CA SER A 73 -2.14 -15.75 -3.43
C SER A 73 -2.68 -16.86 -4.34
N GLU A 74 -1.92 -17.20 -5.38
CA GLU A 74 -2.32 -18.17 -6.43
C GLU A 74 -1.30 -19.33 -6.55
N GLU A 75 -1.43 -20.17 -7.59
CA GLU A 75 -0.60 -21.36 -7.82
C GLU A 75 0.53 -21.08 -8.85
N GLU A 76 0.44 -19.97 -9.58
CA GLU A 76 1.46 -19.49 -10.56
C GLU A 76 2.40 -18.41 -10.00
N GLY A 77 2.29 -18.09 -8.70
CA GLY A 77 3.05 -17.04 -8.02
C GLY A 77 2.90 -17.06 -6.50
N ARG A 78 3.14 -15.92 -5.85
CA ARG A 78 2.95 -15.70 -4.40
C ARG A 78 1.72 -14.81 -4.20
N LEU A 79 1.74 -13.82 -3.30
CA LEU A 79 0.63 -12.86 -3.14
C LEU A 79 0.46 -12.14 -4.49
N TYR A 80 -0.73 -12.19 -5.10
CA TYR A 80 -0.93 -11.64 -6.44
C TYR A 80 -1.05 -10.12 -6.55
N PHE A 81 -0.29 -9.56 -7.50
CA PHE A 81 -0.30 -8.15 -7.90
C PHE A 81 0.06 -7.91 -9.36
N SER A 82 -0.32 -6.72 -9.82
CA SER A 82 0.03 -6.19 -11.13
C SER A 82 0.22 -4.67 -11.02
N MET A 83 0.14 -4.01 -12.15
CA MET A 83 0.41 -2.61 -12.43
C MET A 83 -0.39 -2.20 -13.69
N ASP A 84 -0.30 -0.95 -14.15
CA ASP A 84 -0.95 -0.58 -15.42
C ASP A 84 -0.23 -1.29 -16.60
N ASP A 85 1.09 -1.55 -16.48
CA ASP A 85 1.89 -2.31 -17.45
C ASP A 85 2.92 -3.27 -16.76
N GLY A 86 2.52 -3.92 -15.66
CA GLY A 86 3.40 -4.78 -14.83
C GLY A 86 2.77 -6.07 -14.27
N GLN A 87 3.57 -6.84 -13.53
CA GLN A 87 3.26 -8.18 -12.97
C GLN A 87 3.85 -8.35 -11.54
N THR A 88 3.41 -7.58 -10.55
CA THR A 88 3.99 -7.54 -9.19
C THR A 88 3.71 -8.60 -8.13
N ARG A 89 2.94 -9.60 -8.53
CA ARG A 89 2.53 -10.88 -7.89
C ARG A 89 3.58 -11.72 -7.09
N PHE A 90 4.34 -11.09 -6.20
CA PHE A 90 5.36 -11.70 -5.33
C PHE A 90 5.19 -11.32 -3.85
N THR A 91 5.77 -12.11 -2.92
CA THR A 91 5.63 -11.96 -1.46
C THR A 91 6.15 -10.61 -0.94
N ASP A 92 5.42 -9.94 -0.03
CA ASP A 92 5.77 -8.61 0.45
C ASP A 92 7.03 -8.56 1.33
N LEU A 93 7.33 -9.64 2.07
CA LEU A 93 8.45 -9.65 3.02
C LEU A 93 9.81 -9.45 2.32
N LEU A 94 10.01 -10.08 1.16
CA LEU A 94 11.25 -9.92 0.37
C LEU A 94 11.33 -8.52 -0.26
N GLN A 95 10.20 -7.98 -0.74
CA GLN A 95 10.10 -6.63 -1.25
C GLN A 95 10.35 -5.56 -0.17
N LEU A 96 10.01 -5.85 1.10
CA LEU A 96 10.28 -4.99 2.25
C LEU A 96 11.76 -5.05 2.67
N VAL A 97 12.34 -6.25 2.76
CA VAL A 97 13.74 -6.43 3.24
C VAL A 97 14.77 -5.99 2.19
N GLU A 98 14.74 -6.59 1.00
CA GLU A 98 15.65 -6.26 -0.11
C GLU A 98 15.24 -5.05 -0.94
N PHE A 99 13.99 -4.98 -1.42
CA PHE A 99 13.57 -3.92 -2.34
C PHE A 99 13.23 -2.55 -1.74
N HIS A 100 13.44 -2.30 -0.44
CA HIS A 100 13.23 -0.93 0.14
C HIS A 100 14.04 0.17 -0.60
N GLN A 101 15.18 -0.22 -1.17
CA GLN A 101 16.11 0.64 -1.93
C GLN A 101 15.66 0.95 -3.37
N LEU A 102 14.85 0.09 -4.00
CA LEU A 102 14.24 0.22 -5.33
C LEU A 102 12.86 -0.48 -5.26
N ASN A 103 11.93 0.16 -4.57
CA ASN A 103 10.60 -0.37 -4.23
C ASN A 103 9.65 -0.67 -5.41
N ARG A 104 8.64 -1.52 -5.13
CA ARG A 104 7.53 -1.90 -6.02
C ARG A 104 6.42 -0.83 -6.02
N GLY A 105 6.80 0.39 -6.42
CA GLY A 105 5.93 1.55 -6.60
C GLY A 105 5.01 1.44 -7.84
N ILE A 106 4.61 2.61 -8.36
CA ILE A 106 3.80 2.77 -9.58
C ILE A 106 4.64 2.64 -10.87
N LEU A 107 4.01 2.77 -12.05
CA LEU A 107 4.69 2.81 -13.38
C LEU A 107 6.00 3.64 -13.30
N PRO A 108 7.13 3.23 -13.94
CA PRO A 108 8.50 3.67 -13.60
C PRO A 108 8.85 5.19 -13.57
N CYS A 109 8.33 5.90 -12.58
CA CYS A 109 8.56 7.29 -12.24
C CYS A 109 9.53 7.33 -11.03
N LEU A 110 9.20 8.05 -9.94
CA LEU A 110 9.99 8.05 -8.70
C LEU A 110 9.59 6.82 -7.86
N LEU A 111 10.05 5.65 -8.32
CA LEU A 111 9.74 4.31 -7.80
C LEU A 111 10.26 3.95 -6.40
N ARG A 112 11.01 4.85 -5.74
CA ARG A 112 11.65 4.63 -4.43
C ARG A 112 10.67 4.91 -3.28
N HIS A 113 9.52 4.24 -3.30
CA HIS A 113 8.40 4.42 -2.37
C HIS A 113 8.74 4.15 -0.90
N CYS A 114 8.16 4.99 -0.06
CA CYS A 114 8.24 5.06 1.39
C CYS A 114 6.84 5.31 1.97
N CYS A 115 6.73 5.58 3.28
CA CYS A 115 5.44 5.71 3.97
C CYS A 115 4.96 7.15 4.18
N THR A 116 3.65 7.37 4.00
CA THR A 116 2.95 8.65 4.26
C THR A 116 2.21 8.63 5.60
N ARG A 117 1.60 9.77 5.98
CA ARG A 117 0.94 10.00 7.28
C ARG A 117 -0.34 9.16 7.46
N VAL A 118 -0.63 8.77 8.69
CA VAL A 118 -1.85 8.03 9.11
C VAL A 118 -2.69 8.82 10.12
N ALA A 119 -4.00 8.56 10.14
CA ALA A 119 -4.93 9.14 11.11
C ALA A 119 -4.85 8.46 12.50
N LEU A 120 -5.20 9.22 13.55
CA LEU A 120 -5.24 8.79 14.96
C LEU A 120 -6.41 9.47 15.71
N PRO B 1 -16.82 4.76 -8.07
CA PRO B 1 -16.18 5.70 -9.00
C PRO B 1 -14.63 5.63 -9.03
N GLN B 2 -14.04 5.98 -10.18
CA GLN B 2 -12.60 5.91 -10.46
C GLN B 2 -11.83 7.14 -9.93
N PRO B 3 -10.49 7.07 -9.74
CA PRO B 3 -9.63 5.89 -9.90
C PRO B 3 -9.70 4.93 -8.70
N GLU B 4 -9.65 3.63 -8.96
CA GLU B 4 -9.70 2.55 -7.95
C GLU B 4 -8.34 1.85 -7.77
N PTR B 5 -8.24 0.63 -8.29
CA PTR B 5 -7.11 -0.28 -8.14
C PTR B 5 -5.94 -0.10 -9.18
O PTR B 5 -5.88 0.90 -9.91
CB PTR B 5 -7.68 -1.63 -7.63
CG PTR B 5 -8.26 -1.60 -6.18
CD1 PTR B 5 -7.36 -1.67 -5.09
CD2 PTR B 5 -9.65 -1.62 -5.88
CE1 PTR B 5 -7.84 -1.90 -3.79
CE2 PTR B 5 -10.12 -1.92 -4.56
CZ PTR B 5 -9.20 -2.08 -3.50
OH PTR B 5 -9.48 -2.54 -2.31
P PTR B 5 -10.49 -1.83 -1.33
O1P PTR B 5 -10.21 -2.46 -0.03
O2P PTR B 5 -10.07 -0.44 -1.35
O3P PTR B 5 -11.83 -2.10 -1.87
H PTR B 5 -9.06 0.24 -8.75
HA PTR B 5 -6.56 -0.04 -7.29
HB2 PTR B 5 -8.45 -1.97 -8.32
HB3 PTR B 5 -6.90 -2.37 -7.65
HD1 PTR B 5 -6.29 -1.61 -5.17
HD2 PTR B 5 -10.39 -1.44 -6.66
HE1 PTR B 5 -7.16 -2.00 -2.98
HE2 PTR B 5 -11.16 -2.08 -4.33
N VAL B 6 -4.98 -1.05 -9.23
CA VAL B 6 -3.78 -1.07 -10.14
C VAL B 6 -3.40 -2.43 -10.63
N ASN B 7 -3.84 -3.57 -10.05
CA ASN B 7 -3.55 -4.79 -10.85
C ASN B 7 -4.32 -4.51 -12.19
N GLN B 8 -5.39 -3.70 -12.03
CA GLN B 8 -6.32 -3.00 -12.87
C GLN B 8 -6.82 -1.84 -12.00
N PRO B 9 -7.35 -0.74 -12.55
CA PRO B 9 -8.34 0.08 -11.83
C PRO B 9 -9.68 -0.68 -11.72
N ASP B 10 -9.58 -1.84 -11.08
CA ASP B 10 -10.49 -2.95 -10.83
C ASP B 10 -11.43 -3.34 -12.00
N GLY A 1 44.38 5.48 12.51
CA GLY A 1 43.46 5.17 11.38
C GLY A 1 42.00 5.10 11.81
N SER A 2 41.13 4.61 10.91
CA SER A 2 39.68 4.48 11.16
C SER A 2 39.34 3.41 12.21
N PRO A 3 38.26 3.58 13.00
CA PRO A 3 37.81 2.60 14.00
C PRO A 3 37.24 1.32 13.36
N ALA A 4 37.28 0.21 14.12
CA ALA A 4 36.70 -1.07 13.73
C ALA A 4 35.16 -1.07 13.84
N SER A 5 34.49 -1.93 13.06
CA SER A 5 33.02 -2.09 13.05
C SER A 5 32.50 -2.73 14.34
N GLY A 6 31.33 -2.27 14.81
CA GLY A 6 30.63 -2.85 15.97
C GLY A 6 29.89 -4.15 15.67
N THR A 7 29.36 -4.81 16.72
CA THR A 7 28.56 -6.04 16.61
C THR A 7 27.09 -5.78 16.25
N SER A 8 26.60 -4.56 16.44
CA SER A 8 25.24 -4.11 16.08
C SER A 8 25.10 -3.74 14.59
N LEU A 9 23.86 -3.77 14.09
CA LEU A 9 23.47 -3.43 12.71
C LEU A 9 22.31 -2.42 12.69
N SER A 10 22.11 -1.75 11.55
CA SER A 10 21.04 -0.75 11.34
C SER A 10 19.64 -1.36 11.52
N ALA A 11 18.78 -0.69 12.29
CA ALA A 11 17.43 -1.15 12.62
C ALA A 11 16.36 -0.73 11.59
N ALA A 12 15.22 -1.42 11.61
CA ALA A 12 14.03 -1.13 10.80
C ALA A 12 12.74 -1.32 11.62
N ILE A 13 11.72 -0.49 11.38
CA ILE A 13 10.47 -0.50 12.17
C ILE A 13 9.50 -1.63 11.79
N HIS A 14 9.61 -2.18 10.58
CA HIS A 14 8.71 -3.19 9.99
C HIS A 14 8.92 -4.62 10.55
N ARG A 15 8.75 -4.76 11.87
CA ARG A 15 8.93 -6.02 12.64
C ARG A 15 7.72 -6.52 13.42
N THR A 16 6.66 -5.74 13.31
CA THR A 16 5.30 -5.96 13.83
C THR A 16 4.26 -5.45 12.81
N GLN A 17 2.98 -5.57 13.13
CA GLN A 17 1.85 -5.05 12.33
C GLN A 17 1.66 -3.52 12.45
N LEU A 18 2.62 -2.74 12.96
CA LEU A 18 2.46 -1.30 13.21
C LEU A 18 2.20 -0.42 11.97
N TRP A 19 2.45 -0.96 10.78
CA TRP A 19 2.28 -0.32 9.47
C TRP A 19 0.99 -0.74 8.75
N PHE A 20 0.11 -1.50 9.42
CA PHE A 20 -1.11 -2.08 8.85
C PHE A 20 -2.42 -1.60 9.48
N HIS A 21 -3.41 -1.34 8.63
CA HIS A 21 -4.81 -0.97 8.90
C HIS A 21 -5.72 -1.67 7.87
N GLY A 22 -7.05 -1.56 7.91
CA GLY A 22 -7.90 -2.10 6.85
C GLY A 22 -8.76 -1.02 6.17
N ARG A 23 -10.08 -1.21 6.00
CA ARG A 23 -10.90 -0.26 5.20
C ARG A 23 -10.76 1.22 5.57
N ILE A 24 -10.36 1.94 4.53
CA ILE A 24 -10.22 3.39 4.36
C ILE A 24 -10.39 3.48 2.85
N SER A 25 -11.68 3.39 2.44
CA SER A 25 -12.18 3.26 1.08
C SER A 25 -11.32 3.93 0.00
N ARG A 26 -10.87 3.12 -0.95
CA ARG A 26 -9.95 3.47 -2.03
C ARG A 26 -10.45 4.61 -2.94
N GLU A 27 -11.78 4.79 -3.02
CA GLU A 27 -12.43 5.88 -3.74
C GLU A 27 -12.47 7.20 -2.94
N GLU A 28 -12.70 7.12 -1.61
CA GLU A 28 -12.81 8.27 -0.70
C GLU A 28 -11.45 8.82 -0.23
N SER A 29 -10.50 7.93 0.07
CA SER A 29 -9.18 8.26 0.63
C SER A 29 -8.38 9.26 -0.20
N GLN A 30 -8.54 9.24 -1.54
CA GLN A 30 -7.92 10.21 -2.45
C GLN A 30 -8.40 11.66 -2.28
N ARG A 31 -9.52 11.89 -1.57
CA ARG A 31 -10.01 13.24 -1.23
C ARG A 31 -9.30 13.83 0.00
N LEU A 32 -8.81 12.97 0.90
CA LEU A 32 -8.19 13.34 2.19
C LEU A 32 -6.65 13.16 2.17
N ILE A 33 -6.16 11.95 1.91
CA ILE A 33 -4.75 11.55 1.85
C ILE A 33 -4.11 11.92 0.49
N GLY A 34 -4.90 12.39 -0.49
CA GLY A 34 -4.43 12.67 -1.84
C GLY A 34 -4.06 14.14 -2.08
N GLN A 35 -4.07 14.98 -1.04
CA GLN A 35 -3.59 16.36 -1.13
C GLN A 35 -2.06 16.42 -0.95
N GLN A 36 -1.44 15.28 -0.59
CA GLN A 36 0.00 15.10 -0.49
C GLN A 36 0.65 15.10 -1.90
N GLY A 37 1.84 15.68 -2.03
CA GLY A 37 2.55 15.86 -3.31
C GLY A 37 3.97 15.29 -3.38
N LEU A 38 4.27 14.25 -2.59
CA LEU A 38 5.60 13.63 -2.51
C LEU A 38 5.87 12.65 -3.68
N VAL A 39 7.07 12.03 -3.71
CA VAL A 39 7.42 10.98 -4.69
C VAL A 39 6.45 9.82 -4.64
N ASP A 40 6.25 9.17 -5.80
CA ASP A 40 5.30 8.07 -6.08
C ASP A 40 5.34 6.84 -5.18
N GLY A 41 6.24 6.89 -4.21
CA GLY A 41 6.52 5.86 -3.22
C GLY A 41 6.17 6.18 -1.77
N LEU A 42 5.36 7.20 -1.47
CA LEU A 42 5.04 7.54 -0.06
C LEU A 42 3.74 6.80 0.25
N PHE A 43 3.91 5.47 0.35
CA PHE A 43 2.84 4.49 0.49
C PHE A 43 2.57 3.97 1.92
N LEU A 44 1.50 3.15 2.02
CA LEU A 44 1.04 2.41 3.21
C LEU A 44 0.56 1.01 2.76
N VAL A 45 0.44 0.05 3.69
CA VAL A 45 -0.12 -1.30 3.43
C VAL A 45 -1.37 -1.50 4.28
N ARG A 46 -2.53 -1.48 3.63
CA ARG A 46 -3.87 -1.60 4.23
C ARG A 46 -4.72 -2.43 3.31
N GLU A 47 -5.85 -2.93 3.78
CA GLU A 47 -6.74 -3.64 2.89
C GLU A 47 -8.18 -3.35 3.15
N SER A 48 -9.05 -4.09 2.48
CA SER A 48 -10.45 -3.86 2.54
C SER A 48 -11.08 -4.82 3.54
N GLN A 49 -12.02 -4.29 4.33
CA GLN A 49 -12.82 -5.12 5.24
C GLN A 49 -14.19 -5.42 4.56
N ARG A 50 -14.35 -5.01 3.27
CA ARG A 50 -15.49 -5.25 2.36
C ARG A 50 -15.15 -6.14 1.14
N ASN A 51 -14.00 -5.96 0.46
CA ASN A 51 -13.62 -6.76 -0.70
C ASN A 51 -13.11 -8.17 -0.29
N PRO A 52 -13.62 -9.30 -0.83
CA PRO A 52 -13.28 -10.65 -0.36
C PRO A 52 -11.84 -11.14 -0.66
N GLN A 53 -11.21 -10.61 -1.71
CA GLN A 53 -9.87 -10.99 -2.21
C GLN A 53 -8.84 -9.88 -1.95
N GLY A 54 -9.08 -9.02 -0.95
CA GLY A 54 -8.25 -7.83 -0.71
C GLY A 54 -7.16 -7.81 0.35
N PHE A 55 -6.03 -7.36 -0.18
CA PHE A 55 -4.72 -7.00 0.38
C PHE A 55 -4.32 -5.80 -0.51
N VAL A 56 -4.04 -4.59 -0.01
CA VAL A 56 -3.76 -3.44 -0.91
C VAL A 56 -2.41 -2.75 -0.59
N LEU A 57 -1.72 -2.40 -1.68
CA LEU A 57 -0.50 -1.60 -1.67
C LEU A 57 -1.09 -0.23 -2.01
N SER A 58 -0.86 0.82 -1.22
CA SER A 58 -1.52 2.12 -1.43
C SER A 58 -0.45 3.18 -1.55
N LEU A 59 -0.28 3.76 -2.73
CA LEU A 59 0.80 4.70 -3.06
C LEU A 59 0.34 6.15 -2.89
N CYS A 60 1.31 7.06 -2.90
CA CYS A 60 1.03 8.51 -2.87
C CYS A 60 1.79 9.00 -4.07
N HIS A 61 1.06 9.11 -5.16
CA HIS A 61 1.63 9.43 -6.44
C HIS A 61 1.66 10.94 -6.69
N LEU A 62 1.82 11.33 -7.95
CA LEU A 62 1.99 12.74 -8.36
C LEU A 62 0.77 13.47 -8.82
N GLN A 63 -0.36 12.84 -8.55
CA GLN A 63 -1.63 13.47 -8.72
C GLN A 63 -2.66 12.99 -7.69
N LYS A 64 -2.62 11.69 -7.31
CA LYS A 64 -3.50 11.16 -6.25
C LYS A 64 -2.90 9.97 -5.48
N VAL A 65 -3.67 9.42 -4.55
CA VAL A 65 -3.35 8.18 -3.81
C VAL A 65 -4.15 7.04 -4.46
N LYS A 66 -3.46 5.96 -4.83
CA LYS A 66 -4.03 4.81 -5.58
C LYS A 66 -3.70 3.48 -4.89
N HIS A 67 -4.62 2.52 -4.98
CA HIS A 67 -4.58 1.24 -4.26
C HIS A 67 -4.49 -0.02 -5.17
N TYR A 68 -4.03 -1.17 -4.64
CA TYR A 68 -3.78 -2.43 -5.39
C TYR A 68 -4.39 -3.72 -4.77
N LEU A 69 -5.66 -4.11 -4.97
CA LEU A 69 -6.28 -5.30 -4.27
C LEU A 69 -7.14 -6.32 -5.02
N ILE A 70 -7.09 -6.44 -6.33
CA ILE A 70 -8.12 -7.26 -7.02
C ILE A 70 -7.75 -8.74 -7.27
N LEU A 71 -6.60 -9.23 -6.79
CA LEU A 71 -6.24 -10.65 -6.89
C LEU A 71 -5.66 -11.20 -5.56
N PRO A 72 -6.03 -12.43 -5.14
CA PRO A 72 -5.48 -13.10 -3.95
C PRO A 72 -4.17 -13.84 -4.28
N SER A 73 -3.57 -14.55 -3.33
CA SER A 73 -2.38 -15.39 -3.57
C SER A 73 -2.66 -16.52 -4.58
N GLU A 74 -1.66 -16.90 -5.38
CA GLU A 74 -1.77 -17.96 -6.41
C GLU A 74 -0.70 -19.06 -6.23
N GLU A 75 -0.65 -20.04 -7.13
CA GLU A 75 0.25 -21.21 -7.04
C GLU A 75 1.54 -21.04 -7.87
N GLU A 76 1.61 -19.98 -8.70
CA GLU A 76 2.81 -19.61 -9.48
C GLU A 76 3.61 -18.46 -8.81
N GLY A 77 3.16 -17.98 -7.65
CA GLY A 77 3.72 -16.82 -6.94
C GLY A 77 3.30 -16.73 -5.47
N ARG A 78 3.34 -15.51 -4.90
CA ARG A 78 2.89 -15.18 -3.54
C ARG A 78 1.61 -14.33 -3.63
N LEU A 79 1.47 -13.24 -2.86
CA LEU A 79 0.35 -12.29 -2.96
C LEU A 79 0.35 -11.76 -4.39
N TYR A 80 -0.71 -12.00 -5.17
CA TYR A 80 -0.72 -11.63 -6.59
C TYR A 80 -1.13 -10.18 -6.84
N PHE A 81 -0.29 -9.46 -7.59
CA PHE A 81 -0.50 -8.08 -7.98
C PHE A 81 -0.05 -7.69 -9.38
N SER A 82 -0.67 -6.61 -9.86
CA SER A 82 -0.38 -5.92 -11.09
C SER A 82 -0.69 -4.42 -10.97
N MET A 83 -0.86 -3.81 -12.12
CA MET A 83 -1.04 -2.44 -12.59
C MET A 83 -1.79 -2.51 -13.94
N ASP A 84 -1.86 -1.39 -14.66
CA ASP A 84 -2.42 -1.42 -16.02
C ASP A 84 -1.47 -2.23 -16.94
N ASP A 85 -0.15 -2.15 -16.70
CA ASP A 85 0.91 -2.92 -17.37
C ASP A 85 2.00 -3.33 -16.36
N GLY A 86 1.64 -4.10 -15.32
CA GLY A 86 2.54 -4.48 -14.20
C GLY A 86 2.51 -5.95 -13.76
N GLN A 87 3.45 -6.29 -12.86
CA GLN A 87 3.72 -7.65 -12.36
C GLN A 87 4.06 -7.70 -10.85
N THR A 88 3.34 -6.97 -9.99
CA THR A 88 3.65 -6.85 -8.54
C THR A 88 3.42 -8.02 -7.59
N ARG A 89 2.92 -9.10 -8.18
CA ARG A 89 2.68 -10.47 -7.69
C ARG A 89 3.75 -11.19 -6.82
N PHE A 90 4.19 -10.57 -5.73
CA PHE A 90 5.11 -11.10 -4.71
C PHE A 90 4.68 -10.62 -3.30
N THR A 91 5.22 -11.21 -2.23
CA THR A 91 4.97 -10.77 -0.84
C THR A 91 5.57 -9.38 -0.62
N ASP A 92 4.81 -8.45 -0.03
CA ASP A 92 5.28 -7.06 0.10
C ASP A 92 6.32 -6.88 1.22
N LEU A 93 6.09 -7.45 2.42
CA LEU A 93 6.97 -7.23 3.58
C LEU A 93 8.43 -7.67 3.34
N LEU A 94 8.63 -8.79 2.64
CA LEU A 94 9.96 -9.30 2.29
C LEU A 94 10.69 -8.38 1.29
N GLN A 95 9.95 -7.65 0.45
CA GLN A 95 10.45 -6.65 -0.48
C GLN A 95 10.56 -5.26 0.16
N LEU A 96 9.85 -4.98 1.25
CA LEU A 96 9.89 -3.69 1.95
C LEU A 96 11.25 -3.47 2.63
N VAL A 97 11.69 -4.38 3.49
CA VAL A 97 12.92 -4.20 4.29
C VAL A 97 14.15 -3.88 3.41
N GLU A 98 14.51 -4.75 2.48
CA GLU A 98 15.60 -4.54 1.52
C GLU A 98 15.21 -3.72 0.27
N PHE A 99 14.30 -4.22 -0.56
CA PHE A 99 13.96 -3.60 -1.85
C PHE A 99 13.21 -2.27 -1.87
N HIS A 100 12.74 -1.67 -0.76
CA HIS A 100 12.12 -0.31 -0.82
C HIS A 100 13.00 0.75 -1.49
N GLN A 101 14.33 0.59 -1.40
CA GLN A 101 15.36 1.45 -2.00
C GLN A 101 15.35 1.44 -3.55
N LEU A 102 14.97 0.31 -4.15
CA LEU A 102 14.95 0.03 -5.59
C LEU A 102 13.84 -1.01 -5.82
N ASN A 103 12.58 -0.55 -5.75
CA ASN A 103 11.37 -1.38 -5.81
C ASN A 103 10.59 -1.26 -7.13
N ARG A 104 9.35 -1.79 -7.12
CA ARG A 104 8.36 -1.70 -8.20
C ARG A 104 7.29 -0.67 -7.81
N GLY A 105 7.63 0.62 -7.92
CA GLY A 105 6.71 1.75 -7.70
C GLY A 105 5.60 1.86 -8.76
N ILE A 106 5.02 3.06 -8.92
CA ILE A 106 3.86 3.33 -9.82
C ILE A 106 4.15 3.04 -11.32
N LEU A 107 3.09 2.83 -12.13
CA LEU A 107 3.14 2.60 -13.60
C LEU A 107 4.33 3.27 -14.35
N PRO A 108 4.52 4.62 -14.45
CA PRO A 108 5.65 5.19 -15.21
C PRO A 108 6.67 6.06 -14.44
N CYS A 109 6.32 6.63 -13.27
CA CYS A 109 7.13 7.56 -12.50
C CYS A 109 8.12 6.88 -11.52
N LEU A 110 8.38 7.48 -10.33
CA LEU A 110 9.37 7.00 -9.35
C LEU A 110 9.12 5.55 -8.88
N LEU A 111 10.22 4.81 -8.70
CA LEU A 111 10.23 3.38 -8.37
C LEU A 111 10.57 2.99 -6.92
N ARG A 112 11.03 3.93 -6.08
CA ARG A 112 11.42 3.67 -4.67
C ARG A 112 10.41 4.22 -3.67
N HIS A 113 10.24 3.55 -2.53
CA HIS A 113 9.21 3.85 -1.50
C HIS A 113 9.80 4.38 -0.19
N CYS A 114 8.97 5.15 0.51
CA CYS A 114 9.24 5.81 1.77
C CYS A 114 8.00 5.77 2.70
N CYS A 115 8.07 6.34 3.91
CA CYS A 115 7.00 6.26 4.92
C CYS A 115 6.12 7.54 4.95
N THR A 116 4.80 7.37 4.78
CA THR A 116 3.79 8.45 4.67
C THR A 116 2.96 8.68 5.95
N ARG A 117 1.99 9.61 5.91
CA ARG A 117 1.05 9.87 7.02
C ARG A 117 0.16 8.64 7.28
N VAL A 118 0.08 8.20 8.53
CA VAL A 118 -0.67 6.98 8.93
C VAL A 118 -2.18 7.21 9.00
N ALA A 119 -2.95 6.13 8.90
CA ALA A 119 -4.43 6.14 8.96
C ALA A 119 -5.02 6.21 10.40
N LEU A 120 -4.15 6.27 11.43
CA LEU A 120 -4.52 6.34 12.85
C LEU A 120 -5.17 7.69 13.23
N PRO B 1 -11.60 6.99 -7.97
CA PRO B 1 -11.86 7.02 -9.43
C PRO B 1 -10.58 7.09 -10.29
N GLN B 2 -10.49 6.21 -11.31
CA GLN B 2 -9.44 6.13 -12.33
C GLN B 2 -7.98 6.45 -11.89
N PRO B 3 -7.16 5.46 -11.48
CA PRO B 3 -7.47 4.03 -11.26
C PRO B 3 -8.19 3.80 -9.91
N GLU B 4 -8.36 2.54 -9.51
CA GLU B 4 -9.11 2.15 -8.30
C GLU B 4 -8.42 1.04 -7.50
N PTR B 5 -8.37 -0.22 -7.99
CA PTR B 5 -7.66 -1.34 -7.34
C PTR B 5 -6.40 -1.95 -8.05
O PTR B 5 -5.92 -3.05 -7.79
CB PTR B 5 -8.58 -2.21 -6.50
CG PTR B 5 -8.96 -1.66 -5.14
CD1 PTR B 5 -7.92 -1.33 -4.23
CD2 PTR B 5 -10.28 -1.77 -4.67
CE1 PTR B 5 -8.25 -1.10 -2.87
CE2 PTR B 5 -10.59 -1.60 -3.29
CZ PTR B 5 -9.57 -1.27 -2.36
OH PTR B 5 -9.71 -1.26 -1.04
P PTR B 5 -11.01 -0.92 -0.23
O1P PTR B 5 -11.26 0.45 -0.62
O2P PTR B 5 -12.08 -1.84 -0.59
O3P PTR B 5 -10.57 -1.03 1.13
H PTR B 5 -8.91 -0.43 -8.82
HA PTR B 5 -7.08 -0.83 -6.63
HB2 PTR B 5 -9.49 -2.43 -7.07
HB3 PTR B 5 -8.08 -3.14 -6.28
HD1 PTR B 5 -6.88 -1.38 -4.55
HD2 PTR B 5 -11.05 -2.09 -5.36
HE1 PTR B 5 -7.44 -0.90 -2.19
HE2 PTR B 5 -11.59 -1.81 -2.92
N VAL B 6 -5.94 -1.13 -8.97
CA VAL B 6 -4.78 -1.03 -9.93
C VAL B 6 -4.43 -2.21 -10.73
N ASN B 7 -4.77 -3.41 -10.28
CA ASN B 7 -4.66 -4.54 -11.22
C ASN B 7 -5.61 -4.03 -12.37
N GLN B 8 -6.62 -3.19 -11.99
CA GLN B 8 -7.53 -2.41 -12.77
C GLN B 8 -7.93 -1.09 -12.10
N PRO B 9 -8.61 -0.18 -12.82
CA PRO B 9 -9.63 0.73 -12.27
C PRO B 9 -10.88 0.00 -11.69
N ASP B 10 -10.60 -1.10 -10.99
CA ASP B 10 -11.45 -2.12 -10.37
C ASP B 10 -12.61 -2.64 -11.25
N GLY A 1 -23.46 -29.34 25.72
CA GLY A 1 -22.82 -28.14 25.15
C GLY A 1 -21.38 -28.40 24.73
N SER A 2 -20.75 -27.41 24.08
CA SER A 2 -19.35 -27.46 23.63
C SER A 2 -18.34 -27.23 24.78
N PRO A 3 -17.05 -27.63 24.61
CA PRO A 3 -16.02 -27.43 25.63
C PRO A 3 -15.75 -25.97 26.00
N ALA A 4 -15.31 -25.73 27.25
CA ALA A 4 -14.93 -24.43 27.76
C ALA A 4 -13.55 -23.94 27.24
N SER A 5 -13.29 -22.64 27.36
CA SER A 5 -12.04 -21.97 26.95
C SER A 5 -11.55 -20.95 28.00
N GLY A 6 -10.24 -20.67 28.00
CA GLY A 6 -9.59 -19.75 28.94
C GLY A 6 -9.84 -18.26 28.66
N THR A 7 -9.73 -17.43 29.70
CA THR A 7 -9.88 -15.96 29.63
C THR A 7 -8.68 -15.31 28.92
N SER A 8 -8.93 -14.23 28.17
CA SER A 8 -7.91 -13.44 27.46
C SER A 8 -8.07 -11.93 27.69
N LEU A 9 -6.95 -11.20 27.64
CA LEU A 9 -6.86 -9.74 27.80
C LEU A 9 -6.33 -9.01 26.54
N SER A 10 -6.24 -9.71 25.41
CA SER A 10 -5.75 -9.17 24.13
C SER A 10 -6.67 -8.07 23.56
N ALA A 11 -6.08 -7.15 22.79
CA ALA A 11 -6.75 -5.97 22.20
C ALA A 11 -6.27 -5.66 20.77
N ALA A 12 -7.02 -4.81 20.06
CA ALA A 12 -6.77 -4.44 18.66
C ALA A 12 -5.67 -3.36 18.46
N ILE A 13 -5.05 -2.87 19.54
CA ILE A 13 -3.97 -1.88 19.51
C ILE A 13 -2.70 -2.43 18.82
N HIS A 14 -1.92 -1.54 18.19
CA HIS A 14 -0.64 -1.87 17.56
C HIS A 14 0.43 -2.35 18.56
N ARG A 15 1.29 -3.28 18.13
CA ARG A 15 2.35 -3.90 18.98
C ARG A 15 3.76 -3.95 18.39
N THR A 16 3.87 -3.37 17.22
CA THR A 16 5.09 -3.16 16.41
C THR A 16 5.00 -1.79 15.70
N GLN A 17 5.97 -1.49 14.84
CA GLN A 17 5.99 -0.28 14.00
C GLN A 17 5.00 -0.32 12.81
N LEU A 18 4.09 -1.30 12.73
CA LEU A 18 3.19 -1.48 11.59
C LEU A 18 2.23 -0.29 11.31
N TRP A 19 1.89 -0.10 10.04
CA TRP A 19 1.09 1.03 9.51
C TRP A 19 -0.27 0.59 8.94
N PHE A 20 -0.72 -0.64 9.23
CA PHE A 20 -1.92 -1.22 8.63
C PHE A 20 -3.28 -0.83 9.24
N HIS A 21 -4.28 -0.70 8.35
CA HIS A 21 -5.71 -0.44 8.56
C HIS A 21 -6.49 -1.29 7.53
N GLY A 22 -7.73 -1.78 7.75
CA GLY A 22 -8.44 -2.50 6.70
C GLY A 22 -9.92 -2.21 6.62
N ARG A 23 -10.33 -0.95 6.81
CA ARG A 23 -11.75 -0.51 6.70
C ARG A 23 -11.87 0.92 6.14
N ILE A 24 -10.93 1.31 5.29
CA ILE A 24 -10.84 2.67 4.72
C ILE A 24 -10.74 2.58 3.18
N SER A 25 -11.89 2.31 2.55
CA SER A 25 -12.05 2.06 1.11
C SER A 25 -11.31 3.07 0.22
N ARG A 26 -10.86 2.67 -0.99
CA ARG A 26 -10.02 3.50 -1.87
C ARG A 26 -10.56 4.91 -2.17
N GLU A 27 -11.88 5.08 -2.22
CA GLU A 27 -12.51 6.40 -2.39
C GLU A 27 -12.35 7.31 -1.15
N GLU A 28 -12.32 6.73 0.05
CA GLU A 28 -12.07 7.42 1.33
C GLU A 28 -10.58 7.63 1.58
N SER A 29 -9.75 6.58 1.46
CA SER A 29 -8.30 6.66 1.72
C SER A 29 -7.57 7.55 0.71
N GLN A 30 -8.04 7.68 -0.55
CA GLN A 30 -7.42 8.62 -1.49
C GLN A 30 -7.60 10.10 -1.11
N ARG A 31 -8.52 10.41 -0.17
CA ARG A 31 -8.71 11.77 0.38
C ARG A 31 -7.66 12.09 1.46
N LEU A 32 -7.25 11.07 2.23
CA LEU A 32 -6.26 11.18 3.32
C LEU A 32 -4.81 11.01 2.82
N ILE A 33 -4.56 10.06 1.93
CA ILE A 33 -3.23 9.79 1.33
C ILE A 33 -2.94 10.79 0.18
N GLY A 34 -3.95 11.56 -0.27
CA GLY A 34 -3.85 12.46 -1.43
C GLY A 34 -3.57 13.92 -1.11
N GLN A 35 -3.47 14.30 0.17
CA GLN A 35 -3.09 15.67 0.57
C GLN A 35 -1.55 15.83 0.68
N GLN A 36 -0.80 14.75 0.41
CA GLN A 36 0.66 14.71 0.34
C GLN A 36 1.16 15.08 -1.08
N GLY A 37 2.43 15.50 -1.18
CA GLY A 37 3.05 15.94 -2.45
C GLY A 37 4.51 15.49 -2.65
N LEU A 38 4.91 14.38 -2.00
CA LEU A 38 6.27 13.82 -2.08
C LEU A 38 6.48 12.97 -3.36
N VAL A 39 7.61 12.25 -3.47
CA VAL A 39 7.88 11.29 -4.56
C VAL A 39 6.75 10.27 -4.66
N ASP A 40 6.57 9.70 -5.86
CA ASP A 40 5.46 8.78 -6.19
C ASP A 40 5.30 7.54 -5.31
N GLY A 41 6.32 7.36 -4.48
CA GLY A 41 6.55 6.24 -3.59
C GLY A 41 6.17 6.43 -2.13
N LEU A 42 5.41 7.47 -1.73
CA LEU A 42 5.08 7.68 -0.30
C LEU A 42 3.75 6.98 -0.08
N PHE A 43 3.84 5.67 0.05
CA PHE A 43 2.72 4.77 0.12
C PHE A 43 2.29 4.30 1.53
N LEU A 44 1.14 3.64 1.58
CA LEU A 44 0.55 2.98 2.75
C LEU A 44 0.05 1.57 2.36
N VAL A 45 0.01 0.65 3.33
CA VAL A 45 -0.56 -0.69 3.19
C VAL A 45 -1.82 -0.76 4.02
N ARG A 46 -2.97 -0.67 3.36
CA ARG A 46 -4.31 -0.71 3.99
C ARG A 46 -5.25 -1.50 3.10
N GLU A 47 -6.38 -1.91 3.64
CA GLU A 47 -7.40 -2.58 2.83
C GLU A 47 -8.82 -2.20 3.25
N SER A 48 -9.71 -3.09 2.85
CA SER A 48 -11.11 -3.18 3.11
C SER A 48 -11.37 -4.52 3.81
N GLN A 49 -12.42 -4.50 4.63
CA GLN A 49 -12.94 -5.71 5.28
C GLN A 49 -14.16 -6.19 4.41
N ARG A 50 -14.36 -5.51 3.25
CA ARG A 50 -15.36 -5.68 2.19
C ARG A 50 -14.85 -6.45 0.97
N ASN A 51 -13.84 -5.99 0.18
CA ASN A 51 -13.35 -6.81 -0.94
C ASN A 51 -12.82 -8.18 -0.45
N PRO A 52 -13.32 -9.32 -0.96
CA PRO A 52 -13.02 -10.66 -0.40
C PRO A 52 -11.56 -11.11 -0.61
N GLN A 53 -10.88 -10.51 -1.58
CA GLN A 53 -9.47 -10.70 -1.94
C GLN A 53 -8.62 -9.45 -1.62
N GLY A 54 -9.05 -8.54 -0.71
CA GLY A 54 -8.31 -7.30 -0.53
C GLY A 54 -7.27 -7.16 0.57
N PHE A 55 -6.12 -6.82 0.04
CA PHE A 55 -4.83 -6.44 0.61
C PHE A 55 -4.32 -5.36 -0.36
N VAL A 56 -4.38 -4.05 -0.05
CA VAL A 56 -4.03 -3.00 -1.03
C VAL A 56 -2.72 -2.25 -0.71
N LEU A 57 -1.96 -2.01 -1.78
CA LEU A 57 -0.77 -1.19 -1.77
C LEU A 57 -1.30 0.15 -2.32
N SER A 58 -1.07 1.28 -1.66
CA SER A 58 -1.67 2.56 -2.05
C SER A 58 -0.57 3.59 -2.20
N LEU A 59 -0.33 4.07 -3.43
CA LEU A 59 0.79 4.96 -3.76
C LEU A 59 0.39 6.44 -3.75
N CYS A 60 1.36 7.32 -3.50
CA CYS A 60 1.09 8.76 -3.40
C CYS A 60 1.82 9.38 -4.58
N HIS A 61 1.21 9.21 -5.76
CA HIS A 61 1.85 9.61 -6.99
C HIS A 61 1.67 11.11 -7.31
N LEU A 62 2.10 11.51 -8.49
CA LEU A 62 2.15 12.93 -8.95
C LEU A 62 1.06 13.47 -9.82
N GLN A 63 -0.07 12.78 -9.70
CA GLN A 63 -1.30 13.27 -10.30
C GLN A 63 -2.52 12.83 -9.52
N LYS A 64 -2.47 11.59 -9.04
CA LYS A 64 -3.48 11.01 -8.16
C LYS A 64 -2.85 9.99 -7.21
N VAL A 65 -3.64 9.44 -6.29
CA VAL A 65 -3.21 8.36 -5.39
C VAL A 65 -4.09 7.13 -5.66
N LYS A 66 -3.47 6.06 -6.20
CA LYS A 66 -4.12 4.82 -6.66
C LYS A 66 -3.79 3.61 -5.78
N HIS A 67 -4.64 2.58 -5.81
CA HIS A 67 -4.58 1.39 -4.95
C HIS A 67 -4.44 0.06 -5.71
N TYR A 68 -3.97 -1.02 -5.05
CA TYR A 68 -3.65 -2.34 -5.66
C TYR A 68 -4.25 -3.59 -4.94
N LEU A 69 -5.49 -4.06 -5.21
CA LEU A 69 -6.11 -5.20 -4.45
C LEU A 69 -6.95 -6.27 -5.15
N ILE A 70 -6.81 -6.53 -6.46
CA ILE A 70 -7.83 -7.38 -7.11
C ILE A 70 -7.57 -8.88 -7.18
N LEU A 71 -6.43 -9.41 -6.71
CA LEU A 71 -6.16 -10.84 -6.82
C LEU A 71 -5.53 -11.43 -5.51
N PRO A 72 -5.99 -12.62 -5.05
CA PRO A 72 -5.48 -13.27 -3.83
C PRO A 72 -4.15 -14.01 -4.06
N SER A 73 -3.50 -14.46 -2.97
CA SER A 73 -2.20 -15.16 -3.00
C SER A 73 -2.21 -16.43 -3.87
N GLU A 74 -1.12 -16.69 -4.60
CA GLU A 74 -1.00 -17.81 -5.56
C GLU A 74 0.30 -18.63 -5.38
N GLU A 75 0.48 -19.67 -6.19
CA GLU A 75 1.71 -20.50 -6.25
C GLU A 75 2.62 -20.07 -7.44
N GLU A 76 2.12 -19.18 -8.31
CA GLU A 76 2.81 -18.53 -9.43
C GLU A 76 3.06 -17.06 -9.01
N GLY A 77 3.54 -16.91 -7.79
CA GLY A 77 3.79 -15.67 -7.06
C GLY A 77 3.57 -15.92 -5.56
N ARG A 78 3.36 -14.86 -4.80
CA ARG A 78 2.99 -14.86 -3.36
C ARG A 78 1.70 -14.04 -3.30
N LEU A 79 1.62 -12.95 -2.51
CA LEU A 79 0.44 -12.06 -2.53
C LEU A 79 0.41 -11.49 -3.96
N TYR A 80 -0.63 -11.78 -4.73
CA TYR A 80 -0.66 -11.39 -6.14
C TYR A 80 -0.91 -9.90 -6.40
N PHE A 81 -0.14 -9.32 -7.32
CA PHE A 81 -0.26 -7.95 -7.78
C PHE A 81 0.08 -7.72 -9.24
N SER A 82 -0.52 -6.66 -9.75
CA SER A 82 -0.35 -6.07 -11.06
C SER A 82 -0.52 -4.55 -10.96
N MET A 83 -0.53 -3.97 -12.14
CA MET A 83 -0.52 -2.63 -12.71
C MET A 83 -1.16 -2.73 -14.11
N ASP A 84 -1.33 -1.61 -14.83
CA ASP A 84 -1.81 -1.66 -16.22
C ASP A 84 -0.76 -2.32 -17.15
N ASP A 85 0.54 -2.27 -16.80
CA ASP A 85 1.63 -2.94 -17.52
C ASP A 85 2.68 -3.59 -16.58
N GLY A 86 2.23 -4.14 -15.43
CA GLY A 86 3.11 -4.74 -14.41
C GLY A 86 2.58 -6.01 -13.74
N GLN A 87 3.45 -6.67 -12.97
CA GLN A 87 3.25 -7.97 -12.31
C GLN A 87 3.87 -8.02 -10.89
N THR A 88 3.44 -7.15 -9.97
CA THR A 88 4.06 -7.01 -8.63
C THR A 88 3.79 -8.03 -7.52
N ARG A 89 3.15 -9.12 -7.92
CA ARG A 89 2.79 -10.41 -7.25
C ARG A 89 3.74 -11.13 -6.26
N PHE A 90 4.56 -10.44 -5.49
CA PHE A 90 5.43 -10.99 -4.43
C PHE A 90 4.99 -10.49 -3.04
N THR A 91 5.53 -11.05 -1.96
CA THR A 91 5.13 -10.75 -0.57
C THR A 91 5.26 -9.26 -0.25
N ASP A 92 4.31 -8.70 0.50
CA ASP A 92 4.24 -7.26 0.79
C ASP A 92 5.28 -6.82 1.83
N LEU A 93 5.40 -7.55 2.95
CA LEU A 93 6.34 -7.17 4.02
C LEU A 93 7.79 -7.27 3.57
N LEU A 94 8.14 -8.30 2.78
CA LEU A 94 9.47 -8.46 2.20
C LEU A 94 9.79 -7.32 1.22
N GLN A 95 8.81 -6.85 0.44
CA GLN A 95 8.97 -5.71 -0.43
C GLN A 95 9.15 -4.40 0.35
N LEU A 96 8.38 -4.19 1.41
CA LEU A 96 8.48 -2.99 2.26
C LEU A 96 9.83 -2.92 2.98
N VAL A 97 10.35 -4.05 3.48
CA VAL A 97 11.67 -4.10 4.12
C VAL A 97 12.80 -4.04 3.09
N GLU A 98 12.98 -5.08 2.28
CA GLU A 98 14.09 -5.21 1.34
C GLU A 98 13.95 -4.52 -0.03
N PHE A 99 12.78 -4.53 -0.69
CA PHE A 99 12.68 -3.96 -2.06
C PHE A 99 12.51 -2.44 -2.12
N HIS A 100 11.93 -1.79 -1.10
CA HIS A 100 11.56 -0.35 -1.10
C HIS A 100 12.56 0.63 -1.74
N GLN A 101 13.87 0.48 -1.52
CA GLN A 101 14.87 1.43 -2.04
C GLN A 101 15.13 1.29 -3.56
N LEU A 102 14.83 0.13 -4.17
CA LEU A 102 14.99 -0.19 -5.60
C LEU A 102 13.86 -1.14 -6.09
N ASN A 103 12.60 -0.73 -5.91
CA ASN A 103 11.41 -1.55 -6.24
C ASN A 103 10.93 -1.31 -7.70
N ARG A 104 9.63 -1.56 -7.96
CA ARG A 104 8.94 -1.31 -9.25
C ARG A 104 8.10 -0.02 -9.26
N GLY A 105 8.00 0.68 -8.12
CA GLY A 105 7.25 1.94 -7.92
C GLY A 105 5.85 2.02 -8.53
N ILE A 106 5.51 3.22 -8.99
CA ILE A 106 4.27 3.55 -9.73
C ILE A 106 4.37 3.15 -11.22
N LEU A 107 3.23 2.97 -11.92
CA LEU A 107 3.15 2.69 -13.36
C LEU A 107 4.23 3.39 -14.25
N PRO A 108 4.44 4.75 -14.22
CA PRO A 108 5.34 5.40 -15.18
C PRO A 108 6.57 6.16 -14.60
N CYS A 109 6.47 6.77 -13.41
CA CYS A 109 7.48 7.62 -12.79
C CYS A 109 8.46 6.89 -11.82
N LEU A 110 8.69 7.41 -10.60
CA LEU A 110 9.68 6.89 -9.64
C LEU A 110 9.46 5.41 -9.28
N LEU A 111 10.58 4.65 -9.21
CA LEU A 111 10.61 3.21 -8.95
C LEU A 111 10.74 2.79 -7.47
N ARG A 112 11.08 3.74 -6.58
CA ARG A 112 11.31 3.49 -5.13
C ARG A 112 10.10 3.88 -4.28
N HIS A 113 10.04 3.37 -3.04
CA HIS A 113 8.99 3.66 -2.06
C HIS A 113 9.54 4.01 -0.68
N CYS A 114 8.74 4.76 0.06
CA CYS A 114 8.91 5.17 1.46
C CYS A 114 7.54 5.15 2.16
N CYS A 115 7.48 5.24 3.49
CA CYS A 115 6.21 5.10 4.22
C CYS A 115 5.56 6.46 4.57
N THR A 116 4.27 6.62 4.25
CA THR A 116 3.47 7.83 4.55
C THR A 116 2.59 7.65 5.81
N ARG A 117 1.87 8.70 6.19
CA ARG A 117 0.98 8.73 7.38
C ARG A 117 -0.18 7.72 7.26
N VAL A 118 -0.65 7.26 8.42
CA VAL A 118 -1.76 6.30 8.56
C VAL A 118 -3.14 6.95 8.41
N ALA A 119 -4.18 6.13 8.21
CA ALA A 119 -5.57 6.61 8.15
C ALA A 119 -6.12 7.04 9.54
N LEU A 120 -7.23 7.79 9.52
CA LEU A 120 -7.92 8.36 10.70
C LEU A 120 -9.34 7.79 10.87
N PRO B 1 -12.97 6.80 -18.00
CA PRO B 1 -12.77 6.00 -16.77
C PRO B 1 -11.54 6.44 -15.94
N GLN B 2 -11.43 5.94 -14.70
CA GLN B 2 -10.36 6.24 -13.75
C GLN B 2 -9.84 4.95 -13.07
N PRO B 3 -8.56 4.88 -12.66
CA PRO B 3 -7.97 3.73 -11.97
C PRO B 3 -8.56 3.54 -10.56
N GLU B 4 -8.58 2.29 -10.07
CA GLU B 4 -9.00 1.99 -8.69
C GLU B 4 -8.20 0.84 -8.04
N PTR B 5 -8.18 -0.39 -8.57
CA PTR B 5 -7.50 -1.54 -7.92
C PTR B 5 -6.21 -2.16 -8.53
O PTR B 5 -5.68 -3.21 -8.15
CB PTR B 5 -8.49 -2.35 -7.07
CG PTR B 5 -8.90 -1.71 -5.75
CD1 PTR B 5 -7.89 -1.28 -4.88
CD2 PTR B 5 -10.23 -1.80 -5.29
CE1 PTR B 5 -8.25 -0.87 -3.58
CE2 PTR B 5 -10.55 -1.57 -3.94
CZ PTR B 5 -9.56 -1.04 -3.08
OH PTR B 5 -9.70 -0.73 -1.80
P PTR B 5 -10.98 -0.98 -0.91
O1P PTR B 5 -11.43 -2.34 -1.14
O2P PTR B 5 -10.35 -0.74 0.38
O3P PTR B 5 -11.92 0.06 -1.32
H PTR B 5 -8.76 -0.59 -9.38
HA PTR B 5 -6.93 -1.06 -7.20
HB2 PTR B 5 -9.38 -2.60 -7.66
HB3 PTR B 5 -7.99 -3.26 -6.76
HD1 PTR B 5 -6.83 -1.35 -5.13
HD2 PTR B 5 -11.00 -2.17 -5.97
HE1 PTR B 5 -7.47 -0.57 -2.90
HE2 PTR B 5 -11.52 -1.84 -3.52
N VAL B 6 -5.71 -1.38 -9.47
CA VAL B 6 -4.50 -1.30 -10.35
C VAL B 6 -4.06 -2.52 -11.06
N ASN B 7 -4.43 -3.71 -10.58
CA ASN B 7 -4.22 -4.86 -11.45
C ASN B 7 -5.11 -4.41 -12.67
N GLN B 8 -6.18 -3.62 -12.36
CA GLN B 8 -7.08 -2.91 -13.21
C GLN B 8 -7.68 -1.64 -12.56
N PRO B 9 -8.43 -0.81 -13.33
CA PRO B 9 -9.62 -0.15 -12.82
C PRO B 9 -10.74 -1.18 -12.47
N ASP B 10 -10.40 -2.10 -11.55
CA ASP B 10 -11.10 -3.29 -11.05
C ASP B 10 -11.61 -4.33 -12.09
#